data_9DNO
# 
_entry.id   9DNO 
# 
_audit_conform.dict_name       mmcif_pdbx.dic 
_audit_conform.dict_version    5.404 
_audit_conform.dict_location   http://mmcif.pdb.org/dictionaries/ascii/mmcif_pdbx.dic 
# 
loop_
_database_2.database_id 
_database_2.database_code 
_database_2.pdbx_database_accession 
_database_2.pdbx_DOI 
PDB   9DNO         pdb_00009dno 10.2210/pdb9dno/pdb 
WWPDB D_1000288312 ?            ?                   
# 
_pdbx_audit_revision_history.ordinal             1 
_pdbx_audit_revision_history.data_content_type   'Structure model' 
_pdbx_audit_revision_history.major_revision      1 
_pdbx_audit_revision_history.minor_revision      0 
_pdbx_audit_revision_history.revision_date       2025-08-13 
_pdbx_audit_revision_history.part_number         ? 
# 
_pdbx_audit_revision_details.ordinal             1 
_pdbx_audit_revision_details.revision_ordinal    1 
_pdbx_audit_revision_details.data_content_type   'Structure model' 
_pdbx_audit_revision_details.provider            repository 
_pdbx_audit_revision_details.type                'Initial release' 
_pdbx_audit_revision_details.description         ? 
_pdbx_audit_revision_details.details             ? 
# 
_pdbx_database_status.status_code                     REL 
_pdbx_database_status.status_code_sf                  REL 
_pdbx_database_status.status_code_mr                  ? 
_pdbx_database_status.entry_id                        9DNO 
_pdbx_database_status.recvd_initial_deposition_date   2024-09-17 
_pdbx_database_status.SG_entry                        N 
_pdbx_database_status.deposit_site                    RCSB 
_pdbx_database_status.process_site                    RCSB 
_pdbx_database_status.status_code_cs                  ? 
_pdbx_database_status.status_code_nmr_data            ? 
_pdbx_database_status.methods_development_category    ? 
_pdbx_database_status.pdb_format_compatible           Y 
# 
loop_
_pdbx_database_related.content_type 
_pdbx_database_related.db_id 
_pdbx_database_related.db_name 
_pdbx_database_related.details 
unspecified 9DNP PDB . 
unspecified 9DNQ PDB . 
unspecified 9DNR PDB . 
# 
_pdbx_contact_author.id                 3 
_pdbx_contact_author.email              yuc020@health.ucsd.edu 
_pdbx_contact_author.name_first         Yuan 
_pdbx_contact_author.name_last          Chen 
_pdbx_contact_author.name_mi            ? 
_pdbx_contact_author.role               'principal investigator/group leader' 
_pdbx_contact_author.identifier_ORCID   0000-0002-1510-182X 
# 
loop_
_audit_author.name 
_audit_author.pdbx_ordinal 
_audit_author.identifier_ORCID 
'Huang, S.'  1 0000-0003-3862-564X 
'Wu, J.'     2 0000-0002-8031-9462 
'Taylor, S.' 3 0000-0002-7702-6108 
'Chen, Y.'   4 0000-0002-1510-182X 
# 
_citation.abstract                  ? 
_citation.abstract_id_CAS           ? 
_citation.book_id_ISBN              ? 
_citation.book_publisher            ? 
_citation.book_publisher_city       ? 
_citation.book_title                ? 
_citation.coordinate_linkage        ? 
_citation.country                   ? 
_citation.database_id_Medline       ? 
_citation.details                   ? 
_citation.id                        primary 
_citation.journal_abbrev            'To Be Published' 
_citation.journal_id_ASTM           ? 
_citation.journal_id_CSD            0353 
_citation.journal_id_ISSN           ? 
_citation.journal_full              ? 
_citation.journal_issue             ? 
_citation.journal_volume            ? 
_citation.language                  ? 
_citation.page_first                ? 
_citation.page_last                 ? 
_citation.title                     'Structural Flexibility and Selectivity of N-End Rule Ligases' 
_citation.year                      ? 
_citation.database_id_CSD           ? 
_citation.pdbx_database_id_DOI      ? 
_citation.pdbx_database_id_PubMed   ? 
_citation.pdbx_database_id_patent   ? 
_citation.unpublished_flag          ? 
# 
loop_
_citation_author.citation_id 
_citation_author.name 
_citation_author.ordinal 
_citation_author.identifier_ORCID 
primary 'Huang, S.T.' 1 0000-0003-3862-564X 
primary 'Wu, J.'      2 0000-0002-8031-9462 
primary 'Taylor, S.'  3 0000-0002-7702-6108 
primary 'Chen, Y.'    4 0000-0002-1510-182X 
# 
loop_
_entity.id 
_entity.type 
_entity.src_method 
_entity.pdbx_description 
_entity.formula_weight 
_entity.pdbx_number_of_molecules 
_entity.pdbx_ec 
_entity.pdbx_mutation 
_entity.pdbx_fragment 
_entity.details 
1 polymer     man 'E3 ubiquitin-protein ligase UBR1' 8449.517 2   ? ? 'UBR-box domain (UNP residues 97-168)' ? 
2 polymer     syn ARG-PHE-PHE-NH2                    467.564  2   ? ? ?                                      ? 
3 non-polymer syn 'ZINC ION'                         65.409   6   ? ? ?                                      ? 
4 water       nat water                              18.015   156 ? ? ?                                      ? 
# 
_entity_name_com.entity_id   1 
_entity_name_com.name        'N-recognin-1,Ubiquitin-protein ligase E3-alpha-1,Ubiquitin-protein ligase E3-alpha-I' 
# 
loop_
_entity_poly.entity_id 
_entity_poly.type 
_entity_poly.nstd_linkage 
_entity_poly.nstd_monomer 
_entity_poly.pdbx_seq_one_letter_code 
_entity_poly.pdbx_seq_one_letter_code_can 
_entity_poly.pdbx_strand_id 
_entity_poly.pdbx_target_identifier 
1 'polypeptide(L)' no no  GPLGSQLCGRVFKSGETTYSCRDCAIDPTCVLCMDCFQDSVHKNHRYKMHTSTGGGFCDCGDTEAWKTGPFCVNHEP 
GPLGSQLCGRVFKSGETTYSCRDCAIDPTCVLCMDCFQDSVHKNHRYKMHTSTGGGFCDCGDTEAWKTGPFCVNHEP A,B ? 
2 'polypeptide(L)' no yes 'RFF(NH2)'                                                                    RFFX D,E ? 
# 
loop_
_pdbx_entity_nonpoly.entity_id 
_pdbx_entity_nonpoly.name 
_pdbx_entity_nonpoly.comp_id 
3 'ZINC ION' ZN  
4 water      HOH 
# 
loop_
_entity_poly_seq.entity_id 
_entity_poly_seq.num 
_entity_poly_seq.mon_id 
_entity_poly_seq.hetero 
1 1  GLY n 
1 2  PRO n 
1 3  LEU n 
1 4  GLY n 
1 5  SER n 
1 6  GLN n 
1 7  LEU n 
1 8  CYS n 
1 9  GLY n 
1 10 ARG n 
1 11 VAL n 
1 12 PHE n 
1 13 LYS n 
1 14 SER n 
1 15 GLY n 
1 16 GLU n 
1 17 THR n 
1 18 THR n 
1 19 TYR n 
1 20 SER n 
1 21 CYS n 
1 22 ARG n 
1 23 ASP n 
1 24 CYS n 
1 25 ALA n 
1 26 ILE n 
1 27 ASP n 
1 28 PRO n 
1 29 THR n 
1 30 CYS n 
1 31 VAL n 
1 32 LEU n 
1 33 CYS n 
1 34 MET n 
1 35 ASP n 
1 36 CYS n 
1 37 PHE n 
1 38 GLN n 
1 39 ASP n 
1 40 SER n 
1 41 VAL n 
1 42 HIS n 
1 43 LYS n 
1 44 ASN n 
1 45 HIS n 
1 46 ARG n 
1 47 TYR n 
1 48 LYS n 
1 49 MET n 
1 50 HIS n 
1 51 THR n 
1 52 SER n 
1 53 THR n 
1 54 GLY n 
1 55 GLY n 
1 56 GLY n 
1 57 PHE n 
1 58 CYS n 
1 59 ASP n 
1 60 CYS n 
1 61 GLY n 
1 62 ASP n 
1 63 THR n 
1 64 GLU n 
1 65 ALA n 
1 66 TRP n 
1 67 LYS n 
1 68 THR n 
1 69 GLY n 
1 70 PRO n 
1 71 PHE n 
1 72 CYS n 
1 73 VAL n 
1 74 ASN n 
1 75 HIS n 
1 76 GLU n 
1 77 PRO n 
2 1  ARG n 
2 2  PHE n 
2 3  PHE n 
2 4  NH2 n 
# 
_entity_src_gen.entity_id                          1 
_entity_src_gen.pdbx_src_id                        1 
_entity_src_gen.pdbx_alt_source_flag               sample 
_entity_src_gen.pdbx_seq_type                      'Biological sequence' 
_entity_src_gen.pdbx_beg_seq_num                   1 
_entity_src_gen.pdbx_end_seq_num                   77 
_entity_src_gen.gene_src_common_name               human 
_entity_src_gen.gene_src_genus                     ? 
_entity_src_gen.pdbx_gene_src_gene                 UBR1 
_entity_src_gen.gene_src_species                   ? 
_entity_src_gen.gene_src_strain                    ? 
_entity_src_gen.gene_src_tissue                    ? 
_entity_src_gen.gene_src_tissue_fraction           ? 
_entity_src_gen.gene_src_details                   ? 
_entity_src_gen.pdbx_gene_src_fragment             ? 
_entity_src_gen.pdbx_gene_src_scientific_name      'Homo sapiens' 
_entity_src_gen.pdbx_gene_src_ncbi_taxonomy_id     9606 
_entity_src_gen.pdbx_gene_src_variant              ? 
_entity_src_gen.pdbx_gene_src_cell_line            ? 
_entity_src_gen.pdbx_gene_src_atcc                 ? 
_entity_src_gen.pdbx_gene_src_organ                ? 
_entity_src_gen.pdbx_gene_src_organelle            ? 
_entity_src_gen.pdbx_gene_src_cell                 ? 
_entity_src_gen.pdbx_gene_src_cellular_location    ? 
_entity_src_gen.host_org_common_name               ? 
_entity_src_gen.pdbx_host_org_scientific_name      'Escherichia coli BL21(DE3)' 
_entity_src_gen.pdbx_host_org_ncbi_taxonomy_id     469008 
_entity_src_gen.host_org_genus                     ? 
_entity_src_gen.pdbx_host_org_gene                 ? 
_entity_src_gen.pdbx_host_org_organ                ? 
_entity_src_gen.host_org_species                   ? 
_entity_src_gen.pdbx_host_org_tissue               ? 
_entity_src_gen.pdbx_host_org_tissue_fraction      ? 
_entity_src_gen.pdbx_host_org_strain               ? 
_entity_src_gen.pdbx_host_org_variant              ? 
_entity_src_gen.pdbx_host_org_cell_line            ? 
_entity_src_gen.pdbx_host_org_atcc                 ? 
_entity_src_gen.pdbx_host_org_culture_collection   ? 
_entity_src_gen.pdbx_host_org_cell                 ? 
_entity_src_gen.pdbx_host_org_organelle            ? 
_entity_src_gen.pdbx_host_org_cellular_location    ? 
_entity_src_gen.pdbx_host_org_vector_type          plasmid 
_entity_src_gen.pdbx_host_org_vector               ? 
_entity_src_gen.host_org_details                   'Amp resistance, N-terminal GST tag' 
_entity_src_gen.expression_system_id               ? 
_entity_src_gen.plasmid_name                       pGEX-6p-1-hUBR1-UBRbox 
_entity_src_gen.plasmid_details                    ? 
_entity_src_gen.pdbx_description                   ? 
# 
_pdbx_entity_src_syn.entity_id              2 
_pdbx_entity_src_syn.pdbx_src_id            1 
_pdbx_entity_src_syn.pdbx_alt_source_flag   sample 
_pdbx_entity_src_syn.pdbx_beg_seq_num       1 
_pdbx_entity_src_syn.pdbx_end_seq_num       4 
_pdbx_entity_src_syn.organism_scientific    'synthetic construct' 
_pdbx_entity_src_syn.organism_common_name   ? 
_pdbx_entity_src_syn.ncbi_taxonomy_id       32630 
_pdbx_entity_src_syn.details                ? 
# 
loop_
_chem_comp.id 
_chem_comp.type 
_chem_comp.mon_nstd_flag 
_chem_comp.name 
_chem_comp.pdbx_synonyms 
_chem_comp.formula 
_chem_comp.formula_weight 
ALA 'L-peptide linking' y ALANINE         ? 'C3 H7 N O2'     89.093  
ARG 'L-peptide linking' y ARGININE        ? 'C6 H15 N4 O2 1' 175.209 
ASN 'L-peptide linking' y ASPARAGINE      ? 'C4 H8 N2 O3'    132.118 
ASP 'L-peptide linking' y 'ASPARTIC ACID' ? 'C4 H7 N O4'     133.103 
CYS 'L-peptide linking' y CYSTEINE        ? 'C3 H7 N O2 S'   121.158 
GLN 'L-peptide linking' y GLUTAMINE       ? 'C5 H10 N2 O3'   146.144 
GLU 'L-peptide linking' y 'GLUTAMIC ACID' ? 'C5 H9 N O4'     147.129 
GLY 'peptide linking'   y GLYCINE         ? 'C2 H5 N O2'     75.067  
HIS 'L-peptide linking' y HISTIDINE       ? 'C6 H10 N3 O2 1' 156.162 
HOH non-polymer         . WATER           ? 'H2 O'           18.015  
ILE 'L-peptide linking' y ISOLEUCINE      ? 'C6 H13 N O2'    131.173 
LEU 'L-peptide linking' y LEUCINE         ? 'C6 H13 N O2'    131.173 
LYS 'L-peptide linking' y LYSINE          ? 'C6 H15 N2 O2 1' 147.195 
MET 'L-peptide linking' y METHIONINE      ? 'C5 H11 N O2 S'  149.211 
NH2 non-polymer         . 'AMINO GROUP'   ? 'H2 N'           16.023  
PHE 'L-peptide linking' y PHENYLALANINE   ? 'C9 H11 N O2'    165.189 
PRO 'L-peptide linking' y PROLINE         ? 'C5 H9 N O2'     115.130 
SER 'L-peptide linking' y SERINE          ? 'C3 H7 N O3'     105.093 
THR 'L-peptide linking' y THREONINE       ? 'C4 H9 N O3'     119.119 
TRP 'L-peptide linking' y TRYPTOPHAN      ? 'C11 H12 N2 O2'  204.225 
TYR 'L-peptide linking' y TYROSINE        ? 'C9 H11 N O3'    181.189 
VAL 'L-peptide linking' y VALINE          ? 'C5 H11 N O2'    117.146 
ZN  non-polymer         . 'ZINC ION'      ? 'Zn 2'           65.409  
# 
loop_
_pdbx_poly_seq_scheme.asym_id 
_pdbx_poly_seq_scheme.entity_id 
_pdbx_poly_seq_scheme.seq_id 
_pdbx_poly_seq_scheme.mon_id 
_pdbx_poly_seq_scheme.ndb_seq_num 
_pdbx_poly_seq_scheme.pdb_seq_num 
_pdbx_poly_seq_scheme.auth_seq_num 
_pdbx_poly_seq_scheme.pdb_mon_id 
_pdbx_poly_seq_scheme.auth_mon_id 
_pdbx_poly_seq_scheme.pdb_strand_id 
_pdbx_poly_seq_scheme.pdb_ins_code 
_pdbx_poly_seq_scheme.hetero 
A 1 1  GLY 1  92  92  GLY GLY A . n 
A 1 2  PRO 2  93  93  PRO PRO A . n 
A 1 3  LEU 3  94  94  LEU LEU A . n 
A 1 4  GLY 4  95  95  GLY GLY A . n 
A 1 5  SER 5  96  96  SER SER A . n 
A 1 6  GLN 6  97  97  GLN GLN A . n 
A 1 7  LEU 7  98  98  LEU LEU A . n 
A 1 8  CYS 8  99  99  CYS CYS A . n 
A 1 9  GLY 9  100 100 GLY GLY A . n 
A 1 10 ARG 10 101 101 ARG ARG A . n 
A 1 11 VAL 11 102 102 VAL VAL A . n 
A 1 12 PHE 12 103 103 PHE PHE A . n 
A 1 13 LYS 13 104 104 LYS LYS A . n 
A 1 14 SER 14 105 105 SER SER A . n 
A 1 15 GLY 15 106 106 GLY GLY A . n 
A 1 16 GLU 16 107 107 GLU GLU A . n 
A 1 17 THR 17 108 108 THR THR A . n 
A 1 18 THR 18 109 109 THR THR A . n 
A 1 19 TYR 19 110 110 TYR TYR A . n 
A 1 20 SER 20 111 111 SER SER A . n 
A 1 21 CYS 21 112 112 CYS CYS A . n 
A 1 22 ARG 22 113 113 ARG ARG A . n 
A 1 23 ASP 23 114 114 ASP ASP A . n 
A 1 24 CYS 24 115 115 CYS CYS A . n 
A 1 25 ALA 25 116 116 ALA ALA A . n 
A 1 26 ILE 26 117 117 ILE ILE A . n 
A 1 27 ASP 27 118 118 ASP ASP A . n 
A 1 28 PRO 28 119 119 PRO PRO A . n 
A 1 29 THR 29 120 120 THR THR A . n 
A 1 30 CYS 30 121 121 CYS CYS A . n 
A 1 31 VAL 31 122 122 VAL VAL A . n 
A 1 32 LEU 32 123 123 LEU LEU A . n 
A 1 33 CYS 33 124 124 CYS CYS A . n 
A 1 34 MET 34 125 125 MET MET A . n 
A 1 35 ASP 35 126 126 ASP ASP A . n 
A 1 36 CYS 36 127 127 CYS CYS A . n 
A 1 37 PHE 37 128 128 PHE PHE A . n 
A 1 38 GLN 38 129 129 GLN GLN A . n 
A 1 39 ASP 39 130 130 ASP ASP A . n 
A 1 40 SER 40 131 131 SER SER A . n 
A 1 41 VAL 41 132 132 VAL VAL A . n 
A 1 42 HIS 42 133 133 HIS HIS A . n 
A 1 43 LYS 43 134 134 LYS LYS A . n 
A 1 44 ASN 44 135 135 ASN ASN A . n 
A 1 45 HIS 45 136 136 HIS HIS A . n 
A 1 46 ARG 46 137 137 ARG ARG A . n 
A 1 47 TYR 47 138 138 TYR TYR A . n 
A 1 48 LYS 48 139 139 LYS LYS A . n 
A 1 49 MET 49 140 140 MET MET A . n 
A 1 50 HIS 50 141 141 HIS HIS A . n 
A 1 51 THR 51 142 142 THR THR A . n 
A 1 52 SER 52 143 143 SER SER A . n 
A 1 53 THR 53 144 144 THR THR A . n 
A 1 54 GLY 54 145 145 GLY GLY A . n 
A 1 55 GLY 55 146 146 GLY GLY A . n 
A 1 56 GLY 56 147 147 GLY GLY A . n 
A 1 57 PHE 57 148 148 PHE PHE A . n 
A 1 58 CYS 58 149 149 CYS CYS A . n 
A 1 59 ASP 59 150 150 ASP ASP A . n 
A 1 60 CYS 60 151 151 CYS CYS A . n 
A 1 61 GLY 61 152 152 GLY GLY A . n 
A 1 62 ASP 62 153 153 ASP ASP A . n 
A 1 63 THR 63 154 154 THR THR A . n 
A 1 64 GLU 64 155 155 GLU GLU A . n 
A 1 65 ALA 65 156 156 ALA ALA A . n 
A 1 66 TRP 66 157 157 TRP TRP A . n 
A 1 67 LYS 67 158 158 LYS LYS A . n 
A 1 68 THR 68 159 159 THR THR A . n 
A 1 69 GLY 69 160 160 GLY GLY A . n 
A 1 70 PRO 70 161 161 PRO PRO A . n 
A 1 71 PHE 71 162 162 PHE PHE A . n 
A 1 72 CYS 72 163 163 CYS CYS A . n 
A 1 73 VAL 73 164 164 VAL VAL A . n 
A 1 74 ASN 74 165 165 ASN ASN A . n 
A 1 75 HIS 75 166 166 HIS HIS A . n 
A 1 76 GLU 76 167 167 GLU GLU A . n 
A 1 77 PRO 77 168 168 PRO PRO A . n 
B 1 1  GLY 1  92  ?   ?   ?   B . n 
B 1 2  PRO 2  93  ?   ?   ?   B . n 
B 1 3  LEU 3  94  ?   ?   ?   B . n 
B 1 4  GLY 4  95  ?   ?   ?   B . n 
B 1 5  SER 5  96  ?   ?   ?   B . n 
B 1 6  GLN 6  97  ?   ?   ?   B . n 
B 1 7  LEU 7  98  98  LEU LEU B . n 
B 1 8  CYS 8  99  99  CYS CYS B . n 
B 1 9  GLY 9  100 100 GLY GLY B . n 
B 1 10 ARG 10 101 101 ARG ARG B . n 
B 1 11 VAL 11 102 102 VAL VAL B . n 
B 1 12 PHE 12 103 103 PHE PHE B . n 
B 1 13 LYS 13 104 104 LYS LYS B . n 
B 1 14 SER 14 105 105 SER SER B . n 
B 1 15 GLY 15 106 106 GLY GLY B . n 
B 1 16 GLU 16 107 107 GLU GLU B . n 
B 1 17 THR 17 108 108 THR THR B . n 
B 1 18 THR 18 109 109 THR THR B . n 
B 1 19 TYR 19 110 110 TYR TYR B . n 
B 1 20 SER 20 111 111 SER SER B . n 
B 1 21 CYS 21 112 112 CYS CYS B . n 
B 1 22 ARG 22 113 113 ARG ARG B . n 
B 1 23 ASP 23 114 114 ASP ASP B . n 
B 1 24 CYS 24 115 115 CYS CYS B . n 
B 1 25 ALA 25 116 116 ALA ALA B . n 
B 1 26 ILE 26 117 117 ILE ILE B . n 
B 1 27 ASP 27 118 118 ASP ASP B . n 
B 1 28 PRO 28 119 119 PRO PRO B . n 
B 1 29 THR 29 120 120 THR THR B . n 
B 1 30 CYS 30 121 121 CYS CYS B . n 
B 1 31 VAL 31 122 122 VAL VAL B . n 
B 1 32 LEU 32 123 123 LEU LEU B . n 
B 1 33 CYS 33 124 124 CYS CYS B . n 
B 1 34 MET 34 125 125 MET MET B . n 
B 1 35 ASP 35 126 126 ASP ASP B . n 
B 1 36 CYS 36 127 127 CYS CYS B . n 
B 1 37 PHE 37 128 128 PHE PHE B . n 
B 1 38 GLN 38 129 129 GLN GLN B . n 
B 1 39 ASP 39 130 130 ASP ASP B . n 
B 1 40 SER 40 131 131 SER SER B . n 
B 1 41 VAL 41 132 132 VAL VAL B . n 
B 1 42 HIS 42 133 133 HIS HIS B . n 
B 1 43 LYS 43 134 134 LYS LYS B . n 
B 1 44 ASN 44 135 135 ASN ASN B . n 
B 1 45 HIS 45 136 136 HIS HIS B . n 
B 1 46 ARG 46 137 137 ARG ARG B . n 
B 1 47 TYR 47 138 138 TYR TYR B . n 
B 1 48 LYS 48 139 139 LYS LYS B . n 
B 1 49 MET 49 140 140 MET MET B . n 
B 1 50 HIS 50 141 141 HIS HIS B . n 
B 1 51 THR 51 142 142 THR THR B . n 
B 1 52 SER 52 143 143 SER SER B . n 
B 1 53 THR 53 144 144 THR THR B . n 
B 1 54 GLY 54 145 145 GLY GLY B . n 
B 1 55 GLY 55 146 146 GLY GLY B . n 
B 1 56 GLY 56 147 147 GLY GLY B . n 
B 1 57 PHE 57 148 148 PHE PHE B . n 
B 1 58 CYS 58 149 149 CYS CYS B . n 
B 1 59 ASP 59 150 150 ASP ASP B . n 
B 1 60 CYS 60 151 151 CYS CYS B . n 
B 1 61 GLY 61 152 152 GLY GLY B . n 
B 1 62 ASP 62 153 153 ASP ASP B . n 
B 1 63 THR 63 154 154 THR THR B . n 
B 1 64 GLU 64 155 155 GLU GLU B . n 
B 1 65 ALA 65 156 156 ALA ALA B . n 
B 1 66 TRP 66 157 157 TRP TRP B . n 
B 1 67 LYS 67 158 158 LYS LYS B . n 
B 1 68 THR 68 159 159 THR THR B . n 
B 1 69 GLY 69 160 160 GLY GLY B . n 
B 1 70 PRO 70 161 161 PRO PRO B . n 
B 1 71 PHE 71 162 162 PHE PHE B . n 
B 1 72 CYS 72 163 163 CYS CYS B . n 
B 1 73 VAL 73 164 164 VAL VAL B . n 
B 1 74 ASN 74 165 165 ASN ASN B . n 
B 1 75 HIS 75 166 166 HIS HIS B . n 
B 1 76 GLU 76 167 167 GLU GLU B . n 
B 1 77 PRO 77 168 168 PRO PRO B . n 
C 2 1  ARG 1  1   1   ARG ARG D . n 
C 2 2  PHE 2  2   2   PHE PHE D . n 
C 2 3  PHE 3  3   3   PHE PHE D . n 
C 2 4  NH2 4  4   4   NH2 PHE D . n 
D 2 1  ARG 1  1   1   ARG ARG E . n 
D 2 2  PHE 2  2   2   PHE PHE E . n 
D 2 3  PHE 3  3   3   PHE PHE E . n 
D 2 4  NH2 4  4   4   NH2 PHE E . n 
# 
_pdbx_entity_instance_feature.ordinal        1 
_pdbx_entity_instance_feature.comp_id        ZN 
_pdbx_entity_instance_feature.asym_id        ? 
_pdbx_entity_instance_feature.seq_num        ? 
_pdbx_entity_instance_feature.auth_comp_id   ZN 
_pdbx_entity_instance_feature.auth_asym_id   ? 
_pdbx_entity_instance_feature.auth_seq_num   ? 
_pdbx_entity_instance_feature.feature_type   'SUBJECT OF INVESTIGATION' 
_pdbx_entity_instance_feature.details        ? 
# 
loop_
_pdbx_nonpoly_scheme.asym_id 
_pdbx_nonpoly_scheme.entity_id 
_pdbx_nonpoly_scheme.mon_id 
_pdbx_nonpoly_scheme.ndb_seq_num 
_pdbx_nonpoly_scheme.pdb_seq_num 
_pdbx_nonpoly_scheme.auth_seq_num 
_pdbx_nonpoly_scheme.pdb_mon_id 
_pdbx_nonpoly_scheme.auth_mon_id 
_pdbx_nonpoly_scheme.pdb_strand_id 
_pdbx_nonpoly_scheme.pdb_ins_code 
E 3 ZN  1  201 1   ZN  ZN  A . 
F 3 ZN  1  202 2   ZN  ZN  A . 
G 3 ZN  1  203 3   ZN  ZN  A . 
H 3 ZN  1  201 1   ZN  ZN  B . 
I 3 ZN  1  202 2   ZN  ZN  B . 
J 3 ZN  1  203 3   ZN  ZN  B . 
K 4 HOH 1  301 37  HOH HOH A . 
K 4 HOH 2  302 117 HOH HOH A . 
K 4 HOH 3  303 55  HOH HOH A . 
K 4 HOH 4  304 137 HOH HOH A . 
K 4 HOH 5  305 100 HOH HOH A . 
K 4 HOH 6  306 53  HOH HOH A . 
K 4 HOH 7  307 33  HOH HOH A . 
K 4 HOH 8  308 149 HOH HOH A . 
K 4 HOH 9  309 136 HOH HOH A . 
K 4 HOH 10 310 162 HOH HOH A . 
K 4 HOH 11 311 85  HOH HOH A . 
K 4 HOH 12 312 2   HOH HOH A . 
K 4 HOH 13 313 43  HOH HOH A . 
K 4 HOH 14 314 138 HOH HOH A . 
K 4 HOH 15 315 152 HOH HOH A . 
K 4 HOH 16 316 1   HOH HOH A . 
K 4 HOH 17 317 135 HOH HOH A . 
K 4 HOH 18 318 142 HOH HOH A . 
K 4 HOH 19 319 61  HOH HOH A . 
K 4 HOH 20 320 128 HOH HOH A . 
K 4 HOH 21 321 154 HOH HOH A . 
K 4 HOH 22 322 86  HOH HOH A . 
K 4 HOH 23 323 45  HOH HOH A . 
K 4 HOH 24 324 150 HOH HOH A . 
K 4 HOH 25 325 46  HOH HOH A . 
K 4 HOH 26 326 31  HOH HOH A . 
K 4 HOH 27 327 3   HOH HOH A . 
K 4 HOH 28 328 15  HOH HOH A . 
K 4 HOH 29 329 19  HOH HOH A . 
K 4 HOH 30 330 103 HOH HOH A . 
K 4 HOH 31 331 36  HOH HOH A . 
K 4 HOH 32 332 60  HOH HOH A . 
K 4 HOH 33 333 35  HOH HOH A . 
K 4 HOH 34 334 7   HOH HOH A . 
K 4 HOH 35 335 22  HOH HOH A . 
K 4 HOH 36 336 105 HOH HOH A . 
K 4 HOH 37 337 143 HOH HOH A . 
K 4 HOH 38 338 12  HOH HOH A . 
K 4 HOH 39 339 14  HOH HOH A . 
K 4 HOH 40 340 121 HOH HOH A . 
K 4 HOH 41 341 148 HOH HOH A . 
K 4 HOH 42 342 13  HOH HOH A . 
K 4 HOH 43 343 49  HOH HOH A . 
K 4 HOH 44 344 10  HOH HOH A . 
K 4 HOH 45 345 6   HOH HOH A . 
K 4 HOH 46 346 163 HOH HOH A . 
K 4 HOH 47 347 23  HOH HOH A . 
K 4 HOH 48 348 5   HOH HOH A . 
K 4 HOH 49 349 26  HOH HOH A . 
K 4 HOH 50 350 4   HOH HOH A . 
K 4 HOH 51 351 101 HOH HOH A . 
K 4 HOH 52 352 65  HOH HOH A . 
K 4 HOH 53 353 151 HOH HOH A . 
K 4 HOH 54 354 118 HOH HOH A . 
K 4 HOH 55 355 30  HOH HOH A . 
K 4 HOH 56 356 84  HOH HOH A . 
K 4 HOH 57 357 38  HOH HOH A . 
K 4 HOH 58 358 21  HOH HOH A . 
K 4 HOH 59 359 70  HOH HOH A . 
K 4 HOH 60 360 125 HOH HOH A . 
K 4 HOH 61 361 129 HOH HOH A . 
K 4 HOH 62 362 122 HOH HOH A . 
K 4 HOH 63 363 160 HOH HOH A . 
K 4 HOH 64 364 72  HOH HOH A . 
K 4 HOH 65 365 39  HOH HOH A . 
K 4 HOH 66 366 156 HOH HOH A . 
K 4 HOH 67 367 47  HOH HOH A . 
K 4 HOH 68 368 99  HOH HOH A . 
K 4 HOH 69 369 113 HOH HOH A . 
K 4 HOH 70 370 51  HOH HOH A . 
K 4 HOH 71 371 68  HOH HOH A . 
K 4 HOH 72 372 28  HOH HOH A . 
K 4 HOH 73 373 139 HOH HOH A . 
K 4 HOH 74 374 93  HOH HOH A . 
K 4 HOH 75 375 104 HOH HOH A . 
K 4 HOH 76 376 81  HOH HOH A . 
K 4 HOH 77 377 87  HOH HOH A . 
K 4 HOH 78 378 27  HOH HOH A . 
K 4 HOH 79 379 48  HOH HOH A . 
K 4 HOH 80 380 88  HOH HOH A . 
K 4 HOH 81 381 164 HOH HOH A . 
K 4 HOH 82 382 102 HOH HOH A . 
K 4 HOH 83 383 64  HOH HOH A . 
K 4 HOH 84 384 67  HOH HOH A . 
L 4 HOH 1  301 153 HOH HOH B . 
L 4 HOH 2  302 145 HOH HOH B . 
L 4 HOH 3  303 80  HOH HOH B . 
L 4 HOH 4  304 73  HOH HOH B . 
L 4 HOH 5  305 52  HOH HOH B . 
L 4 HOH 6  306 56  HOH HOH B . 
L 4 HOH 7  307 57  HOH HOH B . 
L 4 HOH 8  308 108 HOH HOH B . 
L 4 HOH 9  309 106 HOH HOH B . 
L 4 HOH 10 310 8   HOH HOH B . 
L 4 HOH 11 311 165 HOH HOH B . 
L 4 HOH 12 312 109 HOH HOH B . 
L 4 HOH 13 313 94  HOH HOH B . 
L 4 HOH 14 314 16  HOH HOH B . 
L 4 HOH 15 315 24  HOH HOH B . 
L 4 HOH 16 316 95  HOH HOH B . 
L 4 HOH 17 317 158 HOH HOH B . 
L 4 HOH 18 318 77  HOH HOH B . 
L 4 HOH 19 319 32  HOH HOH B . 
L 4 HOH 20 320 18  HOH HOH B . 
L 4 HOH 21 321 17  HOH HOH B . 
L 4 HOH 22 322 42  HOH HOH B . 
L 4 HOH 23 323 126 HOH HOH B . 
L 4 HOH 24 324 54  HOH HOH B . 
L 4 HOH 25 325 91  HOH HOH B . 
L 4 HOH 26 326 11  HOH HOH B . 
L 4 HOH 27 327 82  HOH HOH B . 
L 4 HOH 28 328 159 HOH HOH B . 
L 4 HOH 29 329 58  HOH HOH B . 
L 4 HOH 30 330 41  HOH HOH B . 
L 4 HOH 31 331 40  HOH HOH B . 
L 4 HOH 32 332 25  HOH HOH B . 
L 4 HOH 33 333 119 HOH HOH B . 
L 4 HOH 34 334 20  HOH HOH B . 
L 4 HOH 35 335 50  HOH HOH B . 
L 4 HOH 36 336 107 HOH HOH B . 
L 4 HOH 37 337 44  HOH HOH B . 
L 4 HOH 38 338 9   HOH HOH B . 
L 4 HOH 39 339 90  HOH HOH B . 
L 4 HOH 40 340 76  HOH HOH B . 
L 4 HOH 41 341 69  HOH HOH B . 
L 4 HOH 42 342 34  HOH HOH B . 
L 4 HOH 43 343 123 HOH HOH B . 
L 4 HOH 44 344 161 HOH HOH B . 
L 4 HOH 45 345 144 HOH HOH B . 
L 4 HOH 46 346 134 HOH HOH B . 
L 4 HOH 47 347 66  HOH HOH B . 
L 4 HOH 48 348 59  HOH HOH B . 
L 4 HOH 49 349 96  HOH HOH B . 
L 4 HOH 50 350 116 HOH HOH B . 
L 4 HOH 51 351 97  HOH HOH B . 
L 4 HOH 52 352 157 HOH HOH B . 
L 4 HOH 53 353 114 HOH HOH B . 
L 4 HOH 54 354 110 HOH HOH B . 
L 4 HOH 55 355 115 HOH HOH B . 
L 4 HOH 56 356 62  HOH HOH B . 
L 4 HOH 57 357 63  HOH HOH B . 
L 4 HOH 58 358 75  HOH HOH B . 
L 4 HOH 59 359 98  HOH HOH B . 
L 4 HOH 60 360 131 HOH HOH B . 
L 4 HOH 61 361 92  HOH HOH B . 
L 4 HOH 62 362 83  HOH HOH B . 
L 4 HOH 63 363 132 HOH HOH B . 
L 4 HOH 64 364 166 HOH HOH B . 
M 4 HOH 1  101 29  HOH HOH D . 
M 4 HOH 2  102 74  HOH HOH D . 
M 4 HOH 3  103 140 HOH HOH D . 
M 4 HOH 4  104 111 HOH HOH D . 
M 4 HOH 5  105 112 HOH HOH D . 
N 4 HOH 1  101 133 HOH HOH E . 
N 4 HOH 2  102 71  HOH HOH E . 
N 4 HOH 3  103 79  HOH HOH E . 
# 
loop_
_software.citation_id 
_software.classification 
_software.compiler_name 
_software.compiler_version 
_software.contact_author 
_software.contact_author_email 
_software.date 
_software.description 
_software.dependencies 
_software.hardware 
_software.language 
_software.location 
_software.mods 
_software.name 
_software.os 
_software.os_version 
_software.type 
_software.version 
_software.pdbx_ordinal 
? refinement       ? ? ? ? ? ? ? ? ? ? ? PHENIX   ? ? ? '(1.20.1_4487: ???)' 1 
? 'data reduction' ? ? ? ? ? ? ? ? ? ? ? HKL-2000 ? ? ? .                    2 
? 'data scaling'   ? ? ? ? ? ? ? ? ? ? ? HKL-2000 ? ? ? .                    3 
? phasing          ? ? ? ? ? ? ? ? ? ? ? PHASER   ? ? ? .                    4 
# 
_cell.angle_alpha                  90.00 
_cell.angle_alpha_esd              ? 
_cell.angle_beta                   106.85 
_cell.angle_beta_esd               ? 
_cell.angle_gamma                  90.00 
_cell.angle_gamma_esd              ? 
_cell.entry_id                     9DNO 
_cell.details                      ? 
_cell.formula_units_Z              ? 
_cell.length_a                     29.507 
_cell.length_a_esd                 ? 
_cell.length_b                     48.952 
_cell.length_b_esd                 ? 
_cell.length_c                     49.946 
_cell.length_c_esd                 ? 
_cell.volume                       ? 
_cell.volume_esd                   ? 
_cell.Z_PDB                        4 
_cell.reciprocal_angle_alpha       ? 
_cell.reciprocal_angle_beta        ? 
_cell.reciprocal_angle_gamma       ? 
_cell.reciprocal_angle_alpha_esd   ? 
_cell.reciprocal_angle_beta_esd    ? 
_cell.reciprocal_angle_gamma_esd   ? 
_cell.reciprocal_length_a          ? 
_cell.reciprocal_length_b          ? 
_cell.reciprocal_length_c          ? 
_cell.reciprocal_length_a_esd      ? 
_cell.reciprocal_length_b_esd      ? 
_cell.reciprocal_length_c_esd      ? 
_cell.pdbx_unique_axis             ? 
_cell.pdbx_esd_method              ? 
# 
_symmetry.entry_id                         9DNO 
_symmetry.cell_setting                     ? 
_symmetry.Int_Tables_number                4 
_symmetry.space_group_name_Hall            ? 
_symmetry.space_group_name_H-M             'P 1 21 1' 
_symmetry.pdbx_full_space_group_name_H-M   ? 
# 
_exptl.absorpt_coefficient_mu     ? 
_exptl.absorpt_correction_T_max   ? 
_exptl.absorpt_correction_T_min   ? 
_exptl.absorpt_correction_type    ? 
_exptl.absorpt_process_details    ? 
_exptl.entry_id                   9DNO 
_exptl.crystals_number            1 
_exptl.details                    ? 
_exptl.method                     'X-RAY DIFFRACTION' 
_exptl.method_details             ? 
# 
_exptl_crystal.colour                       ? 
_exptl_crystal.density_diffrn               ? 
_exptl_crystal.density_Matthews             2.08 
_exptl_crystal.density_method               ? 
_exptl_crystal.density_percent_sol          36.46 
_exptl_crystal.description                  ? 
_exptl_crystal.F_000                        ? 
_exptl_crystal.id                           1 
_exptl_crystal.preparation                  ? 
_exptl_crystal.size_max                     ? 
_exptl_crystal.size_mid                     ? 
_exptl_crystal.size_min                     ? 
_exptl_crystal.size_rad                     ? 
_exptl_crystal.colour_lustre                ? 
_exptl_crystal.colour_modifier              ? 
_exptl_crystal.colour_primary               ? 
_exptl_crystal.density_meas                 ? 
_exptl_crystal.density_meas_esd             ? 
_exptl_crystal.density_meas_gt              ? 
_exptl_crystal.density_meas_lt              ? 
_exptl_crystal.density_meas_temp            ? 
_exptl_crystal.density_meas_temp_esd        ? 
_exptl_crystal.density_meas_temp_gt         ? 
_exptl_crystal.density_meas_temp_lt         ? 
_exptl_crystal.pdbx_crystal_image_url       ? 
_exptl_crystal.pdbx_crystal_image_format    ? 
_exptl_crystal.pdbx_mosaicity               ? 
_exptl_crystal.pdbx_mosaicity_esd           ? 
_exptl_crystal.pdbx_mosaic_method           ? 
_exptl_crystal.pdbx_mosaic_block_size       ? 
_exptl_crystal.pdbx_mosaic_block_size_esd   ? 
# 
_exptl_crystal_grow.apparatus       ? 
_exptl_crystal_grow.atmosphere      ? 
_exptl_crystal_grow.crystal_id      1 
_exptl_crystal_grow.details         ? 
_exptl_crystal_grow.method          'VAPOR DIFFUSION, HANGING DROP' 
_exptl_crystal_grow.method_ref      ? 
_exptl_crystal_grow.pH              5.5 
_exptl_crystal_grow.pressure        ? 
_exptl_crystal_grow.pressure_esd    ? 
_exptl_crystal_grow.seeding         ? 
_exptl_crystal_grow.seeding_ref     ? 
_exptl_crystal_grow.temp_details    ? 
_exptl_crystal_grow.temp_esd        ? 
_exptl_crystal_grow.time            ? 
_exptl_crystal_grow.pdbx_details    
;The stock concentration of UBR1UBR for co-crystallization is 7.52 mg/ml. The ligand to protein molar ratio for UBR1UBR-RFF co-crystal is 1:2, and the reservoir contains 0.1 M Bis-Tris pH 5.5 with 24% PEG 3350. Crystals were soaked in cryoprotection liquid consisting of mother reservoir condition supplemented with 15% glycerol prior to flash freezing in liquid nitrogen.
;
_exptl_crystal_grow.pdbx_pH_range   ? 
_exptl_crystal_grow.temp            293.15 
# 
_diffrn.ambient_environment              ? 
_diffrn.ambient_temp                     77 
_diffrn.ambient_temp_details             ? 
_diffrn.ambient_temp_esd                 ? 
_diffrn.crystal_id                       1 
_diffrn.crystal_support                  ? 
_diffrn.crystal_treatment                ? 
_diffrn.details                          ? 
_diffrn.id                               1 
_diffrn.ambient_pressure                 ? 
_diffrn.ambient_pressure_esd             ? 
_diffrn.ambient_pressure_gt              ? 
_diffrn.ambient_pressure_lt              ? 
_diffrn.ambient_temp_gt                  ? 
_diffrn.ambient_temp_lt                  ? 
_diffrn.pdbx_serial_crystal_experiment   N 
# 
_diffrn_detector.details                      ? 
_diffrn_detector.detector                     PIXEL 
_diffrn_detector.diffrn_id                    1 
_diffrn_detector.type                         'DECTRIS PILATUS3 6M' 
_diffrn_detector.area_resol_mean              ? 
_diffrn_detector.dtime                        ? 
_diffrn_detector.pdbx_frames_total            ? 
_diffrn_detector.pdbx_collection_time_total   ? 
_diffrn_detector.pdbx_collection_date         2024-04-11 
_diffrn_detector.pdbx_frequency               ? 
_diffrn_detector.id                           ? 
_diffrn_detector.number_of_axes               ? 
# 
_diffrn_radiation.collimation                      ? 
_diffrn_radiation.diffrn_id                        1 
_diffrn_radiation.filter_edge                      ? 
_diffrn_radiation.inhomogeneity                    ? 
_diffrn_radiation.monochromator                    ? 
_diffrn_radiation.polarisn_norm                    ? 
_diffrn_radiation.polarisn_ratio                   ? 
_diffrn_radiation.probe                            ? 
_diffrn_radiation.type                             ? 
_diffrn_radiation.xray_symbol                      ? 
_diffrn_radiation.wavelength_id                    1 
_diffrn_radiation.pdbx_monochromatic_or_laue_m_l   M 
_diffrn_radiation.pdbx_wavelength_list             ? 
_diffrn_radiation.pdbx_wavelength                  ? 
_diffrn_radiation.pdbx_diffrn_protocol             'SINGLE WAVELENGTH' 
_diffrn_radiation.pdbx_analyzer                    ? 
_diffrn_radiation.pdbx_scattering_type             x-ray 
# 
_diffrn_radiation_wavelength.id           1 
_diffrn_radiation_wavelength.wavelength   1.00002 
_diffrn_radiation_wavelength.wt           1.0 
# 
_diffrn_source.current                     ? 
_diffrn_source.details                     ? 
_diffrn_source.diffrn_id                   1 
_diffrn_source.power                       ? 
_diffrn_source.size                        ? 
_diffrn_source.source                      SYNCHROTRON 
_diffrn_source.target                      ? 
_diffrn_source.type                        'ALS BEAMLINE 8.2.1' 
_diffrn_source.voltage                     ? 
_diffrn_source.take-off_angle              ? 
_diffrn_source.pdbx_wavelength_list        1.00002 
_diffrn_source.pdbx_wavelength             ? 
_diffrn_source.pdbx_synchrotron_beamline   8.2.1 
_diffrn_source.pdbx_synchrotron_site       ALS 
# 
_reflns.B_iso_Wilson_estimate                          15.59 
_reflns.entry_id                                       9DNO 
_reflns.data_reduction_details                         ? 
_reflns.data_reduction_method                          ? 
_reflns.d_resolution_high                              1.23 
_reflns.d_resolution_low                               48.97 
_reflns.details                                        ? 
_reflns.limit_h_max                                    ? 
_reflns.limit_h_min                                    ? 
_reflns.limit_k_max                                    ? 
_reflns.limit_k_min                                    ? 
_reflns.limit_l_max                                    ? 
_reflns.limit_l_min                                    ? 
_reflns.number_all                                     ? 
_reflns.number_obs                                     36357 
_reflns.observed_criterion                             ? 
_reflns.observed_criterion_F_max                       ? 
_reflns.observed_criterion_F_min                       ? 
_reflns.observed_criterion_I_max                       ? 
_reflns.observed_criterion_I_min                       ? 
_reflns.observed_criterion_sigma_F                     ? 
_reflns.observed_criterion_sigma_I                     ? 
_reflns.percent_possible_obs                           91.7 
_reflns.R_free_details                                 ? 
_reflns.Rmerge_F_all                                   ? 
_reflns.Rmerge_F_obs                                   ? 
_reflns.Friedel_coverage                               ? 
_reflns.number_gt                                      ? 
_reflns.threshold_expression                           ? 
_reflns.pdbx_redundancy                                5.2 
_reflns.pdbx_netI_over_av_sigmaI                       ? 
_reflns.pdbx_netI_over_sigmaI                          10.0 
_reflns.pdbx_res_netI_over_av_sigmaI_2                 ? 
_reflns.pdbx_res_netI_over_sigmaI_2                    ? 
_reflns.pdbx_chi_squared                               ? 
_reflns.pdbx_scaling_rejects                           ? 
_reflns.pdbx_d_res_high_opt                            ? 
_reflns.pdbx_d_res_low_opt                             ? 
_reflns.pdbx_d_res_opt_method                          ? 
_reflns.phase_calculation_details                      ? 
_reflns.pdbx_Rrim_I_all                                ? 
_reflns.pdbx_Rpim_I_all                                ? 
_reflns.pdbx_d_opt                                     ? 
_reflns.pdbx_number_measured_all                       ? 
_reflns.pdbx_diffrn_id                                 1 
_reflns.pdbx_ordinal                                   1 
_reflns.pdbx_CC_half                                   ? 
_reflns.pdbx_CC_star                                   ? 
_reflns.pdbx_R_split                                   ? 
_reflns.pdbx_Rmerge_I_obs                              0.074 
_reflns.pdbx_Rmerge_I_all                              ? 
_reflns.pdbx_Rsym_value                                ? 
_reflns.pdbx_CC_split_method                           ? 
_reflns.pdbx_aniso_diffraction_limit_axis_1_ortho[1]   ? 
_reflns.pdbx_aniso_diffraction_limit_axis_1_ortho[2]   ? 
_reflns.pdbx_aniso_diffraction_limit_axis_1_ortho[3]   ? 
_reflns.pdbx_aniso_diffraction_limit_axis_2_ortho[1]   ? 
_reflns.pdbx_aniso_diffraction_limit_axis_2_ortho[2]   ? 
_reflns.pdbx_aniso_diffraction_limit_axis_2_ortho[3]   ? 
_reflns.pdbx_aniso_diffraction_limit_axis_3_ortho[1]   ? 
_reflns.pdbx_aniso_diffraction_limit_axis_3_ortho[2]   ? 
_reflns.pdbx_aniso_diffraction_limit_axis_3_ortho[3]   ? 
_reflns.pdbx_aniso_diffraction_limit_1                 ? 
_reflns.pdbx_aniso_diffraction_limit_2                 ? 
_reflns.pdbx_aniso_diffraction_limit_3                 ? 
_reflns.pdbx_aniso_B_tensor_eigenvector_1_ortho[1]     ? 
_reflns.pdbx_aniso_B_tensor_eigenvector_1_ortho[2]     ? 
_reflns.pdbx_aniso_B_tensor_eigenvector_1_ortho[3]     ? 
_reflns.pdbx_aniso_B_tensor_eigenvector_2_ortho[1]     ? 
_reflns.pdbx_aniso_B_tensor_eigenvector_2_ortho[2]     ? 
_reflns.pdbx_aniso_B_tensor_eigenvector_2_ortho[3]     ? 
_reflns.pdbx_aniso_B_tensor_eigenvector_3_ortho[1]     ? 
_reflns.pdbx_aniso_B_tensor_eigenvector_3_ortho[2]     ? 
_reflns.pdbx_aniso_B_tensor_eigenvector_3_ortho[3]     ? 
_reflns.pdbx_aniso_B_tensor_eigenvalue_1               ? 
_reflns.pdbx_aniso_B_tensor_eigenvalue_2               ? 
_reflns.pdbx_aniso_B_tensor_eigenvalue_3               ? 
_reflns.pdbx_orthogonalization_convention              ? 
_reflns.pdbx_percent_possible_ellipsoidal              ? 
_reflns.pdbx_percent_possible_spherical                ? 
_reflns.pdbx_percent_possible_ellipsoidal_anomalous    ? 
_reflns.pdbx_percent_possible_spherical_anomalous      ? 
_reflns.pdbx_redundancy_anomalous                      ? 
_reflns.pdbx_CC_half_anomalous                         ? 
_reflns.pdbx_absDiff_over_sigma_anomalous              ? 
_reflns.pdbx_percent_possible_anomalous                ? 
_reflns.pdbx_observed_signal_threshold                 ? 
_reflns.pdbx_signal_type                               ? 
_reflns.pdbx_signal_details                            ? 
_reflns.pdbx_signal_software_id                        ? 
# 
_reflns_shell.d_res_high                                    1.23 
_reflns_shell.d_res_low                                     1.25 
_reflns_shell.meanI_over_sigI_all                           ? 
_reflns_shell.meanI_over_sigI_obs                           0.1 
_reflns_shell.number_measured_all                           ? 
_reflns_shell.number_measured_obs                           ? 
_reflns_shell.number_possible                               ? 
_reflns_shell.number_unique_all                             ? 
_reflns_shell.number_unique_obs                             909 
_reflns_shell.percent_possible_obs                          ? 
_reflns_shell.Rmerge_F_all                                  ? 
_reflns_shell.Rmerge_F_obs                                  ? 
_reflns_shell.meanI_over_sigI_gt                            ? 
_reflns_shell.meanI_over_uI_all                             ? 
_reflns_shell.meanI_over_uI_gt                              ? 
_reflns_shell.number_measured_gt                            ? 
_reflns_shell.number_unique_gt                              ? 
_reflns_shell.percent_possible_gt                           ? 
_reflns_shell.Rmerge_F_gt                                   ? 
_reflns_shell.Rmerge_I_gt                                   ? 
_reflns_shell.pdbx_redundancy                               ? 
_reflns_shell.pdbx_chi_squared                              ? 
_reflns_shell.pdbx_netI_over_sigmaI_all                     ? 
_reflns_shell.pdbx_netI_over_sigmaI_obs                     ? 
_reflns_shell.pdbx_Rrim_I_all                               ? 
_reflns_shell.pdbx_Rpim_I_all                               ? 
_reflns_shell.pdbx_rejects                                  ? 
_reflns_shell.pdbx_ordinal                                  1 
_reflns_shell.pdbx_diffrn_id                                1 
_reflns_shell.pdbx_CC_half                                  0.053 
_reflns_shell.pdbx_CC_star                                  ? 
_reflns_shell.pdbx_R_split                                  ? 
_reflns_shell.percent_possible_all                          45.70 
_reflns_shell.Rmerge_I_all                                  ? 
_reflns_shell.Rmerge_I_obs                                  ? 
_reflns_shell.pdbx_Rsym_value                               ? 
_reflns_shell.pdbx_percent_possible_ellipsoidal             ? 
_reflns_shell.pdbx_percent_possible_spherical               ? 
_reflns_shell.pdbx_percent_possible_ellipsoidal_anomalous   ? 
_reflns_shell.pdbx_percent_possible_spherical_anomalous     ? 
_reflns_shell.pdbx_redundancy_anomalous                     ? 
_reflns_shell.pdbx_CC_half_anomalous                        ? 
_reflns_shell.pdbx_absDiff_over_sigma_anomalous             ? 
_reflns_shell.pdbx_percent_possible_anomalous               ? 
# 
_refine.aniso_B[1][1]                            ? 
_refine.aniso_B[1][2]                            ? 
_refine.aniso_B[1][3]                            ? 
_refine.aniso_B[2][2]                            ? 
_refine.aniso_B[2][3]                            ? 
_refine.aniso_B[3][3]                            ? 
_refine.B_iso_max                                ? 
_refine.B_iso_mean                               ? 
_refine.B_iso_min                                ? 
_refine.correlation_coeff_Fo_to_Fc               ? 
_refine.correlation_coeff_Fo_to_Fc_free          ? 
_refine.details                                  ? 
_refine.diff_density_max                         ? 
_refine.diff_density_max_esd                     ? 
_refine.diff_density_min                         ? 
_refine.diff_density_min_esd                     ? 
_refine.diff_density_rms                         ? 
_refine.diff_density_rms_esd                     ? 
_refine.entry_id                                 9DNO 
_refine.pdbx_refine_id                           'X-RAY DIFFRACTION' 
_refine.ls_abs_structure_details                 ? 
_refine.ls_abs_structure_Flack                   ? 
_refine.ls_abs_structure_Flack_esd               ? 
_refine.ls_abs_structure_Rogers                  ? 
_refine.ls_abs_structure_Rogers_esd              ? 
_refine.ls_d_res_high                            1.33 
_refine.ls_d_res_low                             47.80 
_refine.ls_extinction_coef                       ? 
_refine.ls_extinction_coef_esd                   ? 
_refine.ls_extinction_expression                 ? 
_refine.ls_extinction_method                     ? 
_refine.ls_goodness_of_fit_all                   ? 
_refine.ls_goodness_of_fit_all_esd               ? 
_refine.ls_goodness_of_fit_obs                   ? 
_refine.ls_goodness_of_fit_obs_esd               ? 
_refine.ls_hydrogen_treatment                    ? 
_refine.ls_matrix_type                           ? 
_refine.ls_number_constraints                    ? 
_refine.ls_number_parameters                     ? 
_refine.ls_number_reflns_all                     ? 
_refine.ls_number_reflns_obs                     29501 
_refine.ls_number_reflns_R_free                  1452 
_refine.ls_number_reflns_R_work                  ? 
_refine.ls_number_restraints                     ? 
_refine.ls_percent_reflns_obs                    94.71 
_refine.ls_percent_reflns_R_free                 4.92 
_refine.ls_R_factor_all                          ? 
_refine.ls_R_factor_obs                          0.1987 
_refine.ls_R_factor_R_free                       0.2081 
_refine.ls_R_factor_R_free_error                 ? 
_refine.ls_R_factor_R_free_error_details         ? 
_refine.ls_R_factor_R_work                       0.1982 
_refine.ls_R_Fsqd_factor_obs                     ? 
_refine.ls_R_I_factor_obs                        ? 
_refine.ls_redundancy_reflns_all                 ? 
_refine.ls_redundancy_reflns_obs                 ? 
_refine.ls_restrained_S_all                      ? 
_refine.ls_restrained_S_obs                      ? 
_refine.ls_shift_over_esd_max                    ? 
_refine.ls_shift_over_esd_mean                   ? 
_refine.ls_structure_factor_coef                 ? 
_refine.ls_weighting_details                     ? 
_refine.ls_weighting_scheme                      ? 
_refine.ls_wR_factor_all                         ? 
_refine.ls_wR_factor_obs                         ? 
_refine.ls_wR_factor_R_free                      ? 
_refine.ls_wR_factor_R_work                      ? 
_refine.occupancy_max                            ? 
_refine.occupancy_min                            ? 
_refine.solvent_model_details                    'FLAT BULK SOLVENT MODEL' 
_refine.solvent_model_param_bsol                 ? 
_refine.solvent_model_param_ksol                 ? 
_refine.pdbx_R_complete                          ? 
_refine.ls_R_factor_gt                           ? 
_refine.ls_goodness_of_fit_gt                    ? 
_refine.ls_goodness_of_fit_ref                   ? 
_refine.ls_shift_over_su_max                     ? 
_refine.ls_shift_over_su_max_lt                  ? 
_refine.ls_shift_over_su_mean                    ? 
_refine.ls_shift_over_su_mean_lt                 ? 
_refine.pdbx_ls_sigma_I                          ? 
_refine.pdbx_ls_sigma_F                          1.34 
_refine.pdbx_ls_sigma_Fsqd                       ? 
_refine.pdbx_data_cutoff_high_absF               ? 
_refine.pdbx_data_cutoff_high_rms_absF           ? 
_refine.pdbx_data_cutoff_low_absF                ? 
_refine.pdbx_isotropic_thermal_model             ? 
_refine.pdbx_ls_cross_valid_method               'FREE R-VALUE' 
_refine.pdbx_method_to_determine_struct          'MOLECULAR REPLACEMENT' 
_refine.pdbx_starting_model                      ? 
_refine.pdbx_stereochemistry_target_values       ML 
_refine.pdbx_R_Free_selection_details            ? 
_refine.pdbx_stereochem_target_val_spec_case     ? 
_refine.pdbx_overall_ESU_R                       ? 
_refine.pdbx_overall_ESU_R_Free                  ? 
_refine.pdbx_solvent_vdw_probe_radii             1.10 
_refine.pdbx_solvent_ion_probe_radii             ? 
_refine.pdbx_solvent_shrinkage_radii             0.90 
_refine.pdbx_real_space_R                        ? 
_refine.pdbx_density_correlation                 ? 
_refine.pdbx_pd_number_of_powder_patterns        ? 
_refine.pdbx_pd_number_of_points                 ? 
_refine.pdbx_pd_meas_number_of_points            ? 
_refine.pdbx_pd_proc_ls_prof_R_factor            ? 
_refine.pdbx_pd_proc_ls_prof_wR_factor           ? 
_refine.pdbx_pd_Marquardt_correlation_coeff      ? 
_refine.pdbx_pd_Fsqrd_R_factor                   ? 
_refine.pdbx_pd_ls_matrix_band_width             ? 
_refine.pdbx_overall_phase_error                 26.87 
_refine.pdbx_overall_SU_R_free_Cruickshank_DPI   ? 
_refine.pdbx_overall_SU_R_free_Blow_DPI          ? 
_refine.pdbx_overall_SU_R_Blow_DPI               ? 
_refine.pdbx_TLS_residual_ADP_flag               ? 
_refine.pdbx_diffrn_id                           1 
_refine.overall_SU_B                             ? 
_refine.overall_SU_ML                            0.19 
_refine.overall_SU_R_Cruickshank_DPI             ? 
_refine.overall_SU_R_free                        ? 
_refine.overall_FOM_free_R_set                   ? 
_refine.overall_FOM_work_R_set                   ? 
_refine.pdbx_average_fsc_overall                 ? 
_refine.pdbx_average_fsc_work                    ? 
_refine.pdbx_average_fsc_free                    ? 
# 
_refine_hist.pdbx_refine_id                   'X-RAY DIFFRACTION' 
_refine_hist.cycle_id                         LAST 
_refine_hist.details                          ? 
_refine_hist.d_res_high                       1.33 
_refine_hist.d_res_low                        47.80 
_refine_hist.number_atoms_solvent             156 
_refine_hist.number_atoms_total               1360 
_refine_hist.number_reflns_all                ? 
_refine_hist.number_reflns_obs                ? 
_refine_hist.number_reflns_R_free             ? 
_refine_hist.number_reflns_R_work             ? 
_refine_hist.R_factor_all                     ? 
_refine_hist.R_factor_obs                     ? 
_refine_hist.R_factor_R_free                  ? 
_refine_hist.R_factor_R_work                  ? 
_refine_hist.pdbx_number_residues_total       ? 
_refine_hist.pdbx_B_iso_mean_ligand           ? 
_refine_hist.pdbx_B_iso_mean_solvent          ? 
_refine_hist.pdbx_number_atoms_protein        1204 
_refine_hist.pdbx_number_atoms_nucleic_acid   0 
_refine_hist.pdbx_number_atoms_ligand         0 
_refine_hist.pdbx_number_atoms_lipid          ? 
_refine_hist.pdbx_number_atoms_carb           ? 
_refine_hist.pdbx_pseudo_atom_details         ? 
# 
loop_
_refine_ls_restr.pdbx_refine_id 
_refine_ls_restr.criterion 
_refine_ls_restr.dev_ideal 
_refine_ls_restr.dev_ideal_target 
_refine_ls_restr.number 
_refine_ls_restr.rejects 
_refine_ls_restr.type 
_refine_ls_restr.weight 
_refine_ls_restr.pdbx_restraint_function 
'X-RAY DIFFRACTION' ? 0.007 ? 1252 ? f_bond_d           ? ? 
'X-RAY DIFFRACTION' ? 0.971 ? 1692 ? f_angle_d          ? ? 
'X-RAY DIFFRACTION' ? 6.723 ? 170  ? f_dihedral_angle_d ? ? 
'X-RAY DIFFRACTION' ? 0.086 ? 172  ? f_chiral_restr     ? ? 
'X-RAY DIFFRACTION' ? 0.007 ? 226  ? f_plane_restr      ? ? 
# 
loop_
_refine_ls_shell.pdbx_refine_id 
_refine_ls_shell.d_res_high 
_refine_ls_shell.d_res_low 
_refine_ls_shell.number_reflns_all 
_refine_ls_shell.number_reflns_obs 
_refine_ls_shell.number_reflns_R_free 
_refine_ls_shell.number_reflns_R_work 
_refine_ls_shell.percent_reflns_obs 
_refine_ls_shell.percent_reflns_R_free 
_refine_ls_shell.R_factor_all 
_refine_ls_shell.R_factor_obs 
_refine_ls_shell.R_factor_R_free_error 
_refine_ls_shell.R_factor_R_work 
_refine_ls_shell.redundancy_reflns_all 
_refine_ls_shell.redundancy_reflns_obs 
_refine_ls_shell.wR_factor_all 
_refine_ls_shell.wR_factor_obs 
_refine_ls_shell.wR_factor_R_free 
_refine_ls_shell.wR_factor_R_work 
_refine_ls_shell.pdbx_R_complete 
_refine_ls_shell.pdbx_total_number_of_bins_used 
_refine_ls_shell.pdbx_phase_error 
_refine_ls_shell.pdbx_fsc_work 
_refine_ls_shell.pdbx_fsc_free 
_refine_ls_shell.R_factor_R_free 
'X-RAY DIFFRACTION' 1.33 1.38  . . 85  1969 67.00  . . . . 0.4659 . . . . . . . . . . . 0.4777 
'X-RAY DIFFRACTION' 1.38 1.44  . . 137 2631 89.00  . . . . 0.3236 . . . . . . . . . . . 0.3052 
'X-RAY DIFFRACTION' 1.44 1.50  . . 114 2901 97.00  . . . . 0.2796 . . . . . . . . . . . 0.2951 
'X-RAY DIFFRACTION' 1.50 1.58  . . 159 2892 99.00  . . . . 0.2545 . . . . . . . . . . . 0.3100 
'X-RAY DIFFRACTION' 1.58 1.68  . . 172 2867 97.00  . . . . 0.2191 . . . . . . . . . . . 0.2182 
'X-RAY DIFFRACTION' 1.68 1.81  . . 161 2937 100.00 . . . . 0.2017 . . . . . . . . . . . 0.2323 
'X-RAY DIFFRACTION' 1.81 1.99  . . 137 2973 100.00 . . . . 0.2039 . . . . . . . . . . . 0.2265 
'X-RAY DIFFRACTION' 1.99 2.28  . . 176 2910 99.00  . . . . 0.1894 . . . . . . . . . . . 0.1964 
'X-RAY DIFFRACTION' 2.28 2.87  . . 147 2968 100.00 . . . . 0.1899 . . . . . . . . . . . 0.1964 
'X-RAY DIFFRACTION' 2.87 47.80 . . 164 3001 99.00  . . . . 0.1644 . . . . . . . . . . . 0.1733 
# 
_struct.entry_id                     9DNO 
_struct.title                        'Structure of UBR1-RFF complex' 
_struct.pdbx_model_details           ? 
_struct.pdbx_formula_weight          ? 
_struct.pdbx_formula_weight_method   ? 
_struct.pdbx_model_type_details      ? 
_struct.pdbx_CASP_flag               N 
# 
_struct_keywords.entry_id        9DNO 
_struct_keywords.text            'UBR, E3 ligase, natural ligands, PROTEIN BINDING' 
_struct_keywords.pdbx_keywords   'PROTEIN BINDING' 
# 
loop_
_struct_asym.id 
_struct_asym.pdbx_blank_PDB_chainid_flag 
_struct_asym.pdbx_modified 
_struct_asym.entity_id 
_struct_asym.details 
A N N 1 ? 
B N N 1 ? 
C N N 2 ? 
D N N 2 ? 
E N N 3 ? 
F N N 3 ? 
G N N 3 ? 
H N N 3 ? 
I N N 3 ? 
J N N 3 ? 
K N N 4 ? 
L N N 4 ? 
M N N 4 ? 
N N N 4 ? 
# 
loop_
_struct_ref.id 
_struct_ref.db_name 
_struct_ref.db_code 
_struct_ref.pdbx_db_accession 
_struct_ref.pdbx_db_isoform 
_struct_ref.entity_id 
_struct_ref.pdbx_seq_one_letter_code 
_struct_ref.pdbx_align_begin 
1 UNP UBR1_HUMAN Q8IWV7 ? 1 QLCGRVFKSGETTYSCRDCAIDPTCVLCMDCFQDSVHKNHRYKMHTSTGGGFCDCGDTEAWKTGPFCVNHEP 97 
2 PDB 9DNO       9DNO   ? 2 ?                                                                        1  
# 
loop_
_struct_ref_seq.align_id 
_struct_ref_seq.ref_id 
_struct_ref_seq.pdbx_PDB_id_code 
_struct_ref_seq.pdbx_strand_id 
_struct_ref_seq.seq_align_beg 
_struct_ref_seq.pdbx_seq_align_beg_ins_code 
_struct_ref_seq.seq_align_end 
_struct_ref_seq.pdbx_seq_align_end_ins_code 
_struct_ref_seq.pdbx_db_accession 
_struct_ref_seq.db_align_beg 
_struct_ref_seq.pdbx_db_align_beg_ins_code 
_struct_ref_seq.db_align_end 
_struct_ref_seq.pdbx_db_align_end_ins_code 
_struct_ref_seq.pdbx_auth_seq_align_beg 
_struct_ref_seq.pdbx_auth_seq_align_end 
1 1 9DNO A 6 ? 77 ? Q8IWV7 97 ? 168 ? 97 168 
2 1 9DNO B 6 ? 77 ? Q8IWV7 97 ? 168 ? 97 168 
3 2 9DNO D 1 ? 4  ? 9DNO   1  ? 4   ? 1  4   
4 2 9DNO E 1 ? 4  ? 9DNO   1  ? 4   ? 1  4   
# 
loop_
_struct_ref_seq_dif.align_id 
_struct_ref_seq_dif.pdbx_pdb_id_code 
_struct_ref_seq_dif.mon_id 
_struct_ref_seq_dif.pdbx_pdb_strand_id 
_struct_ref_seq_dif.seq_num 
_struct_ref_seq_dif.pdbx_pdb_ins_code 
_struct_ref_seq_dif.pdbx_seq_db_name 
_struct_ref_seq_dif.pdbx_seq_db_accession_code 
_struct_ref_seq_dif.db_mon_id 
_struct_ref_seq_dif.pdbx_seq_db_seq_num 
_struct_ref_seq_dif.details 
_struct_ref_seq_dif.pdbx_auth_seq_num 
_struct_ref_seq_dif.pdbx_ordinal 
1 9DNO GLY A 1 ? UNP Q8IWV7 ? ? 'expression tag' 92 1  
1 9DNO PRO A 2 ? UNP Q8IWV7 ? ? 'expression tag' 93 2  
1 9DNO LEU A 3 ? UNP Q8IWV7 ? ? 'expression tag' 94 3  
1 9DNO GLY A 4 ? UNP Q8IWV7 ? ? 'expression tag' 95 4  
1 9DNO SER A 5 ? UNP Q8IWV7 ? ? 'expression tag' 96 5  
2 9DNO GLY B 1 ? UNP Q8IWV7 ? ? 'expression tag' 92 6  
2 9DNO PRO B 2 ? UNP Q8IWV7 ? ? 'expression tag' 93 7  
2 9DNO LEU B 3 ? UNP Q8IWV7 ? ? 'expression tag' 94 8  
2 9DNO GLY B 4 ? UNP Q8IWV7 ? ? 'expression tag' 95 9  
2 9DNO SER B 5 ? UNP Q8IWV7 ? ? 'expression tag' 96 10 
# 
loop_
_pdbx_struct_assembly.id 
_pdbx_struct_assembly.details 
_pdbx_struct_assembly.method_details 
_pdbx_struct_assembly.oligomeric_details 
_pdbx_struct_assembly.oligomeric_count 
1 author_and_software_defined_assembly PISA dimeric 2 
2 author_and_software_defined_assembly PISA dimeric 2 
# 
loop_
_pdbx_struct_assembly_prop.biol_id 
_pdbx_struct_assembly_prop.type 
_pdbx_struct_assembly_prop.value 
_pdbx_struct_assembly_prop.details 
1 'ABSA (A^2)' 860  ? 
1 MORE         -7   ? 
1 'SSA (A^2)'  4700 ? 
2 'ABSA (A^2)' 860  ? 
2 MORE         -1   ? 
2 'SSA (A^2)'  4430 ? 
# 
loop_
_pdbx_struct_assembly_gen.assembly_id 
_pdbx_struct_assembly_gen.oper_expression 
_pdbx_struct_assembly_gen.asym_id_list 
1 1 A,C,E,F,G,K,M 
2 1 B,D,H,I,J,L,N 
# 
_pdbx_struct_assembly_auth_evidence.id                     1 
_pdbx_struct_assembly_auth_evidence.assembly_id            1 
_pdbx_struct_assembly_auth_evidence.experimental_support   'gel filtration' 
_pdbx_struct_assembly_auth_evidence.details                'Single peak observed during size exclusion chromatography purification' 
# 
_pdbx_struct_oper_list.id                   1 
_pdbx_struct_oper_list.type                 'identity operation' 
_pdbx_struct_oper_list.name                 1_555 
_pdbx_struct_oper_list.symmetry_operation   x,y,z 
_pdbx_struct_oper_list.matrix[1][1]         1.0000000000 
_pdbx_struct_oper_list.matrix[1][2]         0.0000000000 
_pdbx_struct_oper_list.matrix[1][3]         0.0000000000 
_pdbx_struct_oper_list.vector[1]            0.0000000000 
_pdbx_struct_oper_list.matrix[2][1]         0.0000000000 
_pdbx_struct_oper_list.matrix[2][2]         1.0000000000 
_pdbx_struct_oper_list.matrix[2][3]         0.0000000000 
_pdbx_struct_oper_list.vector[2]            0.0000000000 
_pdbx_struct_oper_list.matrix[3][1]         0.0000000000 
_pdbx_struct_oper_list.matrix[3][2]         0.0000000000 
_pdbx_struct_oper_list.matrix[3][3]         1.0000000000 
_pdbx_struct_oper_list.vector[3]            0.0000000000 
# 
loop_
_struct_conf.conf_type_id 
_struct_conf.id 
_struct_conf.pdbx_PDB_helix_id 
_struct_conf.beg_label_comp_id 
_struct_conf.beg_label_asym_id 
_struct_conf.beg_label_seq_id 
_struct_conf.pdbx_beg_PDB_ins_code 
_struct_conf.end_label_comp_id 
_struct_conf.end_label_asym_id 
_struct_conf.end_label_seq_id 
_struct_conf.pdbx_end_PDB_ins_code 
_struct_conf.beg_auth_comp_id 
_struct_conf.beg_auth_asym_id 
_struct_conf.beg_auth_seq_id 
_struct_conf.end_auth_comp_id 
_struct_conf.end_auth_asym_id 
_struct_conf.end_auth_seq_id 
_struct_conf.pdbx_PDB_helix_class 
_struct_conf.details 
_struct_conf.pdbx_PDB_helix_length 
HELX_P HELX_P1 AA1 MET A 34 ? ASP A 39 ? MET A 125 ASP A 130 1 ? 6 
HELX_P HELX_P2 AA2 SER A 40 ? HIS A 45 ? SER A 131 HIS A 136 5 ? 6 
HELX_P HELX_P3 AA3 MET B 34 ? ASP B 39 ? MET B 125 ASP B 130 1 ? 6 
HELX_P HELX_P4 AA4 SER B 40 ? HIS B 45 ? SER B 131 HIS B 136 5 ? 6 
# 
_struct_conf_type.id          HELX_P 
_struct_conf_type.criteria    ? 
_struct_conf_type.reference   ? 
# 
loop_
_struct_conn.id 
_struct_conn.conn_type_id 
_struct_conn.pdbx_leaving_atom_flag 
_struct_conn.pdbx_PDB_id 
_struct_conn.ptnr1_label_asym_id 
_struct_conn.ptnr1_label_comp_id 
_struct_conn.ptnr1_label_seq_id 
_struct_conn.ptnr1_label_atom_id 
_struct_conn.pdbx_ptnr1_label_alt_id 
_struct_conn.pdbx_ptnr1_PDB_ins_code 
_struct_conn.pdbx_ptnr1_standard_comp_id 
_struct_conn.ptnr1_symmetry 
_struct_conn.ptnr2_label_asym_id 
_struct_conn.ptnr2_label_comp_id 
_struct_conn.ptnr2_label_seq_id 
_struct_conn.ptnr2_label_atom_id 
_struct_conn.pdbx_ptnr2_label_alt_id 
_struct_conn.pdbx_ptnr2_PDB_ins_code 
_struct_conn.ptnr1_auth_asym_id 
_struct_conn.ptnr1_auth_comp_id 
_struct_conn.ptnr1_auth_seq_id 
_struct_conn.ptnr2_auth_asym_id 
_struct_conn.ptnr2_auth_comp_id 
_struct_conn.ptnr2_auth_seq_id 
_struct_conn.ptnr2_symmetry 
_struct_conn.pdbx_ptnr3_label_atom_id 
_struct_conn.pdbx_ptnr3_label_seq_id 
_struct_conn.pdbx_ptnr3_label_comp_id 
_struct_conn.pdbx_ptnr3_label_asym_id 
_struct_conn.pdbx_ptnr3_label_alt_id 
_struct_conn.pdbx_ptnr3_PDB_ins_code 
_struct_conn.details 
_struct_conn.pdbx_dist_value 
_struct_conn.pdbx_value_order 
_struct_conn.pdbx_role 
covale1  covale both ? C PHE 3  C   ? ? ? 1_555 C NH2 4 N  ? ? D PHE 3   D NH2 4   1_555 ? ? ? ? ? ? ? 1.329 ? ? 
covale2  covale both ? D PHE 3  C   ? ? ? 1_555 D NH2 4 N  ? ? E PHE 3   E NH2 4   1_555 ? ? ? ? ? ? ? 1.331 ? ? 
metalc1  metalc ?    ? A CYS 8  SG  ? ? ? 1_555 E ZN  . ZN ? ? A CYS 99  A ZN  201 1_555 ? ? ? ? ? ? ? 2.272 ? ? 
metalc2  metalc ?    ? A CYS 21 SG  ? ? ? 1_555 G ZN  . ZN ? ? A CYS 112 A ZN  203 1_555 ? ? ? ? ? ? ? 2.278 ? ? 
metalc3  metalc ?    ? A CYS 24 SG  ? ? ? 1_555 G ZN  . ZN ? ? A CYS 115 A ZN  203 1_555 ? ? ? ? ? ? ? 2.309 ? ? 
metalc4  metalc ?    ? A CYS 33 SG  ? ? ? 1_555 E ZN  . ZN ? ? A CYS 124 A ZN  201 1_555 ? ? ? ? ? ? ? 2.323 ? ? 
metalc5  metalc ?    ? A CYS 36 SG  ? ? ? 1_555 E ZN  . ZN ? ? A CYS 127 A ZN  201 1_555 ? ? ? ? ? ? ? 2.369 ? ? 
metalc6  metalc ?    ? A CYS 36 SG  ? ? ? 1_555 F ZN  . ZN ? ? A CYS 127 A ZN  202 1_555 ? ? ? ? ? ? ? 2.400 ? ? 
metalc7  metalc ?    ? A HIS 42 ND1 ? ? ? 1_555 G ZN  . ZN ? ? A HIS 133 A ZN  203 1_555 ? ? ? ? ? ? ? 2.058 ? ? 
metalc8  metalc ?    ? A HIS 45 ND1 ? ? ? 1_555 G ZN  . ZN ? ? A HIS 136 A ZN  203 1_555 ? ? ? ? ? ? ? 2.081 ? ? 
metalc9  metalc ?    ? A CYS 58 SG  ? ? ? 1_555 E ZN  . ZN ? ? A CYS 149 A ZN  201 1_555 ? ? ? ? ? ? ? 2.338 ? ? 
metalc10 metalc ?    ? A CYS 60 SG  ? ? ? 1_555 F ZN  . ZN ? ? A CYS 151 A ZN  202 1_555 ? ? ? ? ? ? ? 2.281 ? ? 
metalc11 metalc ?    ? A CYS 72 SG  ? ? ? 1_555 F ZN  . ZN ? ? A CYS 163 A ZN  202 1_555 ? ? ? ? ? ? ? 2.305 ? ? 
metalc12 metalc ?    ? A HIS 75 ND1 ? ? ? 1_555 F ZN  . ZN ? ? A HIS 166 A ZN  202 1_555 ? ? ? ? ? ? ? 1.998 ? ? 
metalc13 metalc ?    ? B CYS 8  SG  ? ? ? 1_555 I ZN  . ZN ? ? B CYS 99  B ZN  202 1_555 ? ? ? ? ? ? ? 2.281 ? ? 
metalc14 metalc ?    ? B CYS 21 SG  ? ? ? 1_555 J ZN  . ZN ? ? B CYS 112 B ZN  203 1_555 ? ? ? ? ? ? ? 2.302 ? ? 
metalc15 metalc ?    ? B CYS 24 SG  ? ? ? 1_555 J ZN  . ZN ? ? B CYS 115 B ZN  203 1_555 ? ? ? ? ? ? ? 2.297 ? ? 
metalc16 metalc ?    ? B CYS 33 SG  ? ? ? 1_555 I ZN  . ZN ? ? B CYS 124 B ZN  202 1_555 ? ? ? ? ? ? ? 2.336 ? ? 
metalc17 metalc ?    ? B CYS 36 SG  ? ? ? 1_555 H ZN  . ZN ? ? B CYS 127 B ZN  201 1_555 ? ? ? ? ? ? ? 2.344 ? ? 
metalc18 metalc ?    ? B CYS 36 SG  ? ? ? 1_555 I ZN  . ZN ? ? B CYS 127 B ZN  202 1_555 ? ? ? ? ? ? ? 2.393 ? ? 
metalc19 metalc ?    ? B HIS 42 ND1 ? ? ? 1_555 J ZN  . ZN ? ? B HIS 133 B ZN  203 1_555 ? ? ? ? ? ? ? 2.077 ? ? 
metalc20 metalc ?    ? B HIS 45 ND1 ? ? ? 1_555 J ZN  . ZN ? ? B HIS 136 B ZN  203 1_555 ? ? ? ? ? ? ? 2.074 ? ? 
metalc21 metalc ?    ? B CYS 58 SG  ? ? ? 1_555 I ZN  . ZN ? ? B CYS 149 B ZN  202 1_555 ? ? ? ? ? ? ? 2.319 ? ? 
metalc22 metalc ?    ? B CYS 60 SG  ? ? ? 1_555 H ZN  . ZN ? ? B CYS 151 B ZN  201 1_555 ? ? ? ? ? ? ? 2.313 ? ? 
metalc23 metalc ?    ? B CYS 72 SG  ? ? ? 1_555 H ZN  . ZN ? ? B CYS 163 B ZN  201 1_555 ? ? ? ? ? ? ? 2.316 ? ? 
metalc24 metalc ?    ? B HIS 75 ND1 ? ? ? 1_555 H ZN  . ZN ? ? B HIS 166 B ZN  201 1_555 ? ? ? ? ? ? ? 2.039 ? ? 
# 
loop_
_struct_conn_type.id 
_struct_conn_type.criteria 
_struct_conn_type.reference 
covale ? ? 
metalc ? ? 
# 
loop_
_pdbx_struct_conn_angle.id 
_pdbx_struct_conn_angle.ptnr1_label_atom_id 
_pdbx_struct_conn_angle.ptnr1_label_alt_id 
_pdbx_struct_conn_angle.ptnr1_label_asym_id 
_pdbx_struct_conn_angle.ptnr1_label_comp_id 
_pdbx_struct_conn_angle.ptnr1_label_seq_id 
_pdbx_struct_conn_angle.ptnr1_auth_atom_id 
_pdbx_struct_conn_angle.ptnr1_auth_asym_id 
_pdbx_struct_conn_angle.ptnr1_auth_comp_id 
_pdbx_struct_conn_angle.ptnr1_auth_seq_id 
_pdbx_struct_conn_angle.ptnr1_PDB_ins_code 
_pdbx_struct_conn_angle.ptnr1_symmetry 
_pdbx_struct_conn_angle.ptnr2_label_atom_id 
_pdbx_struct_conn_angle.ptnr2_label_alt_id 
_pdbx_struct_conn_angle.ptnr2_label_asym_id 
_pdbx_struct_conn_angle.ptnr2_label_comp_id 
_pdbx_struct_conn_angle.ptnr2_label_seq_id 
_pdbx_struct_conn_angle.ptnr2_auth_atom_id 
_pdbx_struct_conn_angle.ptnr2_auth_asym_id 
_pdbx_struct_conn_angle.ptnr2_auth_comp_id 
_pdbx_struct_conn_angle.ptnr2_auth_seq_id 
_pdbx_struct_conn_angle.ptnr2_PDB_ins_code 
_pdbx_struct_conn_angle.ptnr2_symmetry 
_pdbx_struct_conn_angle.ptnr3_label_atom_id 
_pdbx_struct_conn_angle.ptnr3_label_alt_id 
_pdbx_struct_conn_angle.ptnr3_label_asym_id 
_pdbx_struct_conn_angle.ptnr3_label_comp_id 
_pdbx_struct_conn_angle.ptnr3_label_seq_id 
_pdbx_struct_conn_angle.ptnr3_auth_atom_id 
_pdbx_struct_conn_angle.ptnr3_auth_asym_id 
_pdbx_struct_conn_angle.ptnr3_auth_comp_id 
_pdbx_struct_conn_angle.ptnr3_auth_seq_id 
_pdbx_struct_conn_angle.ptnr3_PDB_ins_code 
_pdbx_struct_conn_angle.ptnr3_symmetry 
_pdbx_struct_conn_angle.value 
_pdbx_struct_conn_angle.value_esd 
1  SG  ? A CYS 8  ? A CYS 99  ? 1_555 ZN ? E ZN . ? A ZN 201 ? 1_555 SG  ? A CYS 33 ? A CYS 124 ? 1_555 117.9 ? 
2  SG  ? A CYS 8  ? A CYS 99  ? 1_555 ZN ? E ZN . ? A ZN 201 ? 1_555 SG  ? A CYS 36 ? A CYS 127 ? 1_555 106.2 ? 
3  SG  ? A CYS 33 ? A CYS 124 ? 1_555 ZN ? E ZN . ? A ZN 201 ? 1_555 SG  ? A CYS 36 ? A CYS 127 ? 1_555 93.2  ? 
4  SG  ? A CYS 8  ? A CYS 99  ? 1_555 ZN ? E ZN . ? A ZN 201 ? 1_555 SG  ? A CYS 58 ? A CYS 149 ? 1_555 111.2 ? 
5  SG  ? A CYS 33 ? A CYS 124 ? 1_555 ZN ? E ZN . ? A ZN 201 ? 1_555 SG  ? A CYS 58 ? A CYS 149 ? 1_555 114.5 ? 
6  SG  ? A CYS 36 ? A CYS 127 ? 1_555 ZN ? E ZN . ? A ZN 201 ? 1_555 SG  ? A CYS 58 ? A CYS 149 ? 1_555 112.1 ? 
7  SG  ? A CYS 21 ? A CYS 112 ? 1_555 ZN ? G ZN . ? A ZN 203 ? 1_555 SG  ? A CYS 24 ? A CYS 115 ? 1_555 112.7 ? 
8  SG  ? A CYS 21 ? A CYS 112 ? 1_555 ZN ? G ZN . ? A ZN 203 ? 1_555 ND1 ? A HIS 42 ? A HIS 133 ? 1_555 114.4 ? 
9  SG  ? A CYS 24 ? A CYS 115 ? 1_555 ZN ? G ZN . ? A ZN 203 ? 1_555 ND1 ? A HIS 42 ? A HIS 133 ? 1_555 105.5 ? 
10 SG  ? A CYS 21 ? A CYS 112 ? 1_555 ZN ? G ZN . ? A ZN 203 ? 1_555 ND1 ? A HIS 45 ? A HIS 136 ? 1_555 111.9 ? 
11 SG  ? A CYS 24 ? A CYS 115 ? 1_555 ZN ? G ZN . ? A ZN 203 ? 1_555 ND1 ? A HIS 45 ? A HIS 136 ? 1_555 103.8 ? 
12 ND1 ? A HIS 42 ? A HIS 133 ? 1_555 ZN ? G ZN . ? A ZN 203 ? 1_555 ND1 ? A HIS 45 ? A HIS 136 ? 1_555 107.8 ? 
13 SG  ? A CYS 36 ? A CYS 127 ? 1_555 ZN ? F ZN . ? A ZN 202 ? 1_555 SG  ? A CYS 60 ? A CYS 151 ? 1_555 109.6 ? 
14 SG  ? A CYS 36 ? A CYS 127 ? 1_555 ZN ? F ZN . ? A ZN 202 ? 1_555 SG  ? A CYS 72 ? A CYS 163 ? 1_555 112.3 ? 
15 SG  ? A CYS 60 ? A CYS 151 ? 1_555 ZN ? F ZN . ? A ZN 202 ? 1_555 SG  ? A CYS 72 ? A CYS 163 ? 1_555 112.3 ? 
16 SG  ? A CYS 36 ? A CYS 127 ? 1_555 ZN ? F ZN . ? A ZN 202 ? 1_555 ND1 ? A HIS 75 ? A HIS 166 ? 1_555 100.3 ? 
17 SG  ? A CYS 60 ? A CYS 151 ? 1_555 ZN ? F ZN . ? A ZN 202 ? 1_555 ND1 ? A HIS 75 ? A HIS 166 ? 1_555 118.4 ? 
18 SG  ? A CYS 72 ? A CYS 163 ? 1_555 ZN ? F ZN . ? A ZN 202 ? 1_555 ND1 ? A HIS 75 ? A HIS 166 ? 1_555 103.3 ? 
19 SG  ? B CYS 8  ? B CYS 99  ? 1_555 ZN ? I ZN . ? B ZN 202 ? 1_555 SG  ? B CYS 33 ? B CYS 124 ? 1_555 117.8 ? 
20 SG  ? B CYS 8  ? B CYS 99  ? 1_555 ZN ? I ZN . ? B ZN 202 ? 1_555 SG  ? B CYS 36 ? B CYS 127 ? 1_555 109.1 ? 
21 SG  ? B CYS 33 ? B CYS 124 ? 1_555 ZN ? I ZN . ? B ZN 202 ? 1_555 SG  ? B CYS 36 ? B CYS 127 ? 1_555 93.8  ? 
22 SG  ? B CYS 8  ? B CYS 99  ? 1_555 ZN ? I ZN . ? B ZN 202 ? 1_555 SG  ? B CYS 58 ? B CYS 149 ? 1_555 110.0 ? 
23 SG  ? B CYS 33 ? B CYS 124 ? 1_555 ZN ? I ZN . ? B ZN 202 ? 1_555 SG  ? B CYS 58 ? B CYS 149 ? 1_555 113.3 ? 
24 SG  ? B CYS 36 ? B CYS 127 ? 1_555 ZN ? I ZN . ? B ZN 202 ? 1_555 SG  ? B CYS 58 ? B CYS 149 ? 1_555 111.8 ? 
25 SG  ? B CYS 21 ? B CYS 112 ? 1_555 ZN ? J ZN . ? B ZN 203 ? 1_555 SG  ? B CYS 24 ? B CYS 115 ? 1_555 119.1 ? 
26 SG  ? B CYS 21 ? B CYS 112 ? 1_555 ZN ? J ZN . ? B ZN 203 ? 1_555 ND1 ? B HIS 42 ? B HIS 133 ? 1_555 112.9 ? 
27 SG  ? B CYS 24 ? B CYS 115 ? 1_555 ZN ? J ZN . ? B ZN 203 ? 1_555 ND1 ? B HIS 42 ? B HIS 133 ? 1_555 103.2 ? 
28 SG  ? B CYS 21 ? B CYS 112 ? 1_555 ZN ? J ZN . ? B ZN 203 ? 1_555 ND1 ? B HIS 45 ? B HIS 136 ? 1_555 110.2 ? 
29 SG  ? B CYS 24 ? B CYS 115 ? 1_555 ZN ? J ZN . ? B ZN 203 ? 1_555 ND1 ? B HIS 45 ? B HIS 136 ? 1_555 103.6 ? 
30 ND1 ? B HIS 42 ? B HIS 133 ? 1_555 ZN ? J ZN . ? B ZN 203 ? 1_555 ND1 ? B HIS 45 ? B HIS 136 ? 1_555 106.8 ? 
31 SG  ? B CYS 36 ? B CYS 127 ? 1_555 ZN ? H ZN . ? B ZN 201 ? 1_555 SG  ? B CYS 60 ? B CYS 151 ? 1_555 111.5 ? 
32 SG  ? B CYS 36 ? B CYS 127 ? 1_555 ZN ? H ZN . ? B ZN 201 ? 1_555 SG  ? B CYS 72 ? B CYS 163 ? 1_555 111.7 ? 
33 SG  ? B CYS 60 ? B CYS 151 ? 1_555 ZN ? H ZN . ? B ZN 201 ? 1_555 SG  ? B CYS 72 ? B CYS 163 ? 1_555 113.4 ? 
34 SG  ? B CYS 36 ? B CYS 127 ? 1_555 ZN ? H ZN . ? B ZN 201 ? 1_555 ND1 ? B HIS 75 ? B HIS 166 ? 1_555 102.3 ? 
35 SG  ? B CYS 60 ? B CYS 151 ? 1_555 ZN ? H ZN . ? B ZN 201 ? 1_555 ND1 ? B HIS 75 ? B HIS 166 ? 1_555 113.3 ? 
36 SG  ? B CYS 72 ? B CYS 163 ? 1_555 ZN ? H ZN . ? B ZN 201 ? 1_555 ND1 ? B HIS 75 ? B HIS 166 ? 1_555 103.9 ? 
# 
loop_
_pdbx_modification_feature.ordinal 
_pdbx_modification_feature.label_comp_id 
_pdbx_modification_feature.label_asym_id 
_pdbx_modification_feature.label_seq_id 
_pdbx_modification_feature.label_alt_id 
_pdbx_modification_feature.modified_residue_label_comp_id 
_pdbx_modification_feature.modified_residue_label_asym_id 
_pdbx_modification_feature.modified_residue_label_seq_id 
_pdbx_modification_feature.modified_residue_label_alt_id 
_pdbx_modification_feature.auth_comp_id 
_pdbx_modification_feature.auth_asym_id 
_pdbx_modification_feature.auth_seq_id 
_pdbx_modification_feature.PDB_ins_code 
_pdbx_modification_feature.symmetry 
_pdbx_modification_feature.modified_residue_auth_comp_id 
_pdbx_modification_feature.modified_residue_auth_asym_id 
_pdbx_modification_feature.modified_residue_auth_seq_id 
_pdbx_modification_feature.modified_residue_PDB_ins_code 
_pdbx_modification_feature.modified_residue_symmetry 
_pdbx_modification_feature.comp_id_linking_atom 
_pdbx_modification_feature.modified_residue_id_linking_atom 
_pdbx_modification_feature.modified_residue_id 
_pdbx_modification_feature.ref_pcm_id 
_pdbx_modification_feature.ref_comp_id 
_pdbx_modification_feature.type 
_pdbx_modification_feature.category 
1 NH2 C 4 ? PHE C 3 ? NH2 D 4 ? 1_555 PHE D 3 ? 1_555 . . PHE 15 NH2 None 'Terminal amidation' 
2 NH2 D 4 ? PHE D 3 ? NH2 E 4 ? 1_555 PHE E 3 ? 1_555 . . PHE 15 NH2 None 'Terminal amidation' 
# 
loop_
_struct_sheet.id 
_struct_sheet.type 
_struct_sheet.number_strands 
_struct_sheet.details 
AA1 ? 3 ? 
AA2 ? 3 ? 
# 
loop_
_struct_sheet_order.sheet_id 
_struct_sheet_order.range_id_1 
_struct_sheet_order.range_id_2 
_struct_sheet_order.offset 
_struct_sheet_order.sense 
AA1 1 2 ? anti-parallel 
AA1 2 3 ? anti-parallel 
AA2 1 2 ? anti-parallel 
AA2 2 3 ? anti-parallel 
# 
loop_
_struct_sheet_range.sheet_id 
_struct_sheet_range.id 
_struct_sheet_range.beg_label_comp_id 
_struct_sheet_range.beg_label_asym_id 
_struct_sheet_range.beg_label_seq_id 
_struct_sheet_range.pdbx_beg_PDB_ins_code 
_struct_sheet_range.end_label_comp_id 
_struct_sheet_range.end_label_asym_id 
_struct_sheet_range.end_label_seq_id 
_struct_sheet_range.pdbx_end_PDB_ins_code 
_struct_sheet_range.beg_auth_comp_id 
_struct_sheet_range.beg_auth_asym_id 
_struct_sheet_range.beg_auth_seq_id 
_struct_sheet_range.end_auth_comp_id 
_struct_sheet_range.end_auth_asym_id 
_struct_sheet_range.end_auth_seq_id 
AA1 1 LEU A 32 ? CYS A 33 ? LEU A 123 CYS A 124 
AA1 2 THR A 17 ? CYS A 21 ? THR A 108 CYS A 112 
AA1 3 TYR A 47 ? THR A 51 ? TYR A 138 THR A 142 
AA2 1 LEU B 32 ? CYS B 33 ? LEU B 123 CYS B 124 
AA2 2 THR B 17 ? CYS B 21 ? THR B 108 CYS B 112 
AA2 3 TYR B 47 ? THR B 51 ? TYR B 138 THR B 142 
# 
loop_
_pdbx_struct_sheet_hbond.sheet_id 
_pdbx_struct_sheet_hbond.range_id_1 
_pdbx_struct_sheet_hbond.range_id_2 
_pdbx_struct_sheet_hbond.range_1_label_atom_id 
_pdbx_struct_sheet_hbond.range_1_label_comp_id 
_pdbx_struct_sheet_hbond.range_1_label_asym_id 
_pdbx_struct_sheet_hbond.range_1_label_seq_id 
_pdbx_struct_sheet_hbond.range_1_PDB_ins_code 
_pdbx_struct_sheet_hbond.range_1_auth_atom_id 
_pdbx_struct_sheet_hbond.range_1_auth_comp_id 
_pdbx_struct_sheet_hbond.range_1_auth_asym_id 
_pdbx_struct_sheet_hbond.range_1_auth_seq_id 
_pdbx_struct_sheet_hbond.range_2_label_atom_id 
_pdbx_struct_sheet_hbond.range_2_label_comp_id 
_pdbx_struct_sheet_hbond.range_2_label_asym_id 
_pdbx_struct_sheet_hbond.range_2_label_seq_id 
_pdbx_struct_sheet_hbond.range_2_PDB_ins_code 
_pdbx_struct_sheet_hbond.range_2_auth_atom_id 
_pdbx_struct_sheet_hbond.range_2_auth_comp_id 
_pdbx_struct_sheet_hbond.range_2_auth_asym_id 
_pdbx_struct_sheet_hbond.range_2_auth_seq_id 
AA1 1 2 O LEU A 32 ? O LEU A 123 N TYR A 19 ? N TYR A 110 
AA1 2 3 N SER A 20 ? N SER A 111 O LYS A 48 ? O LYS A 139 
AA2 1 2 O LEU B 32 ? O LEU B 123 N TYR B 19 ? N TYR B 110 
AA2 2 3 N THR B 18 ? N THR B 109 O HIS B 50 ? O HIS B 141 
# 
_pdbx_entry_details.entry_id                   9DNO 
_pdbx_entry_details.has_ligand_of_interest     Y 
_pdbx_entry_details.compound_details           ? 
_pdbx_entry_details.source_details             ? 
_pdbx_entry_details.nonpolymer_details         ? 
_pdbx_entry_details.sequence_details           ? 
_pdbx_entry_details.has_protein_modification   Y 
# 
_pdbx_validate_close_contact.id               1 
_pdbx_validate_close_contact.PDB_model_num    1 
_pdbx_validate_close_contact.auth_atom_id_1   O 
_pdbx_validate_close_contact.auth_asym_id_1   B 
_pdbx_validate_close_contact.auth_comp_id_1   HOH 
_pdbx_validate_close_contact.auth_seq_id_1    318 
_pdbx_validate_close_contact.PDB_ins_code_1   ? 
_pdbx_validate_close_contact.label_alt_id_1   ? 
_pdbx_validate_close_contact.auth_atom_id_2   O 
_pdbx_validate_close_contact.auth_asym_id_2   E 
_pdbx_validate_close_contact.auth_comp_id_2   HOH 
_pdbx_validate_close_contact.auth_seq_id_2    103 
_pdbx_validate_close_contact.PDB_ins_code_2   ? 
_pdbx_validate_close_contact.label_alt_id_2   ? 
_pdbx_validate_close_contact.dist             1.85 
# 
_pdbx_validate_torsion.id              1 
_pdbx_validate_torsion.PDB_model_num   1 
_pdbx_validate_torsion.auth_comp_id    GLU 
_pdbx_validate_torsion.auth_asym_id    B 
_pdbx_validate_torsion.auth_seq_id     155 
_pdbx_validate_torsion.PDB_ins_code    ? 
_pdbx_validate_torsion.label_alt_id    ? 
_pdbx_validate_torsion.phi             -145.15 
_pdbx_validate_torsion.psi             20.35 
# 
loop_
_space_group_symop.id 
_space_group_symop.operation_xyz 
1 x,y,z       
2 -x,y+1/2,-z 
# 
loop_
_pdbx_unobs_or_zero_occ_residues.id 
_pdbx_unobs_or_zero_occ_residues.PDB_model_num 
_pdbx_unobs_or_zero_occ_residues.polymer_flag 
_pdbx_unobs_or_zero_occ_residues.occupancy_flag 
_pdbx_unobs_or_zero_occ_residues.auth_asym_id 
_pdbx_unobs_or_zero_occ_residues.auth_comp_id 
_pdbx_unobs_or_zero_occ_residues.auth_seq_id 
_pdbx_unobs_or_zero_occ_residues.PDB_ins_code 
_pdbx_unobs_or_zero_occ_residues.label_asym_id 
_pdbx_unobs_or_zero_occ_residues.label_comp_id 
_pdbx_unobs_or_zero_occ_residues.label_seq_id 
1 1 Y 1 B GLY 92 ? B GLY 1 
2 1 Y 1 B PRO 93 ? B PRO 2 
3 1 Y 1 B LEU 94 ? B LEU 3 
4 1 Y 1 B GLY 95 ? B GLY 4 
5 1 Y 1 B SER 96 ? B SER 5 
6 1 Y 1 B GLN 97 ? B GLN 6 
# 
loop_
_chem_comp_atom.comp_id 
_chem_comp_atom.atom_id 
_chem_comp_atom.type_symbol 
_chem_comp_atom.pdbx_aromatic_flag 
_chem_comp_atom.pdbx_stereo_config 
_chem_comp_atom.pdbx_ordinal 
ALA N    N  N N 1   
ALA CA   C  N S 2   
ALA C    C  N N 3   
ALA O    O  N N 4   
ALA CB   C  N N 5   
ALA OXT  O  N N 6   
ALA H    H  N N 7   
ALA H2   H  N N 8   
ALA HA   H  N N 9   
ALA HB1  H  N N 10  
ALA HB2  H  N N 11  
ALA HB3  H  N N 12  
ALA HXT  H  N N 13  
ARG N    N  N N 14  
ARG CA   C  N S 15  
ARG C    C  N N 16  
ARG O    O  N N 17  
ARG CB   C  N N 18  
ARG CG   C  N N 19  
ARG CD   C  N N 20  
ARG NE   N  N N 21  
ARG CZ   C  N N 22  
ARG NH1  N  N N 23  
ARG NH2  N  N N 24  
ARG OXT  O  N N 25  
ARG H    H  N N 26  
ARG H2   H  N N 27  
ARG HA   H  N N 28  
ARG HB2  H  N N 29  
ARG HB3  H  N N 30  
ARG HG2  H  N N 31  
ARG HG3  H  N N 32  
ARG HD2  H  N N 33  
ARG HD3  H  N N 34  
ARG HE   H  N N 35  
ARG HH11 H  N N 36  
ARG HH12 H  N N 37  
ARG HH21 H  N N 38  
ARG HH22 H  N N 39  
ARG HXT  H  N N 40  
ASN N    N  N N 41  
ASN CA   C  N S 42  
ASN C    C  N N 43  
ASN O    O  N N 44  
ASN CB   C  N N 45  
ASN CG   C  N N 46  
ASN OD1  O  N N 47  
ASN ND2  N  N N 48  
ASN OXT  O  N N 49  
ASN H    H  N N 50  
ASN H2   H  N N 51  
ASN HA   H  N N 52  
ASN HB2  H  N N 53  
ASN HB3  H  N N 54  
ASN HD21 H  N N 55  
ASN HD22 H  N N 56  
ASN HXT  H  N N 57  
ASP N    N  N N 58  
ASP CA   C  N S 59  
ASP C    C  N N 60  
ASP O    O  N N 61  
ASP CB   C  N N 62  
ASP CG   C  N N 63  
ASP OD1  O  N N 64  
ASP OD2  O  N N 65  
ASP OXT  O  N N 66  
ASP H    H  N N 67  
ASP H2   H  N N 68  
ASP HA   H  N N 69  
ASP HB2  H  N N 70  
ASP HB3  H  N N 71  
ASP HD2  H  N N 72  
ASP HXT  H  N N 73  
CYS N    N  N N 74  
CYS CA   C  N R 75  
CYS C    C  N N 76  
CYS O    O  N N 77  
CYS CB   C  N N 78  
CYS SG   S  N N 79  
CYS OXT  O  N N 80  
CYS H    H  N N 81  
CYS H2   H  N N 82  
CYS HA   H  N N 83  
CYS HB2  H  N N 84  
CYS HB3  H  N N 85  
CYS HG   H  N N 86  
CYS HXT  H  N N 87  
GLN N    N  N N 88  
GLN CA   C  N S 89  
GLN C    C  N N 90  
GLN O    O  N N 91  
GLN CB   C  N N 92  
GLN CG   C  N N 93  
GLN CD   C  N N 94  
GLN OE1  O  N N 95  
GLN NE2  N  N N 96  
GLN OXT  O  N N 97  
GLN H    H  N N 98  
GLN H2   H  N N 99  
GLN HA   H  N N 100 
GLN HB2  H  N N 101 
GLN HB3  H  N N 102 
GLN HG2  H  N N 103 
GLN HG3  H  N N 104 
GLN HE21 H  N N 105 
GLN HE22 H  N N 106 
GLN HXT  H  N N 107 
GLU N    N  N N 108 
GLU CA   C  N S 109 
GLU C    C  N N 110 
GLU O    O  N N 111 
GLU CB   C  N N 112 
GLU CG   C  N N 113 
GLU CD   C  N N 114 
GLU OE1  O  N N 115 
GLU OE2  O  N N 116 
GLU OXT  O  N N 117 
GLU H    H  N N 118 
GLU H2   H  N N 119 
GLU HA   H  N N 120 
GLU HB2  H  N N 121 
GLU HB3  H  N N 122 
GLU HG2  H  N N 123 
GLU HG3  H  N N 124 
GLU HE2  H  N N 125 
GLU HXT  H  N N 126 
GLY N    N  N N 127 
GLY CA   C  N N 128 
GLY C    C  N N 129 
GLY O    O  N N 130 
GLY OXT  O  N N 131 
GLY H    H  N N 132 
GLY H2   H  N N 133 
GLY HA2  H  N N 134 
GLY HA3  H  N N 135 
GLY HXT  H  N N 136 
HIS N    N  N N 137 
HIS CA   C  N S 138 
HIS C    C  N N 139 
HIS O    O  N N 140 
HIS CB   C  N N 141 
HIS CG   C  Y N 142 
HIS ND1  N  Y N 143 
HIS CD2  C  Y N 144 
HIS CE1  C  Y N 145 
HIS NE2  N  Y N 146 
HIS OXT  O  N N 147 
HIS H    H  N N 148 
HIS H2   H  N N 149 
HIS HA   H  N N 150 
HIS HB2  H  N N 151 
HIS HB3  H  N N 152 
HIS HD1  H  N N 153 
HIS HD2  H  N N 154 
HIS HE1  H  N N 155 
HIS HE2  H  N N 156 
HIS HXT  H  N N 157 
HOH O    O  N N 158 
HOH H1   H  N N 159 
HOH H2   H  N N 160 
ILE N    N  N N 161 
ILE CA   C  N S 162 
ILE C    C  N N 163 
ILE O    O  N N 164 
ILE CB   C  N S 165 
ILE CG1  C  N N 166 
ILE CG2  C  N N 167 
ILE CD1  C  N N 168 
ILE OXT  O  N N 169 
ILE H    H  N N 170 
ILE H2   H  N N 171 
ILE HA   H  N N 172 
ILE HB   H  N N 173 
ILE HG12 H  N N 174 
ILE HG13 H  N N 175 
ILE HG21 H  N N 176 
ILE HG22 H  N N 177 
ILE HG23 H  N N 178 
ILE HD11 H  N N 179 
ILE HD12 H  N N 180 
ILE HD13 H  N N 181 
ILE HXT  H  N N 182 
LEU N    N  N N 183 
LEU CA   C  N S 184 
LEU C    C  N N 185 
LEU O    O  N N 186 
LEU CB   C  N N 187 
LEU CG   C  N N 188 
LEU CD1  C  N N 189 
LEU CD2  C  N N 190 
LEU OXT  O  N N 191 
LEU H    H  N N 192 
LEU H2   H  N N 193 
LEU HA   H  N N 194 
LEU HB2  H  N N 195 
LEU HB3  H  N N 196 
LEU HG   H  N N 197 
LEU HD11 H  N N 198 
LEU HD12 H  N N 199 
LEU HD13 H  N N 200 
LEU HD21 H  N N 201 
LEU HD22 H  N N 202 
LEU HD23 H  N N 203 
LEU HXT  H  N N 204 
LYS N    N  N N 205 
LYS CA   C  N S 206 
LYS C    C  N N 207 
LYS O    O  N N 208 
LYS CB   C  N N 209 
LYS CG   C  N N 210 
LYS CD   C  N N 211 
LYS CE   C  N N 212 
LYS NZ   N  N N 213 
LYS OXT  O  N N 214 
LYS H    H  N N 215 
LYS H2   H  N N 216 
LYS HA   H  N N 217 
LYS HB2  H  N N 218 
LYS HB3  H  N N 219 
LYS HG2  H  N N 220 
LYS HG3  H  N N 221 
LYS HD2  H  N N 222 
LYS HD3  H  N N 223 
LYS HE2  H  N N 224 
LYS HE3  H  N N 225 
LYS HZ1  H  N N 226 
LYS HZ2  H  N N 227 
LYS HZ3  H  N N 228 
LYS HXT  H  N N 229 
MET N    N  N N 230 
MET CA   C  N S 231 
MET C    C  N N 232 
MET O    O  N N 233 
MET CB   C  N N 234 
MET CG   C  N N 235 
MET SD   S  N N 236 
MET CE   C  N N 237 
MET OXT  O  N N 238 
MET H    H  N N 239 
MET H2   H  N N 240 
MET HA   H  N N 241 
MET HB2  H  N N 242 
MET HB3  H  N N 243 
MET HG2  H  N N 244 
MET HG3  H  N N 245 
MET HE1  H  N N 246 
MET HE2  H  N N 247 
MET HE3  H  N N 248 
MET HXT  H  N N 249 
NH2 N    N  N N 250 
NH2 HN1  H  N N 251 
NH2 HN2  H  N N 252 
PHE N    N  N N 253 
PHE CA   C  N S 254 
PHE C    C  N N 255 
PHE O    O  N N 256 
PHE CB   C  N N 257 
PHE CG   C  Y N 258 
PHE CD1  C  Y N 259 
PHE CD2  C  Y N 260 
PHE CE1  C  Y N 261 
PHE CE2  C  Y N 262 
PHE CZ   C  Y N 263 
PHE OXT  O  N N 264 
PHE H    H  N N 265 
PHE H2   H  N N 266 
PHE HA   H  N N 267 
PHE HB2  H  N N 268 
PHE HB3  H  N N 269 
PHE HD1  H  N N 270 
PHE HD2  H  N N 271 
PHE HE1  H  N N 272 
PHE HE2  H  N N 273 
PHE HZ   H  N N 274 
PHE HXT  H  N N 275 
PRO N    N  N N 276 
PRO CA   C  N S 277 
PRO C    C  N N 278 
PRO O    O  N N 279 
PRO CB   C  N N 280 
PRO CG   C  N N 281 
PRO CD   C  N N 282 
PRO OXT  O  N N 283 
PRO H    H  N N 284 
PRO HA   H  N N 285 
PRO HB2  H  N N 286 
PRO HB3  H  N N 287 
PRO HG2  H  N N 288 
PRO HG3  H  N N 289 
PRO HD2  H  N N 290 
PRO HD3  H  N N 291 
PRO HXT  H  N N 292 
SER N    N  N N 293 
SER CA   C  N S 294 
SER C    C  N N 295 
SER O    O  N N 296 
SER CB   C  N N 297 
SER OG   O  N N 298 
SER OXT  O  N N 299 
SER H    H  N N 300 
SER H2   H  N N 301 
SER HA   H  N N 302 
SER HB2  H  N N 303 
SER HB3  H  N N 304 
SER HG   H  N N 305 
SER HXT  H  N N 306 
THR N    N  N N 307 
THR CA   C  N S 308 
THR C    C  N N 309 
THR O    O  N N 310 
THR CB   C  N R 311 
THR OG1  O  N N 312 
THR CG2  C  N N 313 
THR OXT  O  N N 314 
THR H    H  N N 315 
THR H2   H  N N 316 
THR HA   H  N N 317 
THR HB   H  N N 318 
THR HG1  H  N N 319 
THR HG21 H  N N 320 
THR HG22 H  N N 321 
THR HG23 H  N N 322 
THR HXT  H  N N 323 
TRP N    N  N N 324 
TRP CA   C  N S 325 
TRP C    C  N N 326 
TRP O    O  N N 327 
TRP CB   C  N N 328 
TRP CG   C  Y N 329 
TRP CD1  C  Y N 330 
TRP CD2  C  Y N 331 
TRP NE1  N  Y N 332 
TRP CE2  C  Y N 333 
TRP CE3  C  Y N 334 
TRP CZ2  C  Y N 335 
TRP CZ3  C  Y N 336 
TRP CH2  C  Y N 337 
TRP OXT  O  N N 338 
TRP H    H  N N 339 
TRP H2   H  N N 340 
TRP HA   H  N N 341 
TRP HB2  H  N N 342 
TRP HB3  H  N N 343 
TRP HD1  H  N N 344 
TRP HE1  H  N N 345 
TRP HE3  H  N N 346 
TRP HZ2  H  N N 347 
TRP HZ3  H  N N 348 
TRP HH2  H  N N 349 
TRP HXT  H  N N 350 
TYR N    N  N N 351 
TYR CA   C  N S 352 
TYR C    C  N N 353 
TYR O    O  N N 354 
TYR CB   C  N N 355 
TYR CG   C  Y N 356 
TYR CD1  C  Y N 357 
TYR CD2  C  Y N 358 
TYR CE1  C  Y N 359 
TYR CE2  C  Y N 360 
TYR CZ   C  Y N 361 
TYR OH   O  N N 362 
TYR OXT  O  N N 363 
TYR H    H  N N 364 
TYR H2   H  N N 365 
TYR HA   H  N N 366 
TYR HB2  H  N N 367 
TYR HB3  H  N N 368 
TYR HD1  H  N N 369 
TYR HD2  H  N N 370 
TYR HE1  H  N N 371 
TYR HE2  H  N N 372 
TYR HH   H  N N 373 
TYR HXT  H  N N 374 
VAL N    N  N N 375 
VAL CA   C  N S 376 
VAL C    C  N N 377 
VAL O    O  N N 378 
VAL CB   C  N N 379 
VAL CG1  C  N N 380 
VAL CG2  C  N N 381 
VAL OXT  O  N N 382 
VAL H    H  N N 383 
VAL H2   H  N N 384 
VAL HA   H  N N 385 
VAL HB   H  N N 386 
VAL HG11 H  N N 387 
VAL HG12 H  N N 388 
VAL HG13 H  N N 389 
VAL HG21 H  N N 390 
VAL HG22 H  N N 391 
VAL HG23 H  N N 392 
VAL HXT  H  N N 393 
ZN  ZN   ZN N N 394 
# 
loop_
_chem_comp_bond.comp_id 
_chem_comp_bond.atom_id_1 
_chem_comp_bond.atom_id_2 
_chem_comp_bond.value_order 
_chem_comp_bond.pdbx_aromatic_flag 
_chem_comp_bond.pdbx_stereo_config 
_chem_comp_bond.pdbx_ordinal 
ALA N   CA   sing N N 1   
ALA N   H    sing N N 2   
ALA N   H2   sing N N 3   
ALA CA  C    sing N N 4   
ALA CA  CB   sing N N 5   
ALA CA  HA   sing N N 6   
ALA C   O    doub N N 7   
ALA C   OXT  sing N N 8   
ALA CB  HB1  sing N N 9   
ALA CB  HB2  sing N N 10  
ALA CB  HB3  sing N N 11  
ALA OXT HXT  sing N N 12  
ARG N   CA   sing N N 13  
ARG N   H    sing N N 14  
ARG N   H2   sing N N 15  
ARG CA  C    sing N N 16  
ARG CA  CB   sing N N 17  
ARG CA  HA   sing N N 18  
ARG C   O    doub N N 19  
ARG C   OXT  sing N N 20  
ARG CB  CG   sing N N 21  
ARG CB  HB2  sing N N 22  
ARG CB  HB3  sing N N 23  
ARG CG  CD   sing N N 24  
ARG CG  HG2  sing N N 25  
ARG CG  HG3  sing N N 26  
ARG CD  NE   sing N N 27  
ARG CD  HD2  sing N N 28  
ARG CD  HD3  sing N N 29  
ARG NE  CZ   sing N N 30  
ARG NE  HE   sing N N 31  
ARG CZ  NH1  sing N N 32  
ARG CZ  NH2  doub N N 33  
ARG NH1 HH11 sing N N 34  
ARG NH1 HH12 sing N N 35  
ARG NH2 HH21 sing N N 36  
ARG NH2 HH22 sing N N 37  
ARG OXT HXT  sing N N 38  
ASN N   CA   sing N N 39  
ASN N   H    sing N N 40  
ASN N   H2   sing N N 41  
ASN CA  C    sing N N 42  
ASN CA  CB   sing N N 43  
ASN CA  HA   sing N N 44  
ASN C   O    doub N N 45  
ASN C   OXT  sing N N 46  
ASN CB  CG   sing N N 47  
ASN CB  HB2  sing N N 48  
ASN CB  HB3  sing N N 49  
ASN CG  OD1  doub N N 50  
ASN CG  ND2  sing N N 51  
ASN ND2 HD21 sing N N 52  
ASN ND2 HD22 sing N N 53  
ASN OXT HXT  sing N N 54  
ASP N   CA   sing N N 55  
ASP N   H    sing N N 56  
ASP N   H2   sing N N 57  
ASP CA  C    sing N N 58  
ASP CA  CB   sing N N 59  
ASP CA  HA   sing N N 60  
ASP C   O    doub N N 61  
ASP C   OXT  sing N N 62  
ASP CB  CG   sing N N 63  
ASP CB  HB2  sing N N 64  
ASP CB  HB3  sing N N 65  
ASP CG  OD1  doub N N 66  
ASP CG  OD2  sing N N 67  
ASP OD2 HD2  sing N N 68  
ASP OXT HXT  sing N N 69  
CYS N   CA   sing N N 70  
CYS N   H    sing N N 71  
CYS N   H2   sing N N 72  
CYS CA  C    sing N N 73  
CYS CA  CB   sing N N 74  
CYS CA  HA   sing N N 75  
CYS C   O    doub N N 76  
CYS C   OXT  sing N N 77  
CYS CB  SG   sing N N 78  
CYS CB  HB2  sing N N 79  
CYS CB  HB3  sing N N 80  
CYS SG  HG   sing N N 81  
CYS OXT HXT  sing N N 82  
GLN N   CA   sing N N 83  
GLN N   H    sing N N 84  
GLN N   H2   sing N N 85  
GLN CA  C    sing N N 86  
GLN CA  CB   sing N N 87  
GLN CA  HA   sing N N 88  
GLN C   O    doub N N 89  
GLN C   OXT  sing N N 90  
GLN CB  CG   sing N N 91  
GLN CB  HB2  sing N N 92  
GLN CB  HB3  sing N N 93  
GLN CG  CD   sing N N 94  
GLN CG  HG2  sing N N 95  
GLN CG  HG3  sing N N 96  
GLN CD  OE1  doub N N 97  
GLN CD  NE2  sing N N 98  
GLN NE2 HE21 sing N N 99  
GLN NE2 HE22 sing N N 100 
GLN OXT HXT  sing N N 101 
GLU N   CA   sing N N 102 
GLU N   H    sing N N 103 
GLU N   H2   sing N N 104 
GLU CA  C    sing N N 105 
GLU CA  CB   sing N N 106 
GLU CA  HA   sing N N 107 
GLU C   O    doub N N 108 
GLU C   OXT  sing N N 109 
GLU CB  CG   sing N N 110 
GLU CB  HB2  sing N N 111 
GLU CB  HB3  sing N N 112 
GLU CG  CD   sing N N 113 
GLU CG  HG2  sing N N 114 
GLU CG  HG3  sing N N 115 
GLU CD  OE1  doub N N 116 
GLU CD  OE2  sing N N 117 
GLU OE2 HE2  sing N N 118 
GLU OXT HXT  sing N N 119 
GLY N   CA   sing N N 120 
GLY N   H    sing N N 121 
GLY N   H2   sing N N 122 
GLY CA  C    sing N N 123 
GLY CA  HA2  sing N N 124 
GLY CA  HA3  sing N N 125 
GLY C   O    doub N N 126 
GLY C   OXT  sing N N 127 
GLY OXT HXT  sing N N 128 
HIS N   CA   sing N N 129 
HIS N   H    sing N N 130 
HIS N   H2   sing N N 131 
HIS CA  C    sing N N 132 
HIS CA  CB   sing N N 133 
HIS CA  HA   sing N N 134 
HIS C   O    doub N N 135 
HIS C   OXT  sing N N 136 
HIS CB  CG   sing N N 137 
HIS CB  HB2  sing N N 138 
HIS CB  HB3  sing N N 139 
HIS CG  ND1  sing Y N 140 
HIS CG  CD2  doub Y N 141 
HIS ND1 CE1  doub Y N 142 
HIS ND1 HD1  sing N N 143 
HIS CD2 NE2  sing Y N 144 
HIS CD2 HD2  sing N N 145 
HIS CE1 NE2  sing Y N 146 
HIS CE1 HE1  sing N N 147 
HIS NE2 HE2  sing N N 148 
HIS OXT HXT  sing N N 149 
HOH O   H1   sing N N 150 
HOH O   H2   sing N N 151 
ILE N   CA   sing N N 152 
ILE N   H    sing N N 153 
ILE N   H2   sing N N 154 
ILE CA  C    sing N N 155 
ILE CA  CB   sing N N 156 
ILE CA  HA   sing N N 157 
ILE C   O    doub N N 158 
ILE C   OXT  sing N N 159 
ILE CB  CG1  sing N N 160 
ILE CB  CG2  sing N N 161 
ILE CB  HB   sing N N 162 
ILE CG1 CD1  sing N N 163 
ILE CG1 HG12 sing N N 164 
ILE CG1 HG13 sing N N 165 
ILE CG2 HG21 sing N N 166 
ILE CG2 HG22 sing N N 167 
ILE CG2 HG23 sing N N 168 
ILE CD1 HD11 sing N N 169 
ILE CD1 HD12 sing N N 170 
ILE CD1 HD13 sing N N 171 
ILE OXT HXT  sing N N 172 
LEU N   CA   sing N N 173 
LEU N   H    sing N N 174 
LEU N   H2   sing N N 175 
LEU CA  C    sing N N 176 
LEU CA  CB   sing N N 177 
LEU CA  HA   sing N N 178 
LEU C   O    doub N N 179 
LEU C   OXT  sing N N 180 
LEU CB  CG   sing N N 181 
LEU CB  HB2  sing N N 182 
LEU CB  HB3  sing N N 183 
LEU CG  CD1  sing N N 184 
LEU CG  CD2  sing N N 185 
LEU CG  HG   sing N N 186 
LEU CD1 HD11 sing N N 187 
LEU CD1 HD12 sing N N 188 
LEU CD1 HD13 sing N N 189 
LEU CD2 HD21 sing N N 190 
LEU CD2 HD22 sing N N 191 
LEU CD2 HD23 sing N N 192 
LEU OXT HXT  sing N N 193 
LYS N   CA   sing N N 194 
LYS N   H    sing N N 195 
LYS N   H2   sing N N 196 
LYS CA  C    sing N N 197 
LYS CA  CB   sing N N 198 
LYS CA  HA   sing N N 199 
LYS C   O    doub N N 200 
LYS C   OXT  sing N N 201 
LYS CB  CG   sing N N 202 
LYS CB  HB2  sing N N 203 
LYS CB  HB3  sing N N 204 
LYS CG  CD   sing N N 205 
LYS CG  HG2  sing N N 206 
LYS CG  HG3  sing N N 207 
LYS CD  CE   sing N N 208 
LYS CD  HD2  sing N N 209 
LYS CD  HD3  sing N N 210 
LYS CE  NZ   sing N N 211 
LYS CE  HE2  sing N N 212 
LYS CE  HE3  sing N N 213 
LYS NZ  HZ1  sing N N 214 
LYS NZ  HZ2  sing N N 215 
LYS NZ  HZ3  sing N N 216 
LYS OXT HXT  sing N N 217 
MET N   CA   sing N N 218 
MET N   H    sing N N 219 
MET N   H2   sing N N 220 
MET CA  C    sing N N 221 
MET CA  CB   sing N N 222 
MET CA  HA   sing N N 223 
MET C   O    doub N N 224 
MET C   OXT  sing N N 225 
MET CB  CG   sing N N 226 
MET CB  HB2  sing N N 227 
MET CB  HB3  sing N N 228 
MET CG  SD   sing N N 229 
MET CG  HG2  sing N N 230 
MET CG  HG3  sing N N 231 
MET SD  CE   sing N N 232 
MET CE  HE1  sing N N 233 
MET CE  HE2  sing N N 234 
MET CE  HE3  sing N N 235 
MET OXT HXT  sing N N 236 
NH2 N   HN1  sing N N 237 
NH2 N   HN2  sing N N 238 
PHE N   CA   sing N N 239 
PHE N   H    sing N N 240 
PHE N   H2   sing N N 241 
PHE CA  C    sing N N 242 
PHE CA  CB   sing N N 243 
PHE CA  HA   sing N N 244 
PHE C   O    doub N N 245 
PHE C   OXT  sing N N 246 
PHE CB  CG   sing N N 247 
PHE CB  HB2  sing N N 248 
PHE CB  HB3  sing N N 249 
PHE CG  CD1  doub Y N 250 
PHE CG  CD2  sing Y N 251 
PHE CD1 CE1  sing Y N 252 
PHE CD1 HD1  sing N N 253 
PHE CD2 CE2  doub Y N 254 
PHE CD2 HD2  sing N N 255 
PHE CE1 CZ   doub Y N 256 
PHE CE1 HE1  sing N N 257 
PHE CE2 CZ   sing Y N 258 
PHE CE2 HE2  sing N N 259 
PHE CZ  HZ   sing N N 260 
PHE OXT HXT  sing N N 261 
PRO N   CA   sing N N 262 
PRO N   CD   sing N N 263 
PRO N   H    sing N N 264 
PRO CA  C    sing N N 265 
PRO CA  CB   sing N N 266 
PRO CA  HA   sing N N 267 
PRO C   O    doub N N 268 
PRO C   OXT  sing N N 269 
PRO CB  CG   sing N N 270 
PRO CB  HB2  sing N N 271 
PRO CB  HB3  sing N N 272 
PRO CG  CD   sing N N 273 
PRO CG  HG2  sing N N 274 
PRO CG  HG3  sing N N 275 
PRO CD  HD2  sing N N 276 
PRO CD  HD3  sing N N 277 
PRO OXT HXT  sing N N 278 
SER N   CA   sing N N 279 
SER N   H    sing N N 280 
SER N   H2   sing N N 281 
SER CA  C    sing N N 282 
SER CA  CB   sing N N 283 
SER CA  HA   sing N N 284 
SER C   O    doub N N 285 
SER C   OXT  sing N N 286 
SER CB  OG   sing N N 287 
SER CB  HB2  sing N N 288 
SER CB  HB3  sing N N 289 
SER OG  HG   sing N N 290 
SER OXT HXT  sing N N 291 
THR N   CA   sing N N 292 
THR N   H    sing N N 293 
THR N   H2   sing N N 294 
THR CA  C    sing N N 295 
THR CA  CB   sing N N 296 
THR CA  HA   sing N N 297 
THR C   O    doub N N 298 
THR C   OXT  sing N N 299 
THR CB  OG1  sing N N 300 
THR CB  CG2  sing N N 301 
THR CB  HB   sing N N 302 
THR OG1 HG1  sing N N 303 
THR CG2 HG21 sing N N 304 
THR CG2 HG22 sing N N 305 
THR CG2 HG23 sing N N 306 
THR OXT HXT  sing N N 307 
TRP N   CA   sing N N 308 
TRP N   H    sing N N 309 
TRP N   H2   sing N N 310 
TRP CA  C    sing N N 311 
TRP CA  CB   sing N N 312 
TRP CA  HA   sing N N 313 
TRP C   O    doub N N 314 
TRP C   OXT  sing N N 315 
TRP CB  CG   sing N N 316 
TRP CB  HB2  sing N N 317 
TRP CB  HB3  sing N N 318 
TRP CG  CD1  doub Y N 319 
TRP CG  CD2  sing Y N 320 
TRP CD1 NE1  sing Y N 321 
TRP CD1 HD1  sing N N 322 
TRP CD2 CE2  doub Y N 323 
TRP CD2 CE3  sing Y N 324 
TRP NE1 CE2  sing Y N 325 
TRP NE1 HE1  sing N N 326 
TRP CE2 CZ2  sing Y N 327 
TRP CE3 CZ3  doub Y N 328 
TRP CE3 HE3  sing N N 329 
TRP CZ2 CH2  doub Y N 330 
TRP CZ2 HZ2  sing N N 331 
TRP CZ3 CH2  sing Y N 332 
TRP CZ3 HZ3  sing N N 333 
TRP CH2 HH2  sing N N 334 
TRP OXT HXT  sing N N 335 
TYR N   CA   sing N N 336 
TYR N   H    sing N N 337 
TYR N   H2   sing N N 338 
TYR CA  C    sing N N 339 
TYR CA  CB   sing N N 340 
TYR CA  HA   sing N N 341 
TYR C   O    doub N N 342 
TYR C   OXT  sing N N 343 
TYR CB  CG   sing N N 344 
TYR CB  HB2  sing N N 345 
TYR CB  HB3  sing N N 346 
TYR CG  CD1  doub Y N 347 
TYR CG  CD2  sing Y N 348 
TYR CD1 CE1  sing Y N 349 
TYR CD1 HD1  sing N N 350 
TYR CD2 CE2  doub Y N 351 
TYR CD2 HD2  sing N N 352 
TYR CE1 CZ   doub Y N 353 
TYR CE1 HE1  sing N N 354 
TYR CE2 CZ   sing Y N 355 
TYR CE2 HE2  sing N N 356 
TYR CZ  OH   sing N N 357 
TYR OH  HH   sing N N 358 
TYR OXT HXT  sing N N 359 
VAL N   CA   sing N N 360 
VAL N   H    sing N N 361 
VAL N   H2   sing N N 362 
VAL CA  C    sing N N 363 
VAL CA  CB   sing N N 364 
VAL CA  HA   sing N N 365 
VAL C   O    doub N N 366 
VAL C   OXT  sing N N 367 
VAL CB  CG1  sing N N 368 
VAL CB  CG2  sing N N 369 
VAL CB  HB   sing N N 370 
VAL CG1 HG11 sing N N 371 
VAL CG1 HG12 sing N N 372 
VAL CG1 HG13 sing N N 373 
VAL CG2 HG21 sing N N 374 
VAL CG2 HG22 sing N N 375 
VAL CG2 HG23 sing N N 376 
VAL OXT HXT  sing N N 377 
# 
loop_
_pdbx_audit_support.funding_organization 
_pdbx_audit_support.country 
_pdbx_audit_support.grant_number 
_pdbx_audit_support.ordinal 
'Department of Defense (DOD, United States)'                        'United States' HT9425-23-1-0560 1 
'Department of Defense (DOD, United States)'                        'United States' PA220024P1       2 
'National Institutes of Health/National Cancer Institute (NIH/NCI)' 'United States' 'R01 CA265410'   3 
'National Institutes of Health/National Cancer Institute (NIH/NCI)' 'United States' 'R01 CA212119'   4 
# 
_pdbx_initial_refinement_model.id               1 
_pdbx_initial_refinement_model.entity_id_list   ? 
_pdbx_initial_refinement_model.type             'experimental model' 
_pdbx_initial_refinement_model.source_name      PDB 
_pdbx_initial_refinement_model.accession_code   3NY1 
_pdbx_initial_refinement_model.details          ? 
# 
_space_group.name_H-M_alt     'P 1 21 1' 
_space_group.name_Hall        'P 2yb' 
_space_group.IT_number        4 
_space_group.crystal_system   monoclinic 
_space_group.id               1 
# 
_atom_sites.entry_id                    9DNO 
_atom_sites.Cartn_transf_matrix[1][1]   ? 
_atom_sites.Cartn_transf_matrix[1][2]   ? 
_atom_sites.Cartn_transf_matrix[1][3]   ? 
_atom_sites.Cartn_transf_matrix[2][1]   ? 
_atom_sites.Cartn_transf_matrix[2][2]   ? 
_atom_sites.Cartn_transf_matrix[2][3]   ? 
_atom_sites.Cartn_transf_matrix[3][1]   ? 
_atom_sites.Cartn_transf_matrix[3][2]   ? 
_atom_sites.Cartn_transf_matrix[3][3]   ? 
_atom_sites.Cartn_transf_vector[1]      ? 
_atom_sites.Cartn_transf_vector[2]      ? 
_atom_sites.Cartn_transf_vector[3]      ? 
_atom_sites.Cartn_transform_axes        ? 
_atom_sites.fract_transf_matrix[1][1]   -0.00173860 
_atom_sites.fract_transf_matrix[1][2]   -0.03081668 
_atom_sites.fract_transf_matrix[1][3]   0.01735486 
_atom_sites.fract_transf_matrix[2][1]   0.01258294 
_atom_sites.fract_transf_matrix[2][2]   0.00735187 
_atom_sites.fract_transf_matrix[2][3]   0.01431513 
_atom_sites.fract_transf_matrix[3][1]   -0.01603977 
_atom_sites.fract_transf_matrix[3][2]   0.00145604 
_atom_sites.fract_transf_matrix[3][3]   0.01335111 
_atom_sites.fract_transf_vector[1]      0.261971 
_atom_sites.fract_transf_vector[2]      -0.199938 
_atom_sites.fract_transf_vector[3]      -0.213940 
_atom_sites.solution_primary            ? 
_atom_sites.solution_secondary          ? 
_atom_sites.solution_hydrogens          ? 
_atom_sites.special_details             ? 
# 
loop_
_atom_type.symbol 
_atom_type.scat_dispersion_real 
_atom_type.scat_dispersion_imag 
_atom_type.scat_Cromer_Mann_a1 
_atom_type.scat_Cromer_Mann_a2 
_atom_type.scat_Cromer_Mann_a3 
_atom_type.scat_Cromer_Mann_a4 
_atom_type.scat_Cromer_Mann_b1 
_atom_type.scat_Cromer_Mann_b2 
_atom_type.scat_Cromer_Mann_b3 
_atom_type.scat_Cromer_Mann_b4 
_atom_type.scat_Cromer_Mann_c 
_atom_type.scat_source 
_atom_type.scat_dispersion_source 
C  ? ? 3.54356  2.42580 ? ? 25.62398 1.50364  ? ? 0.0 
;2-Gaussian fit: Grosse-Kunstleve RW, Sauter NK, Adams PD: Newsletter of the IUCr Commission on Crystallographic Computing 2004, 3, 22-31.
;
? 
N  ? ? 4.01032  2.96436 ? ? 19.97189 1.75589  ? ? 0.0 
;2-Gaussian fit: Grosse-Kunstleve RW, Sauter NK, Adams PD: Newsletter of the IUCr Commission on Crystallographic Computing 2004, 3, 22-31.
;
? 
O  ? ? 4.49882  3.47563 ? ? 15.80542 1.70748  ? ? 0.0 
;2-Gaussian fit: Grosse-Kunstleve RW, Sauter NK, Adams PD: Newsletter of the IUCr Commission on Crystallographic Computing 2004, 3, 22-31.
;
? 
S  ? ? 9.55732  6.39887 ? ? 1.23737  29.19336 ? ? 0.0 
;2-Gaussian fit: Grosse-Kunstleve RW, Sauter NK, Adams PD: Newsletter of the IUCr Commission on Crystallographic Computing 2004, 3, 22-31.
;
? 
ZN ? ? 24.64596 5.25405 ? ? 2.14387  29.76375 ? ? 0.0 
;2-Gaussian fit: Grosse-Kunstleve RW, Sauter NK, Adams PD: Newsletter of the IUCr Commission on Crystallographic Computing 2004, 3, 22-31.
;
? 
# 
loop_
_atom_site.group_PDB 
_atom_site.id 
_atom_site.type_symbol 
_atom_site.label_atom_id 
_atom_site.label_alt_id 
_atom_site.label_comp_id 
_atom_site.label_asym_id 
_atom_site.label_entity_id 
_atom_site.label_seq_id 
_atom_site.pdbx_PDB_ins_code 
_atom_site.Cartn_x 
_atom_site.Cartn_y 
_atom_site.Cartn_z 
_atom_site.occupancy 
_atom_site.B_iso_or_equiv 
_atom_site.pdbx_formal_charge 
_atom_site.auth_seq_id 
_atom_site.auth_comp_id 
_atom_site.auth_asym_id 
_atom_site.auth_atom_id 
_atom_site.pdbx_PDB_model_num 
ATOM   1    N  N   . GLY A 1 1  ? 0.216   13.105  2.133   1.00 30.25 ? 92  GLY A N   1 
ATOM   2    C  CA  . GLY A 1 1  ? -0.884  14.047  2.223   1.00 27.84 ? 92  GLY A CA  1 
ATOM   3    C  C   . GLY A 1 1  ? -0.418  15.467  2.484   1.00 28.78 ? 92  GLY A C   1 
ATOM   4    O  O   . GLY A 1 1  ? 0.748   15.679  2.830   1.00 25.81 ? 92  GLY A O   1 
ATOM   5    N  N   . PRO A 1 2  ? -1.334  16.430  2.329   1.00 25.63 ? 93  PRO A N   1 
ATOM   6    C  CA  . PRO A 1 2  ? -0.941  17.853  2.406   1.00 27.01 ? 93  PRO A CA  1 
ATOM   7    C  C   . PRO A 1 2  ? -0.293  18.264  3.715   1.00 27.03 ? 93  PRO A C   1 
ATOM   8    O  O   . PRO A 1 2  ? 0.579   19.148  3.718   1.00 25.11 ? 93  PRO A O   1 
ATOM   9    C  CB  . PRO A 1 2  ? -2.270  18.591  2.185   1.00 26.09 ? 93  PRO A CB  1 
ATOM   10   C  CG  . PRO A 1 2  ? -3.112  17.628  1.426   1.00 26.36 ? 93  PRO A CG  1 
ATOM   11   C  CD  . PRO A 1 2  ? -2.747  16.267  1.952   1.00 26.64 ? 93  PRO A CD  1 
ATOM   12   N  N   . LEU A 1 3  ? -0.691  17.676  4.837   1.00 23.65 ? 94  LEU A N   1 
ATOM   13   C  CA  . LEU A 1 3  ? -0.134  18.052  6.127   1.00 23.51 ? 94  LEU A CA  1 
ATOM   14   C  C   . LEU A 1 3  ? 0.736   16.954  6.708   1.00 25.05 ? 94  LEU A C   1 
ATOM   15   O  O   . LEU A 1 3  ? 1.203   17.074  7.845   1.00 31.51 ? 94  LEU A O   1 
ATOM   16   C  CB  . LEU A 1 3  ? -1.250  18.433  7.097   1.00 24.10 ? 94  LEU A CB  1 
ATOM   17   C  CG  . LEU A 1 3  ? -1.894  19.797  6.842   1.00 25.97 ? 94  LEU A CG  1 
ATOM   18   C  CD1 . LEU A 1 3  ? -3.234  19.856  7.521   1.00 30.77 ? 94  LEU A CD1 1 
ATOM   19   C  CD2 . LEU A 1 3  ? -0.991  20.943  7.306   1.00 27.50 ? 94  LEU A CD2 1 
ATOM   20   N  N   . GLY A 1 4  ? 0.992   15.901  5.932   1.00 26.16 ? 95  GLY A N   1 
ATOM   21   C  CA  . GLY A 1 4  ? 1.675   14.717  6.412   1.00 29.12 ? 95  GLY A CA  1 
ATOM   22   C  C   . GLY A 1 4  ? 0.813   13.481  6.201   1.00 27.76 ? 95  GLY A C   1 
ATOM   23   O  O   . GLY A 1 4  ? 0.200   13.311  5.145   1.00 24.45 ? 95  GLY A O   1 
ATOM   24   N  N   . SER A 1 5  ? 0.755   12.642  7.229   1.00 23.67 ? 96  SER A N   1 
ATOM   25   C  CA  . SER A 1 5  ? -0.056  11.439  7.162   1.00 23.02 ? 96  SER A CA  1 
ATOM   26   C  C   . SER A 1 5  ? -1.542  11.793  7.158   1.00 27.46 ? 96  SER A C   1 
ATOM   27   O  O   . SER A 1 5  ? -1.950  12.902  7.515   1.00 25.05 ? 96  SER A O   1 
ATOM   28   C  CB  . SER A 1 5  ? 0.266   10.532  8.348   1.00 23.71 ? 96  SER A CB  1 
ATOM   29   O  OG  . SER A 1 5  ? -0.063  11.143  9.585   1.00 28.20 ? 96  SER A OG  1 
ATOM   30   N  N   . GLN A 1 6  ? -2.357  10.831  6.739   1.00 22.74 ? 97  GLN A N   1 
ATOM   31   C  CA  . GLN A 1 6  ? -3.798  11.031  6.628   1.00 21.63 ? 97  GLN A CA  1 
ATOM   32   C  C   . GLN A 1 6  ? -4.535  9.948   7.394   1.00 22.50 ? 97  GLN A C   1 
ATOM   33   O  O   . GLN A 1 6  ? -4.088  8.797   7.449   1.00 20.30 ? 97  GLN A O   1 
ATOM   34   C  CB  . GLN A 1 6  ? -4.256  10.965  5.175   1.00 22.54 ? 97  GLN A CB  1 
ATOM   35   C  CG  . GLN A 1 6  ? -3.846  12.160  4.341   1.00 23.22 ? 97  GLN A CG  1 
ATOM   36   C  CD  . GLN A 1 6  ? -3.952  11.896  2.857   1.00 24.89 ? 97  GLN A CD  1 
ATOM   37   O  OE1 . GLN A 1 6  ? -3.566  10.832  2.360   1.00 24.95 ? 97  GLN A OE1 1 
ATOM   38   N  NE2 . GLN A 1 6  ? -4.477  12.872  2.129   1.00 26.47 ? 97  GLN A NE2 1 
ATOM   39   N  N   . LEU A 1 7  ? -5.652  10.336  8.001   1.00 20.75 ? 98  LEU A N   1 
ATOM   40   C  CA  . LEU A 1 7  ? -6.618  9.401   8.559   1.00 20.09 ? 98  LEU A CA  1 
ATOM   41   C  C   . LEU A 1 7  ? -7.631  9.105   7.459   1.00 17.91 ? 98  LEU A C   1 
ATOM   42   O  O   . LEU A 1 7  ? -8.254  10.031  6.929   1.00 21.85 ? 98  LEU A O   1 
ATOM   43   C  CB  . LEU A 1 7  ? -7.353  10.061  9.725   1.00 24.13 ? 98  LEU A CB  1 
ATOM   44   C  CG  . LEU A 1 7  ? -6.695  10.095  11.101  1.00 26.39 ? 98  LEU A CG  1 
ATOM   45   C  CD1 . LEU A 1 7  ? -7.564  10.904  12.042  1.00 28.33 ? 98  LEU A CD1 1 
ATOM   46   C  CD2 . LEU A 1 7  ? -6.503  8.696   11.649  1.00 26.67 ? 98  LEU A CD2 1 
ATOM   47   N  N   . CYS A 1 8  ? -7.819  7.825   7.120   1.00 18.16 ? 99  CYS A N   1 
ATOM   48   C  CA  . CYS A 1 8  ? -8.756  7.501   6.047   1.00 13.29 ? 99  CYS A CA  1 
ATOM   49   C  C   . CYS A 1 8  ? -10.166 7.981   6.382   1.00 16.90 ? 99  CYS A C   1 
ATOM   50   O  O   . CYS A 1 8  ? -10.765 8.768   5.634   1.00 18.40 ? 99  CYS A O   1 
ATOM   51   C  CB  . CYS A 1 8  ? -8.759  6.000   5.790   1.00 14.20 ? 99  CYS A CB  1 
ATOM   52   S  SG  . CYS A 1 8  ? -10.031 5.548   4.568   1.00 15.17 ? 99  CYS A SG  1 
ATOM   53   N  N   . GLY A 1 9  ? -10.705 7.522   7.516   1.00 14.85 ? 100 GLY A N   1 
ATOM   54   C  CA  . GLY A 1 9  ? -12.010 7.946   7.996   1.00 18.39 ? 100 GLY A CA  1 
ATOM   55   C  C   . GLY A 1 9  ? -13.206 7.492   7.183   1.00 17.72 ? 100 GLY A C   1 
ATOM   56   O  O   . GLY A 1 9  ? -14.326 7.920   7.490   1.00 18.87 ? 100 GLY A O   1 
ATOM   57   N  N   . ARG A 1 10 ? -13.018 6.646   6.168   1.00 15.60 ? 101 ARG A N   1 
ATOM   58   C  CA  . ARG A 1 10 ? -14.141 6.190   5.352   1.00 14.53 ? 101 ARG A CA  1 
ATOM   59   C  C   . ARG A 1 10 ? -15.238 5.596   6.225   1.00 14.58 ? 101 ARG A C   1 
ATOM   60   O  O   . ARG A 1 10 ? -14.995 4.666   6.990   1.00 16.10 ? 101 ARG A O   1 
ATOM   61   C  CB  . ARG A 1 10 ? -13.673 5.131   4.350   1.00 14.83 ? 101 ARG A CB  1 
ATOM   62   C  CG  . ARG A 1 10 ? -14.826 4.271   3.805   1.00 21.02 ? 101 ARG A CG  1 
ATOM   63   C  CD  . ARG A 1 10 ? -14.964 4.367   2.312   1.00 26.45 ? 101 ARG A CD  1 
ATOM   64   N  NE  . ARG A 1 10 ? -16.178 3.710   1.834   1.00 24.80 ? 101 ARG A NE  1 
ATOM   65   C  CZ  . ARG A 1 10 ? -17.079 4.284   1.049   1.00 28.40 ? 101 ARG A CZ  1 
ATOM   66   N  NH1 . ARG A 1 10 ? -16.915 5.518   0.593   1.00 29.19 ? 101 ARG A NH1 1 
ATOM   67   N  NH2 . ARG A 1 10 ? -18.171 3.603   0.704   1.00 27.24 ? 101 ARG A NH2 1 
ATOM   68   N  N   . VAL A 1 11 ? -16.449 6.119   6.088   1.00 15.43 ? 102 VAL A N   1 
ATOM   69   C  CA  . VAL A 1 11 ? -17.609 5.572   6.785   1.00 17.17 ? 102 VAL A CA  1 
ATOM   70   C  C   . VAL A 1 11 ? -18.235 4.509   5.891   1.00 15.44 ? 102 VAL A C   1 
ATOM   71   O  O   . VAL A 1 11 ? -18.536 4.770   4.718   1.00 17.55 ? 102 VAL A O   1 
ATOM   72   C  CB  . VAL A 1 11 ? -18.622 6.684   7.109   1.00 16.87 ? 102 VAL A CB  1 
ATOM   73   C  CG1 . VAL A 1 11 ? -19.884 6.097   7.742   1.00 16.75 ? 102 VAL A CG1 1 
ATOM   74   C  CG2 . VAL A 1 11 ? -17.988 7.740   8.014   1.00 25.37 ? 102 VAL A CG2 1 
ATOM   75   N  N   . PHE A 1 12 ? -18.429 3.307   6.423   1.00 15.22 ? 103 PHE A N   1 
ATOM   76   C  CA  . PHE A 1 12 ? -18.893 2.207   5.590   1.00 13.55 ? 103 PHE A CA  1 
ATOM   77   C  C   . PHE A 1 12 ? -20.386 2.309   5.321   1.00 14.07 ? 103 PHE A C   1 
ATOM   78   O  O   . PHE A 1 12 ? -21.161 2.702   6.195   1.00 16.24 ? 103 PHE A O   1 
ATOM   79   C  CB  . PHE A 1 12 ? -18.621 0.868   6.271   1.00 16.06 ? 103 PHE A CB  1 
ATOM   80   C  CG  . PHE A 1 12 ? -17.182 0.650   6.613   1.00 15.48 ? 103 PHE A CG  1 
ATOM   81   C  CD1 . PHE A 1 12 ? -16.215 0.664   5.625   1.00 17.26 ? 103 PHE A CD1 1 
ATOM   82   C  CD2 . PHE A 1 12 ? -16.799 0.445   7.929   1.00 16.70 ? 103 PHE A CD2 1 
ATOM   83   C  CE1 . PHE A 1 12 ? -14.868 0.480   5.950   1.00 17.98 ? 103 PHE A CE1 1 
ATOM   84   C  CE2 . PHE A 1 12 ? -15.475 0.251   8.256   1.00 21.97 ? 103 PHE A CE2 1 
ATOM   85   C  CZ  . PHE A 1 12 ? -14.510 0.272   7.263   1.00 15.33 ? 103 PHE A CZ  1 
ATOM   86   N  N   . LYS A 1 13 ? -20.780 1.909   4.116   1.00 13.45 ? 104 LYS A N   1 
ATOM   87   C  CA  . LYS A 1 13 ? -22.186 1.696   3.812   1.00 15.98 ? 104 LYS A CA  1 
ATOM   88   C  C   . LYS A 1 13 ? -22.613 0.294   4.233   1.00 19.14 ? 104 LYS A C   1 
ATOM   89   O  O   . LYS A 1 13 ? -21.797 -0.623  4.367   1.00 14.40 ? 104 LYS A O   1 
ATOM   90   C  CB  . LYS A 1 13 ? -22.461 1.900   2.319   1.00 16.04 ? 104 LYS A CB  1 
ATOM   91   C  CG  . LYS A 1 13 ? -21.801 3.125   1.707   1.00 21.45 ? 104 LYS A CG  1 
ATOM   92   C  CD  . LYS A 1 13 ? -22.523 4.386   2.166   1.00 29.00 ? 104 LYS A CD  1 
ATOM   93   C  CE  . LYS A 1 13 ? -22.242 5.585   1.258   1.00 34.01 ? 104 LYS A CE  1 
ATOM   94   N  NZ  . LYS A 1 13 ? -20.908 6.231   1.464   1.00 37.68 ? 104 LYS A NZ  1 
ATOM   95   N  N   A SER A 1 14 ? -23.919 0.135   4.439   0.58 18.15 ? 105 SER A N   1 
ATOM   96   N  N   B SER A 1 14 ? -23.915 0.128   4.448   0.42 18.16 ? 105 SER A N   1 
ATOM   97   C  CA  A SER A 1 14 ? -24.454 -1.175  4.786   0.58 17.07 ? 105 SER A CA  1 
ATOM   98   C  CA  B SER A 1 14 ? -24.409 -1.181  4.849   0.42 17.10 ? 105 SER A CA  1 
ATOM   99   C  C   A SER A 1 14 ? -24.079 -2.182  3.710   0.58 16.64 ? 105 SER A C   1 
ATOM   100  C  C   B SER A 1 14 ? -24.122 -2.194  3.750   0.42 16.65 ? 105 SER A C   1 
ATOM   101  O  O   A SER A 1 14 ? -24.283 -1.940  2.516   0.58 19.27 ? 105 SER A O   1 
ATOM   102  O  O   B SER A 1 14 ? -24.447 -1.970  2.580   0.42 19.30 ? 105 SER A O   1 
ATOM   103  C  CB  A SER A 1 14 ? -25.977 -1.096  4.934   0.58 20.92 ? 105 SER A CB  1 
ATOM   104  C  CB  B SER A 1 14 ? -25.907 -1.130  5.143   0.42 21.00 ? 105 SER A CB  1 
ATOM   105  O  OG  A SER A 1 14 ? -26.342 -0.131  5.908   0.58 23.78 ? 105 SER A OG  1 
ATOM   106  O  OG  B SER A 1 14 ? -26.351 -2.393  5.608   0.42 22.56 ? 105 SER A OG  1 
ATOM   107  N  N   . GLY A 1 15 ? -23.498 -3.307  4.135   1.00 16.70 ? 106 GLY A N   1 
ATOM   108  C  CA  . GLY A 1 15 ? -23.087 -4.350  3.229   1.00 14.66 ? 106 GLY A CA  1 
ATOM   109  C  C   . GLY A 1 15 ? -21.677 -4.216  2.688   1.00 15.30 ? 106 GLY A C   1 
ATOM   110  O  O   . GLY A 1 15 ? -21.198 -5.128  1.990   1.00 15.40 ? 106 GLY A O   1 
ATOM   111  N  N   . GLU A 1 16 ? -20.993 -3.117  2.994   1.00 12.90 ? 107 GLU A N   1 
ATOM   112  C  CA  . GLU A 1 16 ? -19.676 -2.881  2.427   1.00 14.81 ? 107 GLU A CA  1 
ATOM   113  C  C   . GLU A 1 16 ? -18.663 -3.824  3.062   1.00 12.68 ? 107 GLU A C   1 
ATOM   114  O  O   . GLU A 1 16 ? -18.716 -4.103  4.262   1.00 14.20 ? 107 GLU A O   1 
ATOM   115  C  CB  . GLU A 1 16 ? -19.282 -1.430  2.684   1.00 13.69 ? 107 GLU A CB  1 
ATOM   116  C  CG  . GLU A 1 16 ? -17.988 -1.028  2.025   1.00 15.01 ? 107 GLU A CG  1 
ATOM   117  C  CD  . GLU A 1 16 ? -17.694 0.448   2.167   1.00 15.74 ? 107 GLU A CD  1 
ATOM   118  O  OE1 . GLU A 1 16 ? -18.629 1.247   2.337   1.00 15.96 ? 107 GLU A OE1 1 
ATOM   119  O  OE2 . GLU A 1 16 ? -16.489 0.810   2.089   1.00 16.70 ? 107 GLU A OE2 1 
ATOM   120  N  N   . THR A 1 17 ? -17.721 -4.295  2.256   1.00 15.58 ? 108 THR A N   1 
ATOM   121  C  CA  . THR A 1 17 ? -16.704 -5.216  2.740   1.00 13.41 ? 108 THR A CA  1 
ATOM   122  C  C   . THR A 1 17 ? -15.665 -4.465  3.565   1.00 15.98 ? 108 THR A C   1 
ATOM   123  O  O   . THR A 1 17 ? -15.223 -3.380  3.173   1.00 18.11 ? 108 THR A O   1 
ATOM   124  C  CB  . THR A 1 17 ? -16.039 -5.853  1.527   1.00 19.29 ? 108 THR A CB  1 
ATOM   125  O  OG1 . THR A 1 17 ? -17.035 -6.556  0.772   1.00 25.95 ? 108 THR A OG1 1 
ATOM   126  C  CG2 . THR A 1 17 ? -14.953 -6.809  1.949   1.00 22.71 ? 108 THR A CG2 1 
ATOM   127  N  N   . THR A 1 18 ? -15.292 -5.031  4.720   1.00 15.13 ? 109 THR A N   1 
ATOM   128  C  CA  . THR A 1 18 ? -14.249 -4.481  5.584   1.00 14.51 ? 109 THR A CA  1 
ATOM   129  C  C   . THR A 1 18 ? -13.308 -5.593  6.034   1.00 14.85 ? 109 THR A C   1 
ATOM   130  O  O   . THR A 1 18 ? -13.638 -6.784  5.972   1.00 14.52 ? 109 THR A O   1 
ATOM   131  C  CB  . THR A 1 18 ? -14.831 -3.796  6.829   1.00 18.32 ? 109 THR A CB  1 
ATOM   132  O  OG1 . THR A 1 18 ? -15.220 -4.778  7.807   1.00 20.05 ? 109 THR A OG1 1 
ATOM   133  C  CG2 . THR A 1 18 ? -16.032 -2.924  6.466   1.00 18.81 ? 109 THR A CG2 1 
ATOM   134  N  N   . TYR A 1 19 ? -12.121 -5.200  6.497   1.00 11.59 ? 110 TYR A N   1 
ATOM   135  C  CA  . TYR A 1 19 ? -11.105 -6.182  6.862   1.00 11.75 ? 110 TYR A CA  1 
ATOM   136  C  C   . TYR A 1 19 ? -10.461 -5.836  8.192   1.00 15.23 ? 110 TYR A C   1 
ATOM   137  O  O   . TYR A 1 19 ? -10.059 -4.692  8.409   1.00 14.83 ? 110 TYR A O   1 
ATOM   138  C  CB  . TYR A 1 19 ? -9.988  -6.238  5.814   1.00 11.98 ? 110 TYR A CB  1 
ATOM   139  C  CG  . TYR A 1 19 ? -10.465 -6.603  4.430   1.00 13.55 ? 110 TYR A CG  1 
ATOM   140  C  CD1 . TYR A 1 19 ? -11.036 -5.653  3.607   1.00 13.34 ? 110 TYR A CD1 1 
ATOM   141  C  CD2 . TYR A 1 19 ? -10.371 -7.908  3.971   1.00 14.38 ? 110 TYR A CD2 1 
ATOM   142  C  CE1 . TYR A 1 19 ? -11.486 -5.978  2.346   1.00 16.17 ? 110 TYR A CE1 1 
ATOM   143  C  CE2 . TYR A 1 19 ? -10.818 -8.242  2.697   1.00 14.55 ? 110 TYR A CE2 1 
ATOM   144  C  CZ  . TYR A 1 19 ? -11.379 -7.273  1.907   1.00 16.29 ? 110 TYR A CZ  1 
ATOM   145  O  OH  . TYR A 1 19 ? -11.846 -7.569  0.641   1.00 23.70 ? 110 TYR A OH  1 
ATOM   146  N  N   . SER A 1 20 ? -10.303 -6.831  9.052   1.00 15.59 ? 111 SER A N   1 
ATOM   147  C  CA  . SER A 1 20 ? -9.448  -6.665  10.215  1.00 17.23 ? 111 SER A CA  1 
ATOM   148  C  C   . SER A 1 20 ? -8.199  -7.507  10.024  1.00 18.99 ? 111 SER A C   1 
ATOM   149  O  O   . SER A 1 20 ? -8.166  -8.437  9.217   1.00 19.16 ? 111 SER A O   1 
ATOM   150  C  CB  . SER A 1 20 ? -10.138 -7.064  11.516  1.00 18.83 ? 111 SER A CB  1 
ATOM   151  O  OG  . SER A 1 20 ? -9.360  -6.603  12.618  1.00 17.12 ? 111 SER A OG  1 
ATOM   152  N  N   . CYS A 1 21 ? -7.152  -7.151  10.749  1.00 18.46 ? 112 CYS A N   1 
ATOM   153  C  CA  . CYS A 1 21 ? -5.942  -7.953  10.773  1.00 17.16 ? 112 CYS A CA  1 
ATOM   154  C  C   . CYS A 1 21 ? -5.793  -8.573  12.151  1.00 16.25 ? 112 CYS A C   1 
ATOM   155  O  O   . CYS A 1 21 ? -5.627  -7.864  13.150  1.00 18.42 ? 112 CYS A O   1 
ATOM   156  C  CB  . CYS A 1 21 ? -4.701  -7.147  10.399  1.00 15.53 ? 112 CYS A CB  1 
ATOM   157  S  SG  . CYS A 1 21 ? -3.227  -8.245  10.356  1.00 17.28 ? 112 CYS A SG  1 
ATOM   158  N  N   . ARG A 1 22 ? -5.859  -9.903  12.201  1.00 19.11 ? 113 ARG A N   1 
ATOM   159  C  CA  . ARG A 1 22 ? -5.796  -10.579 13.486  1.00 22.77 ? 113 ARG A CA  1 
ATOM   160  C  C   . ARG A 1 22 ? -4.424  -10.423 14.121  1.00 23.43 ? 113 ARG A C   1 
ATOM   161  O  O   . ARG A 1 22 ? -4.318  -10.373 15.353  1.00 27.11 ? 113 ARG A O   1 
ATOM   162  C  CB  . ARG A 1 22 ? -6.150  -12.047 13.297  1.00 22.85 ? 113 ARG A CB  1 
ATOM   163  C  CG  . ARG A 1 22 ? -7.557  -12.255 12.741  1.00 24.75 ? 113 ARG A CG  1 
ATOM   164  C  CD  . ARG A 1 22 ? -7.683  -13.681 12.337  1.00 31.20 ? 113 ARG A CD  1 
ATOM   165  N  NE  . ARG A 1 22 ? -7.364  -14.520 13.481  1.00 29.03 ? 113 ARG A NE  1 
ATOM   166  C  CZ  . ARG A 1 22 ? -6.959  -15.777 13.387  1.00 28.57 ? 113 ARG A CZ  1 
ATOM   167  N  NH1 . ARG A 1 22 ? -6.773  -16.352 12.207  1.00 29.29 ? 113 ARG A NH1 1 
ATOM   168  N  NH2 . ARG A 1 22 ? -6.724  -16.466 14.500  1.00 30.25 ? 113 ARG A NH2 1 
ATOM   169  N  N   . ASP A 1 23 ? -3.378  -10.315 13.292  1.00 20.64 ? 114 ASP A N   1 
ATOM   170  C  CA  . ASP A 1 23 ? -2.013  -10.129 13.788  1.00 21.33 ? 114 ASP A CA  1 
ATOM   171  C  C   . ASP A 1 23 ? -1.814  -8.734  14.386  1.00 24.37 ? 114 ASP A C   1 
ATOM   172  O  O   . ASP A 1 23 ? -1.187  -8.584  15.445  1.00 22.37 ? 114 ASP A O   1 
ATOM   173  C  CB  . ASP A 1 23 ? -1.017  -10.337 12.639  1.00 22.86 ? 114 ASP A CB  1 
ATOM   174  C  CG  . ASP A 1 23 ? -1.056  -11.752 12.045  1.00 23.13 ? 114 ASP A CG  1 
ATOM   175  O  OD1 . ASP A 1 23 ? -1.196  -12.720 12.814  1.00 26.35 ? 114 ASP A OD1 1 
ATOM   176  O  OD2 . ASP A 1 23 ? -0.925  -11.886 10.795  1.00 23.80 ? 114 ASP A OD2 1 
ATOM   177  N  N   . CYS A 1 24 ? -2.341  -7.698  13.729  1.00 17.13 ? 115 CYS A N   1 
ATOM   178  C  CA  . CYS A 1 24 ? -1.945  -6.323  14.018  1.00 16.44 ? 115 CYS A CA  1 
ATOM   179  C  C   . CYS A 1 24 ? -2.994  -5.473  14.723  1.00 16.48 ? 115 CYS A C   1 
ATOM   180  O  O   . CYS A 1 24 ? -2.626  -4.452  15.311  1.00 16.22 ? 115 CYS A O   1 
ATOM   181  C  CB  . CYS A 1 24 ? -1.518  -5.611  12.725  1.00 17.05 ? 115 CYS A CB  1 
ATOM   182  S  SG  . CYS A 1 24 ? -0.202  -6.455  11.846  1.00 16.97 ? 115 CYS A SG  1 
ATOM   183  N  N   . ALA A 1 25 ? -4.277  -5.826  14.648  1.00 16.74 ? 116 ALA A N   1 
ATOM   184  C  CA  . ALA A 1 25 ? -5.317  -5.024  15.280  1.00 16.31 ? 116 ALA A CA  1 
ATOM   185  C  C   . ALA A 1 25 ? -5.156  -5.063  16.786  1.00 20.26 ? 116 ALA A C   1 
ATOM   186  O  O   . ALA A 1 25 ? -4.951  -6.135  17.359  1.00 22.95 ? 116 ALA A O   1 
ATOM   187  C  CB  . ALA A 1 25 ? -6.692  -5.601  14.944  1.00 16.75 ? 116 ALA A CB  1 
ATOM   188  N  N   . ILE A 1 26 ? -5.257  -3.900  17.429  1.00 18.42 ? 117 ILE A N   1 
ATOM   189  C  CA  . ILE A 1 26 ? -5.213  -3.905  18.890  1.00 22.18 ? 117 ILE A CA  1 
ATOM   190  C  C   . ILE A 1 26 ? -6.434  -4.609  19.468  1.00 27.97 ? 117 ILE A C   1 
ATOM   191  O  O   . ILE A 1 26 ? -6.365  -5.197  20.552  1.00 26.31 ? 117 ILE A O   1 
ATOM   192  C  CB  . ILE A 1 26 ? -4.984  -2.494  19.457  1.00 27.14 ? 117 ILE A CB  1 
ATOM   193  C  CG1 . ILE A 1 26 ? -6.200  -1.603  19.188  1.00 25.80 ? 117 ILE A CG1 1 
ATOM   194  C  CG2 . ILE A 1 26 ? -3.700  -1.904  18.936  1.00 24.79 ? 117 ILE A CG2 1 
ATOM   195  C  CD1 . ILE A 1 26 ? -6.437  -0.586  20.263  1.00 30.39 ? 117 ILE A CD1 1 
ATOM   196  N  N   . ASP A 1 27 ? -7.549  -4.602  18.748  1.00 24.56 ? 118 ASP A N   1 
ATOM   197  C  CA  . ASP A 1 27 ? -8.756  -5.303  19.159  1.00 25.84 ? 118 ASP A CA  1 
ATOM   198  C  C   . ASP A 1 27 ? -9.558  -5.645  17.914  1.00 26.19 ? 118 ASP A C   1 
ATOM   199  O  O   . ASP A 1 27 ? -9.308  -5.085  16.837  1.00 21.03 ? 118 ASP A O   1 
ATOM   200  C  CB  . ASP A 1 27 ? -9.550  -4.509  20.216  1.00 28.23 ? 118 ASP A CB  1 
ATOM   201  C  CG  . ASP A 1 27 ? -10.386 -3.390  19.633  1.00 27.41 ? 118 ASP A CG  1 
ATOM   202  O  OD1 . ASP A 1 27 ? -11.265 -3.639  18.781  1.00 24.82 ? 118 ASP A OD1 1 
ATOM   203  O  OD2 . ASP A 1 27 ? -10.169 -2.233  20.051  1.00 35.82 ? 118 ASP A OD2 1 
ATOM   204  N  N   . PRO A 1 28 ? -10.499 -6.589  18.009  1.00 22.33 ? 119 PRO A N   1 
ATOM   205  C  CA  . PRO A 1 28 ? -11.148 -7.106  16.793  1.00 23.14 ? 119 PRO A CA  1 
ATOM   206  C  C   . PRO A 1 28 ? -12.093 -6.125  16.116  1.00 17.12 ? 119 PRO A C   1 
ATOM   207  O  O   . PRO A 1 28 ? -12.588 -6.434  15.026  1.00 22.49 ? 119 PRO A O   1 
ATOM   208  C  CB  . PRO A 1 28 ? -11.901 -8.355  17.285  1.00 27.62 ? 119 PRO A CB  1 
ATOM   209  C  CG  . PRO A 1 28 ? -11.377 -8.638  18.635  1.00 27.04 ? 119 PRO A CG  1 
ATOM   210  C  CD  . PRO A 1 28 ? -10.884 -7.365  19.203  1.00 25.09 ? 119 PRO A CD  1 
ATOM   211  N  N   . THR A 1 29 ? -12.370 -4.978  16.723  1.00 16.23 ? 120 THR A N   1 
ATOM   212  C  CA  . THR A 1 29 ? -13.161 -3.942  16.074  1.00 15.13 ? 120 THR A CA  1 
ATOM   213  C  C   . THR A 1 29 ? -12.326 -3.003  15.215  1.00 15.12 ? 120 THR A C   1 
ATOM   214  O  O   . THR A 1 29 ? -12.898 -2.170  14.509  1.00 13.92 ? 120 THR A O   1 
ATOM   215  C  CB  . THR A 1 29 ? -13.928 -3.090  17.090  1.00 15.26 ? 120 THR A CB  1 
ATOM   216  O  OG1 . THR A 1 29 ? -12.994 -2.306  17.844  1.00 18.31 ? 120 THR A OG1 1 
ATOM   217  C  CG2 . THR A 1 29 ? -14.787 -3.961  18.016  1.00 17.55 ? 120 THR A CG2 1 
ATOM   218  N  N   . CYS A 1 30 ? -10.995 -3.089  15.276  1.00 13.96 ? 121 CYS A N   1 
ATOM   219  C  CA  . CYS A 1 30 ? -10.157 -2.314  14.364  1.00 11.76 ? 121 CYS A CA  1 
ATOM   220  C  C   . CYS A 1 30 ? -10.292 -2.865  12.950  1.00 13.35 ? 121 CYS A C   1 
ATOM   221  O  O   . CYS A 1 30 ? -10.124 -4.066  12.724  1.00 14.33 ? 121 CYS A O   1 
ATOM   222  C  CB  . CYS A 1 30 ? -8.695  -2.355  14.802  1.00 13.15 ? 121 CYS A CB  1 
ATOM   223  S  SG  . CYS A 1 30 ? -8.452  -1.599  16.414  1.00 17.03 ? 121 CYS A SG  1 
ATOM   224  N  N   A VAL A 1 31 ? -10.490 -1.961  11.989  0.43 11.58 ? 122 VAL A N   1 
ATOM   225  N  N   B VAL A 1 31 ? -10.632 -2.017  11.994  0.57 11.51 ? 122 VAL A N   1 
ATOM   226  C  CA  A VAL A 1 31 ? -11.012 -2.332  10.682  0.43 12.83 ? 122 VAL A CA  1 
ATOM   227  C  CA  B VAL A 1 31 ? -10.854 -2.499  10.640  0.57 12.81 ? 122 VAL A CA  1 
ATOM   228  C  C   A VAL A 1 31 ? -10.463 -1.406  9.600   0.43 12.43 ? 122 VAL A C   1 
ATOM   229  C  C   B VAL A 1 31 ? -10.282 -1.516  9.640   0.57 12.25 ? 122 VAL A C   1 
ATOM   230  O  O   A VAL A 1 31 ? -10.239 -0.213  9.828   0.43 12.05 ? 122 VAL A O   1 
ATOM   231  O  O   B VAL A 1 31 ? -9.894  -0.396  9.969   0.57 12.46 ? 122 VAL A O   1 
ATOM   232  C  CB  A VAL A 1 31 ? -12.556 -2.302  10.739  0.43 13.38 ? 122 VAL A CB  1 
ATOM   233  C  CB  B VAL A 1 31 ? -12.341 -2.773  10.316  0.57 15.08 ? 122 VAL A CB  1 
ATOM   234  C  CG1 A VAL A 1 31 ? -13.068 -0.869  10.836  0.43 12.99 ? 122 VAL A CG1 1 
ATOM   235  C  CG1 B VAL A 1 31 ? -12.820 -4.060  10.962  0.57 14.12 ? 122 VAL A CG1 1 
ATOM   236  C  CG2 A VAL A 1 31 ? -13.124 -2.998  9.553   0.43 15.73 ? 122 VAL A CG2 1 
ATOM   237  C  CG2 B VAL A 1 31 ? -13.183 -1.594  10.729  0.57 13.67 ? 122 VAL A CG2 1 
ATOM   238  N  N   . LEU A 1 32 ? -10.283 -1.966  8.398   1.00 12.08 ? 123 LEU A N   1 
ATOM   239  C  CA  . LEU A 1 32 ? -9.814  -1.222  7.231   1.00 10.60 ? 123 LEU A CA  1 
ATOM   240  C  C   . LEU A 1 32 ? -10.834 -1.347  6.107   1.00 9.32  ? 123 LEU A C   1 
ATOM   241  O  O   . LEU A 1 32 ? -11.461 -2.400  5.933   1.00 12.37 ? 123 LEU A O   1 
ATOM   242  C  CB  . LEU A 1 32 ? -8.492  -1.791  6.681   1.00 11.47 ? 123 LEU A CB  1 
ATOM   243  C  CG  . LEU A 1 32 ? -7.320  -1.698  7.655   1.00 10.81 ? 123 LEU A CG  1 
ATOM   244  C  CD1 . LEU A 1 32 ? -6.117  -2.484  7.117   1.00 15.45 ? 123 LEU A CD1 1 
ATOM   245  C  CD2 . LEU A 1 32 ? -6.918  -0.234  7.864   1.00 13.51 ? 123 LEU A CD2 1 
ATOM   246  N  N   . CYS A 1 33 ? -11.035 -0.260  5.380   1.00 11.09 ? 124 CYS A N   1 
ATOM   247  C  CA  . CYS A 1 33 ? -11.757 -0.329  4.108   1.00 10.01 ? 124 CYS A CA  1 
ATOM   248  C  C   . CYS A 1 33 ? -10.980 -1.138  3.068   1.00 13.01 ? 124 CYS A C   1 
ATOM   249  O  O   . CYS A 1 33 ? -9.789  -1.442  3.225   1.00 11.06 ? 124 CYS A O   1 
ATOM   250  C  CB  . CYS A 1 33 ? -12.072 1.071   3.579   1.00 11.65 ? 124 CYS A CB  1 
ATOM   251  S  SG  . CYS A 1 33 ? -10.646 1.996   2.986   1.00 11.65 ? 124 CYS A SG  1 
ATOM   252  N  N   . MET A 1 34 ? -11.673 -1.496  1.992   1.00 11.37 ? 125 MET A N   1 
ATOM   253  C  CA  . MET A 1 34 ? -11.049 -2.355  0.994   1.00 12.56 ? 125 MET A CA  1 
ATOM   254  C  C   . MET A 1 34 ? -9.812  -1.719  0.380   1.00 12.86 ? 125 MET A C   1 
ATOM   255  O  O   . MET A 1 34 ? -8.799  -2.396  0.212   1.00 13.05 ? 125 MET A O   1 
ATOM   256  C  CB  . MET A 1 34 ? -12.042 -2.773  -0.083  1.00 16.16 ? 125 MET A CB  1 
ATOM   257  C  CG  . MET A 1 34 ? -11.420 -3.721  -1.115  1.00 14.63 ? 125 MET A CG  1 
ATOM   258  S  SD  . MET A 1 34 ? -12.703 -4.284  -2.226  1.00 31.89 ? 125 MET A SD  1 
ATOM   259  C  CE  . MET A 1 34 ? -13.782 -4.986  -1.026  1.00 28.89 ? 125 MET A CE  1 
ATOM   260  N  N   . ASP A 1 35 ? -9.870  -0.428  0.056   1.00 12.05 ? 126 ASP A N   1 
ATOM   261  C  CA  . ASP A 1 35 ? -8.712  0.210   -0.562  1.00 14.36 ? 126 ASP A CA  1 
ATOM   262  C  C   . ASP A 1 35 ? -7.530  0.242   0.396   1.00 14.51 ? 126 ASP A C   1 
ATOM   263  O  O   . ASP A 1 35 ? -6.402  -0.088  0.015   1.00 15.14 ? 126 ASP A O   1 
ATOM   264  C  CB  . ASP A 1 35 ? -9.067  1.610   -1.047  1.00 14.12 ? 126 ASP A CB  1 
ATOM   265  C  CG  . ASP A 1 35 ? -9.835  1.603   -2.357  1.00 21.64 ? 126 ASP A CG  1 
ATOM   266  O  OD1 . ASP A 1 35 ? -9.889  0.544   -3.007  1.00 23.98 ? 126 ASP A OD1 1 
ATOM   267  O  OD2 . ASP A 1 35 ? -10.376 2.661   -2.731  1.00 25.30 ? 126 ASP A OD2 1 
ATOM   268  N  N   . CYS A 1 36 ? -7.769  0.577   1.664   1.00 12.95 ? 127 CYS A N   1 
ATOM   269  C  CA  . CYS A 1 36 ? -6.639  0.628   2.587   1.00 10.63 ? 127 CYS A CA  1 
ATOM   270  C  C   . CYS A 1 36 ? -6.074  -0.765  2.843   1.00 12.34 ? 127 CYS A C   1 
ATOM   271  O  O   . CYS A 1 36 ? -4.854  -0.951  2.899   1.00 13.72 ? 127 CYS A O   1 
ATOM   272  C  CB  . CYS A 1 36 ? -7.051  1.297   3.888   1.00 10.33 ? 127 CYS A CB  1 
ATOM   273  S  SG  . CYS A 1 36 ? -7.466  3.016   3.678   1.00 13.12 ? 127 CYS A SG  1 
ATOM   274  N  N   . PHE A 1 37 ? -6.954  -1.764  2.992   1.00 10.77 ? 128 PHE A N   1 
ATOM   275  C  CA  . PHE A 1 37 ? -6.484  -3.124  3.190   1.00 8.94  ? 128 PHE A CA  1 
ATOM   276  C  C   . PHE A 1 37 ? -5.614  -3.584  2.022   1.00 14.68 ? 128 PHE A C   1 
ATOM   277  O  O   . PHE A 1 37 ? -4.487  -4.042  2.226   1.00 13.71 ? 128 PHE A O   1 
ATOM   278  C  CB  . PHE A 1 37 ? -7.686  -4.064  3.343   1.00 10.02 ? 128 PHE A CB  1 
ATOM   279  C  CG  . PHE A 1 37 ? -7.320  -5.517  3.308   1.00 11.46 ? 128 PHE A CG  1 
ATOM   280  C  CD1 . PHE A 1 37 ? -6.659  -6.109  4.353   1.00 15.51 ? 128 PHE A CD1 1 
ATOM   281  C  CD2 . PHE A 1 37 ? -7.630  -6.289  2.194   1.00 13.45 ? 128 PHE A CD2 1 
ATOM   282  C  CE1 . PHE A 1 37 ? -6.318  -7.468  4.301   1.00 17.21 ? 128 PHE A CE1 1 
ATOM   283  C  CE2 . PHE A 1 37 ? -7.278  -7.629  2.145   1.00 18.13 ? 128 PHE A CE2 1 
ATOM   284  C  CZ  . PHE A 1 37 ? -6.633  -8.207  3.198   1.00 18.82 ? 128 PHE A CZ  1 
ATOM   285  N  N   . GLN A 1 38 ? -6.122  -3.461  0.794   1.00 12.25 ? 129 GLN A N   1 
ATOM   286  C  CA  . GLN A 1 38 ? -5.361  -3.900  -0.378  1.00 14.58 ? 129 GLN A CA  1 
ATOM   287  C  C   . GLN A 1 38 ? -4.070  -3.124  -0.561  1.00 16.47 ? 129 GLN A C   1 
ATOM   288  O  O   . GLN A 1 38 ? -3.129  -3.632  -1.189  1.00 16.48 ? 129 GLN A O   1 
ATOM   289  C  CB  . GLN A 1 38 ? -6.195  -3.797  -1.653  1.00 15.37 ? 129 GLN A CB  1 
ATOM   290  C  CG  . GLN A 1 38 ? -7.486  -4.581  -1.610  1.00 23.46 ? 129 GLN A CG  1 
ATOM   291  C  CD  . GLN A 1 38 ? -7.294  -6.018  -2.054  1.00 33.19 ? 129 GLN A CD  1 
ATOM   292  O  OE1 . GLN A 1 38 ? -6.444  -6.742  -1.530  1.00 34.25 ? 129 GLN A OE1 1 
ATOM   293  N  NE2 . GLN A 1 38 ? -8.076  -6.436  -3.044  1.00 33.47 ? 129 GLN A NE2 1 
ATOM   294  N  N   . ASP A 1 39 ? -4.017  -1.890  -0.064  1.00 13.13 ? 130 ASP A N   1 
ATOM   295  C  CA  . ASP A 1 39 ? -2.843  -1.042  -0.211  1.00 12.50 ? 130 ASP A CA  1 
ATOM   296  C  C   . ASP A 1 39 ? -1.956  -1.058  1.023   1.00 15.15 ? 130 ASP A C   1 
ATOM   297  O  O   . ASP A 1 39 ? -1.143  -0.148  1.203   1.00 15.41 ? 130 ASP A O   1 
ATOM   298  C  CB  . ASP A 1 39 ? -3.259  0.392   -0.549  1.00 15.16 ? 130 ASP A CB  1 
ATOM   299  C  CG  . ASP A 1 39 ? -3.979  0.489   -1.884  1.00 19.78 ? 130 ASP A CG  1 
ATOM   300  O  OD1 . ASP A 1 39 ? -3.917  -0.478  -2.681  1.00 25.44 ? 130 ASP A OD1 1 
ATOM   301  O  OD2 . ASP A 1 39 ? -4.653  1.517   -2.127  1.00 26.72 ? 130 ASP A OD2 1 
ATOM   302  N  N   . SER A 1 40 ? -2.080  -2.082  1.868   1.00 15.03 ? 131 SER A N   1 
ATOM   303  C  CA  . SER A 1 40 ? -1.394  -2.137  3.151   1.00 13.79 ? 131 SER A CA  1 
ATOM   304  C  C   . SER A 1 40 ? -0.656  -3.460  3.302   1.00 16.05 ? 131 SER A C   1 
ATOM   305  O  O   . SER A 1 40 ? -0.871  -4.417  2.555   1.00 16.10 ? 131 SER A O   1 
ATOM   306  C  CB  . SER A 1 40 ? -2.368  -1.988  4.344   1.00 15.72 ? 131 SER A CB  1 
ATOM   307  O  OG  . SER A 1 40 ? -3.119  -3.166  4.531   1.00 14.73 ? 131 SER A OG  1 
ATOM   308  N  N   . VAL A 1 41 ? 0.228   -3.483  4.296   1.00 14.91 ? 132 VAL A N   1 
ATOM   309  C  CA  . VAL A 1 41 ? 0.956   -4.699  4.646   1.00 16.74 ? 132 VAL A CA  1 
ATOM   310  C  C   . VAL A 1 41 ? 0.016   -5.818  5.056   1.00 19.01 ? 132 VAL A C   1 
ATOM   311  O  O   . VAL A 1 41 ? 0.369   -7.003  4.958   1.00 18.68 ? 132 VAL A O   1 
ATOM   312  C  CB  . VAL A 1 41 ? 1.995   -4.401  5.748   1.00 17.60 ? 132 VAL A CB  1 
ATOM   313  C  CG1 . VAL A 1 41 ? 1.306   -4.050  7.058   1.00 18.20 ? 132 VAL A CG1 1 
ATOM   314  C  CG2 . VAL A 1 41 ? 2.931   -5.603  5.943   1.00 24.59 ? 132 VAL A CG2 1 
ATOM   315  N  N   . HIS A 1 42 ? -1.177  -5.476  5.569   1.00 15.22 ? 133 HIS A N   1 
ATOM   316  C  CA  . HIS A 1 42 ? -2.067  -6.482  6.131   1.00 15.77 ? 133 HIS A CA  1 
ATOM   317  C  C   . HIS A 1 42 ? -2.690  -7.366  5.068   1.00 16.94 ? 133 HIS A C   1 
ATOM   318  O  O   . HIS A 1 42 ? -3.275  -8.395  5.426   1.00 18.85 ? 133 HIS A O   1 
ATOM   319  C  CB  . HIS A 1 42 ? -3.132  -5.822  7.014   1.00 16.31 ? 133 HIS A CB  1 
ATOM   320  C  CG  . HIS A 1 42 ? -2.555  -4.805  7.942   1.00 16.53 ? 133 HIS A CG  1 
ATOM   321  N  ND1 . HIS A 1 42 ? -1.813  -5.144  9.055   1.00 13.93 ? 133 HIS A ND1 1 
ATOM   322  C  CD2 . HIS A 1 42 ? -2.573  -3.451  7.892   1.00 13.21 ? 133 HIS A CD2 1 
ATOM   323  C  CE1 . HIS A 1 42 ? -1.393  -4.041  9.647   1.00 14.88 ? 133 HIS A CE1 1 
ATOM   324  N  NE2 . HIS A 1 42 ? -1.854  -3.002  8.972   1.00 13.39 ? 133 HIS A NE2 1 
ATOM   325  N  N   . LYS A 1 43 ? -2.566  -7.000  3.785   1.00 17.08 ? 134 LYS A N   1 
ATOM   326  C  CA  . LYS A 1 43 ? -3.094  -7.865  2.738   1.00 19.91 ? 134 LYS A CA  1 
ATOM   327  C  C   . LYS A 1 43 ? -2.394  -9.212  2.725   1.00 24.71 ? 134 LYS A C   1 
ATOM   328  O  O   . LYS A 1 43 ? -2.976  -10.193 2.252   1.00 25.14 ? 134 LYS A O   1 
ATOM   329  C  CB  . LYS A 1 43 ? -3.010  -7.201  1.364   1.00 24.78 ? 134 LYS A CB  1 
ATOM   330  C  CG  . LYS A 1 43 ? -1.643  -7.099  0.769   1.00 29.49 ? 134 LYS A CG  1 
ATOM   331  C  CD  . LYS A 1 43 ? -1.747  -6.662  -0.689  1.00 33.08 ? 134 LYS A CD  1 
ATOM   332  C  CE  . LYS A 1 43 ? -0.756  -5.570  -1.040  1.00 30.22 ? 134 LYS A CE  1 
ATOM   333  N  NZ  . LYS A 1 43 ? -0.709  -4.424  -0.079  1.00 23.05 ? 134 LYS A NZ  1 
ATOM   334  N  N   . ASN A 1 44 ? -1.162  -9.276  3.232   1.00 19.19 ? 135 ASN A N   1 
ATOM   335  C  CA  . ASN A 1 44 ? -0.397  -10.515 3.321   1.00 21.41 ? 135 ASN A CA  1 
ATOM   336  C  C   . ASN A 1 44 ? -0.384  -11.096 4.728   1.00 21.77 ? 135 ASN A C   1 
ATOM   337  O  O   . ASN A 1 44 ? 0.413   -11.996 5.012   1.00 28.61 ? 135 ASN A O   1 
ATOM   338  C  CB  . ASN A 1 44 ? 1.035   -10.310 2.805   1.00 24.01 ? 135 ASN A CB  1 
ATOM   339  C  CG  . ASN A 1 44 ? 1.070   -9.754  1.399   1.00 25.33 ? 135 ASN A CG  1 
ATOM   340  O  OD1 . ASN A 1 44 ? 1.673   -8.703  1.144   1.00 31.61 ? 135 ASN A OD1 1 
ATOM   341  N  ND2 . ASN A 1 44 ? 0.422   -10.457 0.469   1.00 29.41 ? 135 ASN A ND2 1 
ATOM   342  N  N   . HIS A 1 45 ? -1.251  -10.615 5.614   1.00 20.67 ? 136 HIS A N   1 
ATOM   343  C  CA  . HIS A 1 45 ? -1.342  -11.088 6.984   1.00 18.41 ? 136 HIS A CA  1 
ATOM   344  C  C   . HIS A 1 45 ? -2.579  -11.967 7.152   1.00 18.19 ? 136 HIS A C   1 
ATOM   345  O  O   . HIS A 1 45 ? -3.304  -12.245 6.195   1.00 20.10 ? 136 HIS A O   1 
ATOM   346  C  CB  . HIS A 1 45 ? -1.394  -9.900  7.950   1.00 22.07 ? 136 HIS A CB  1 
ATOM   347  C  CG  . HIS A 1 45 ? -0.126  -9.113  8.009   1.00 21.89 ? 136 HIS A CG  1 
ATOM   348  N  ND1 . HIS A 1 45 ? -0.013  -7.943  8.732   1.00 22.13 ? 136 HIS A ND1 1 
ATOM   349  C  CD2 . HIS A 1 45 ? 1.082   -9.325  7.434   1.00 21.90 ? 136 HIS A CD2 1 
ATOM   350  C  CE1 . HIS A 1 45 ? 1.216   -7.475  8.606   1.00 19.93 ? 136 HIS A CE1 1 
ATOM   351  N  NE2 . HIS A 1 45 ? 1.898   -8.288  7.816   1.00 21.17 ? 136 HIS A NE2 1 
ATOM   352  N  N   . ARG A 1 46 ? -2.843  -12.371 8.389   1.00 17.99 ? 137 ARG A N   1 
ATOM   353  C  CA  . ARG A 1 46 ? -4.006  -13.205 8.703   1.00 23.53 ? 137 ARG A CA  1 
ATOM   354  C  C   . ARG A 1 46 ? -5.219  -12.310 8.918   1.00 18.94 ? 137 ARG A C   1 
ATOM   355  O  O   . ARG A 1 46 ? -5.624  -12.002 10.037  1.00 23.82 ? 137 ARG A O   1 
ATOM   356  C  CB  . ARG A 1 46 ? -3.746  -14.035 9.944   1.00 19.67 ? 137 ARG A CB  1 
ATOM   357  C  CG  . ARG A 1 46 ? -2.629  -15.044 9.804   1.00 24.28 ? 137 ARG A CG  1 
ATOM   358  C  CD  . ARG A 1 46 ? -2.620  -15.965 11.011  1.00 24.40 ? 137 ARG A CD  1 
ATOM   359  N  NE  . ARG A 1 46 ? -2.412  -15.218 12.245  1.00 23.39 ? 137 ARG A NE  1 
ATOM   360  C  CZ  . ARG A 1 46 ? -2.806  -15.619 13.446  1.00 24.05 ? 137 ARG A CZ  1 
ATOM   361  N  NH1 . ARG A 1 46 ? -3.483  -16.747 13.611  1.00 25.56 ? 137 ARG A NH1 1 
ATOM   362  N  NH2 . ARG A 1 46 ? -2.509  -14.875 14.506  1.00 26.62 ? 137 ARG A NH2 1 
ATOM   363  N  N   . TYR A 1 47 ? -5.841  -11.938 7.821   1.00 23.29 ? 138 TYR A N   1 
ATOM   364  C  CA  . TYR A 1 47 ? -6.932  -10.986 7.879   1.00 21.92 ? 138 TYR A CA  1 
ATOM   365  C  C   . TYR A 1 47 ? -8.267  -11.707 8.012   1.00 26.48 ? 138 TYR A C   1 
ATOM   366  O  O   . TYR A 1 47 ? -8.383  -12.917 7.787   1.00 25.92 ? 138 TYR A O   1 
ATOM   367  C  CB  . TYR A 1 47 ? -6.908  -10.103 6.633   1.00 24.40 ? 138 TYR A CB  1 
ATOM   368  C  CG  . TYR A 1 47 ? -7.160  -10.846 5.340   1.00 23.63 ? 138 TYR A CG  1 
ATOM   369  C  CD1 . TYR A 1 47 ? -8.448  -11.016 4.860   1.00 22.33 ? 138 TYR A CD1 1 
ATOM   370  C  CD2 . TYR A 1 47 ? -6.107  -11.372 4.601   1.00 29.35 ? 138 TYR A CD2 1 
ATOM   371  C  CE1 . TYR A 1 47 ? -8.682  -11.685 3.676   1.00 28.45 ? 138 TYR A CE1 1 
ATOM   372  C  CE2 . TYR A 1 47 ? -6.332  -12.044 3.418   1.00 29.81 ? 138 TYR A CE2 1 
ATOM   373  C  CZ  . TYR A 1 47 ? -7.622  -12.195 2.962   1.00 30.63 ? 138 TYR A CZ  1 
ATOM   374  O  OH  . TYR A 1 47 ? -7.862  -12.861 1.788   1.00 38.38 ? 138 TYR A OH  1 
ATOM   375  N  N   . LYS A 1 48 ? -9.278  -10.946 8.415   1.00 24.30 ? 139 LYS A N   1 
ATOM   376  C  CA  . LYS A 1 48 ? -10.624 -11.481 8.576   1.00 22.48 ? 139 LYS A CA  1 
ATOM   377  C  C   . LYS A 1 48 ? -11.584 -10.456 7.991   1.00 25.81 ? 139 LYS A C   1 
ATOM   378  O  O   . LYS A 1 48 ? -11.632 -9.312  8.456   1.00 23.77 ? 139 LYS A O   1 
ATOM   379  C  CB  . LYS A 1 48 ? -10.901 -11.750 10.059  1.00 27.23 ? 139 LYS A CB  1 
ATOM   380  C  CG  . LYS A 1 48 ? -12.321 -12.097 10.442  1.00 31.22 ? 139 LYS A CG  1 
ATOM   381  C  CD  . LYS A 1 48 ? -12.321 -12.671 11.872  1.00 35.99 ? 139 LYS A CD  1 
ATOM   382  C  CE  . LYS A 1 48 ? -13.579 -13.488 12.187  1.00 36.04 ? 139 LYS A CE  1 
ATOM   383  N  NZ  . LYS A 1 48 ? -14.413 -12.922 13.295  1.00 35.13 ? 139 LYS A NZ  1 
ATOM   384  N  N   . MET A 1 49 ? -12.299 -10.850 6.941   1.00 21.24 ? 140 MET A N   1 
ATOM   385  C  CA  . MET A 1 49 ? -13.278 -9.986  6.293   1.00 19.91 ? 140 MET A CA  1 
ATOM   386  C  C   . MET A 1 49 ? -14.593 -10.013 7.055   1.00 25.11 ? 140 MET A C   1 
ATOM   387  O  O   . MET A 1 49 ? -15.110 -11.084 7.381   1.00 25.33 ? 140 MET A O   1 
ATOM   388  C  CB  . MET A 1 49 ? -13.559 -10.501 4.886   1.00 20.37 ? 140 MET A CB  1 
ATOM   389  C  CG  . MET A 1 49 ? -14.260 -9.518  3.952   1.00 19.20 ? 140 MET A CG  1 
ATOM   390  S  SD  . MET A 1 49 ? -16.058 -9.458  4.249   1.00 24.91 ? 140 MET A SD  1 
ATOM   391  C  CE  . MET A 1 49 ? -16.533 -10.969 3.420   1.00 29.36 ? 140 MET A CE  1 
ATOM   392  N  N   . HIS A 1 50 ? -15.164 -8.833  7.283   1.00 18.20 ? 141 HIS A N   1 
ATOM   393  C  CA  . HIS A 1 50 ? -16.504 -8.714  7.836   1.00 19.42 ? 141 HIS A CA  1 
ATOM   394  C  C   . HIS A 1 50 ? -17.321 -7.728  7.022   1.00 22.75 ? 141 HIS A C   1 
ATOM   395  O  O   . HIS A 1 50 ? -16.837 -6.646  6.679   1.00 19.20 ? 141 HIS A O   1 
ATOM   396  C  CB  . HIS A 1 50 ? -16.445 -8.290  9.290   1.00 26.67 ? 141 HIS A CB  1 
ATOM   397  C  CG  . HIS A 1 50 ? -16.087 -9.411  10.206  1.00 29.78 ? 141 HIS A CG  1 
ATOM   398  N  ND1 . HIS A 1 50 ? -16.588 -10.686 10.046  1.00 37.49 ? 141 HIS A ND1 1 
ATOM   399  C  CD2 . HIS A 1 50 ? -15.236 -9.466  11.255  1.00 35.12 ? 141 HIS A CD2 1 
ATOM   400  C  CE1 . HIS A 1 50 ? -16.089 -11.471 10.984  1.00 33.73 ? 141 HIS A CE1 1 
ATOM   401  N  NE2 . HIS A 1 50 ? -15.263 -10.755 11.726  1.00 38.92 ? 141 HIS A NE2 1 
ATOM   402  N  N   . THR A 1 51 ? -18.553 -8.120  6.707   1.00 19.90 ? 142 THR A N   1 
ATOM   403  C  CA  . THR A 1 51 ? -19.507 -7.229  6.065   1.00 16.71 ? 142 THR A CA  1 
ATOM   404  C  C   . THR A 1 51 ? -20.071 -6.256  7.091   1.00 18.98 ? 142 THR A C   1 
ATOM   405  O  O   . THR A 1 51 ? -20.567 -6.661  8.147   1.00 19.90 ? 142 THR A O   1 
ATOM   406  C  CB  . THR A 1 51 ? -20.644 -8.068  5.474   1.00 22.98 ? 142 THR A CB  1 
ATOM   407  O  OG1 . THR A 1 51 ? -20.143 -8.858  4.387   1.00 27.37 ? 142 THR A OG1 1 
ATOM   408  C  CG2 . THR A 1 51 ? -21.774 -7.171  4.986   1.00 22.47 ? 142 THR A CG2 1 
ATOM   409  N  N   . SER A 1 52 ? -20.012 -4.969  6.772   1.00 15.21 ? 143 SER A N   1 
ATOM   410  C  CA  . SER A 1 52 ? -20.512 -3.946  7.665   1.00 15.86 ? 143 SER A CA  1 
ATOM   411  C  C   . SER A 1 52 ? -22.030 -3.921  7.594   1.00 17.84 ? 143 SER A C   1 
ATOM   412  O  O   . SER A 1 52 ? -22.617 -4.093  6.524   1.00 20.39 ? 143 SER A O   1 
ATOM   413  C  CB  . SER A 1 52 ? -19.972 -2.584  7.237   1.00 18.21 ? 143 SER A CB  1 
ATOM   414  O  OG  . SER A 1 52 ? -20.525 -1.533  8.015   1.00 22.75 ? 143 SER A OG  1 
ATOM   415  N  N   . THR A 1 53 ? -22.669 -3.738  8.746   1.00 20.53 ? 144 THR A N   1 
ATOM   416  C  CA  . THR A 1 53 ? -24.073 -3.344  8.728   1.00 24.32 ? 144 THR A CA  1 
ATOM   417  C  C   . THR A 1 53 ? -24.256 -1.829  8.563   1.00 26.43 ? 144 THR A C   1 
ATOM   418  O  O   . THR A 1 53 ? -25.389 -1.334  8.622   1.00 30.53 ? 144 THR A O   1 
ATOM   419  C  CB  . THR A 1 53 ? -24.833 -3.889  9.949   1.00 23.07 ? 144 THR A CB  1 
ATOM   420  O  OG1 . THR A 1 53 ? -24.246 -3.393  11.157  1.00 28.92 ? 144 THR A OG1 1 
ATOM   421  C  CG2 . THR A 1 53 ? -24.793 -5.414  9.966   1.00 25.28 ? 144 THR A CG2 1 
ATOM   422  N  N   . GLY A 1 54 ? -23.185 -1.090  8.334   1.00 25.09 ? 145 GLY A N   1 
ATOM   423  C  CA  . GLY A 1 54 ? -23.295 0.330   8.082   1.00 27.79 ? 145 GLY A CA  1 
ATOM   424  C  C   . GLY A 1 54 ? -22.800 1.141   9.261   1.00 29.47 ? 145 GLY A C   1 
ATOM   425  O  O   . GLY A 1 54 ? -22.953 0.758   10.428  1.00 29.62 ? 145 GLY A O   1 
ATOM   426  N  N   . GLY A 1 55 ? -22.189 2.278   8.957   1.00 30.47 ? 146 GLY A N   1 
ATOM   427  C  CA  . GLY A 1 55 ? -21.586 3.084   9.993   1.00 27.80 ? 146 GLY A CA  1 
ATOM   428  C  C   . GLY A 1 55 ? -20.375 2.366   10.558  1.00 32.85 ? 146 GLY A C   1 
ATOM   429  O  O   . GLY A 1 55 ? -20.022 1.255   10.165  1.00 36.31 ? 146 GLY A O   1 
ATOM   430  N  N   . GLY A 1 56 ? -19.721 3.026   11.497  1.00 31.76 ? 147 GLY A N   1 
ATOM   431  C  CA  . GLY A 1 56 ? -18.366 2.605   11.765  1.00 25.08 ? 147 GLY A CA  1 
ATOM   432  C  C   . GLY A 1 56 ? -17.524 2.959   10.560  1.00 22.16 ? 147 GLY A C   1 
ATOM   433  O  O   . GLY A 1 56 ? -18.046 3.207   9.460   1.00 21.27 ? 147 GLY A O   1 
ATOM   434  N  N   . PHE A 1 57 ? -16.213 2.992   10.756  1.00 18.17 ? 148 PHE A N   1 
ATOM   435  C  CA  . PHE A 1 57 ? -15.346 3.671   9.822   1.00 18.72 ? 148 PHE A CA  1 
ATOM   436  C  C   . PHE A 1 57 ? -13.998 2.974   9.799   1.00 16.26 ? 148 PHE A C   1 
ATOM   437  O  O   . PHE A 1 57 ? -13.634 2.230   10.724  1.00 15.92 ? 148 PHE A O   1 
ATOM   438  C  CB  . PHE A 1 57 ? -15.090 5.116   10.245  1.00 23.37 ? 148 PHE A CB  1 
ATOM   439  C  CG  . PHE A 1 57 ? -14.731 5.269   11.703  1.00 22.04 ? 148 PHE A CG  1 
ATOM   440  C  CD1 . PHE A 1 57 ? -15.655 4.998   12.713  1.00 25.65 ? 148 PHE A CD1 1 
ATOM   441  C  CD2 . PHE A 1 57 ? -13.441 5.625   12.062  1.00 25.70 ? 148 PHE A CD2 1 
ATOM   442  C  CE1 . PHE A 1 57 ? -15.313 5.127   14.053  1.00 25.78 ? 148 PHE A CE1 1 
ATOM   443  C  CE2 . PHE A 1 57 ? -13.092 5.765   13.399  1.00 25.59 ? 148 PHE A CE2 1 
ATOM   444  C  CZ  . PHE A 1 57 ? -14.032 5.507   14.400  1.00 29.35 ? 148 PHE A CZ  1 
ATOM   445  N  N   . CYS A 1 58 ? -13.262 3.251   8.729   1.00 13.38 ? 149 CYS A N   1 
ATOM   446  C  CA  . CYS A 1 58 ? -11.916 2.727   8.564   1.00 13.84 ? 149 CYS A CA  1 
ATOM   447  C  C   . CYS A 1 58 ? -10.953 3.335   9.579   1.00 11.34 ? 149 CYS A C   1 
ATOM   448  O  O   . CYS A 1 58 ? -10.954 4.548   9.811   1.00 14.15 ? 149 CYS A O   1 
ATOM   449  C  CB  . CYS A 1 58 ? -11.447 3.067   7.160   1.00 11.95 ? 149 CYS A CB  1 
ATOM   450  S  SG  . CYS A 1 58 ? -9.773  2.463   6.778   1.00 11.81 ? 149 CYS A SG  1 
ATOM   451  N  N   . ASP A 1 59 ? -10.119 2.480   10.179  1.00 11.33 ? 150 ASP A N   1 
ATOM   452  C  CA  . ASP A 1 59 ? -9.127  2.909   11.158  1.00 11.45 ? 150 ASP A CA  1 
ATOM   453  C  C   . ASP A 1 59 ? -7.743  3.121   10.557  1.00 11.58 ? 150 ASP A C   1 
ATOM   454  O  O   . ASP A 1 59 ? -6.775  3.247   11.301  1.00 13.37 ? 150 ASP A O   1 
ATOM   455  C  CB  . ASP A 1 59 ? -9.029  1.893   12.292  1.00 11.52 ? 150 ASP A CB  1 
ATOM   456  C  CG  . ASP A 1 59 ? -10.338 1.732   13.050  1.00 13.39 ? 150 ASP A CG  1 
ATOM   457  O  OD1 . ASP A 1 59 ? -10.835 2.765   13.569  1.00 14.95 ? 150 ASP A OD1 1 
ATOM   458  O  OD2 . ASP A 1 59 ? -10.866 0.592   13.128  1.00 12.73 ? 150 ASP A OD2 1 
ATOM   459  N  N   . CYS A 1 60 ? -7.621  3.140   9.243   1.00 11.31 ? 151 CYS A N   1 
ATOM   460  C  CA  . CYS A 1 60 ? -6.327  3.415   8.641   1.00 12.62 ? 151 CYS A CA  1 
ATOM   461  C  C   . CYS A 1 60 ? -5.832  4.786   9.077   1.00 14.08 ? 151 CYS A C   1 
ATOM   462  O  O   . CYS A 1 60 ? -6.572  5.774   9.012   1.00 15.41 ? 151 CYS A O   1 
ATOM   463  C  CB  . CYS A 1 60 ? -6.423  3.384   7.124   1.00 11.62 ? 151 CYS A CB  1 
ATOM   464  S  SG  . CYS A 1 60 ? -4.790  3.527   6.364   1.00 15.55 ? 151 CYS A SG  1 
ATOM   465  N  N   . GLY A 1 61 ? -4.572  4.839   9.515   1.00 14.15 ? 152 GLY A N   1 
ATOM   466  C  CA  . GLY A 1 61 ? -3.954  6.074   9.960   1.00 16.95 ? 152 GLY A CA  1 
ATOM   467  C  C   . GLY A 1 61 ? -4.128  6.365   11.427  1.00 19.14 ? 152 GLY A C   1 
ATOM   468  O  O   . GLY A 1 61 ? -3.573  7.360   11.926  1.00 21.12 ? 152 GLY A O   1 
ATOM   469  N  N   . ASP A 1 62 ? -4.896  5.546   12.130  1.00 16.68 ? 153 ASP A N   1 
ATOM   470  C  CA  . ASP A 1 62 ? -5.059  5.672   13.569  1.00 18.24 ? 153 ASP A CA  1 
ATOM   471  C  C   . ASP A 1 62 ? -3.799  5.053   14.152  1.00 21.30 ? 153 ASP A C   1 
ATOM   472  O  O   . ASP A 1 62 ? -3.659  3.831   14.191  1.00 20.08 ? 153 ASP A O   1 
ATOM   473  C  CB  . ASP A 1 62 ? -6.329  4.954   14.008  1.00 16.82 ? 153 ASP A CB  1 
ATOM   474  C  CG  . ASP A 1 62 ? -6.580  5.062   15.489  1.00 18.80 ? 153 ASP A CG  1 
ATOM   475  O  OD1 . ASP A 1 62 ? -5.622  5.386   16.229  1.00 19.68 ? 153 ASP A OD1 1 
ATOM   476  O  OD2 . ASP A 1 62 ? -7.726  4.822   15.909  1.00 19.25 ? 153 ASP A OD2 1 
ATOM   477  N  N   . THR A 1 63 ? -2.875  5.900   14.573  1.00 24.28 ? 154 THR A N   1 
ATOM   478  C  CA  . THR A 1 63 ? -1.544  5.494   15.020  1.00 30.24 ? 154 THR A CA  1 
ATOM   479  C  C   . THR A 1 63 ? -1.550  4.819   16.360  1.00 30.34 ? 154 THR A C   1 
ATOM   480  O  O   . THR A 1 63 ? -0.454  4.599   16.895  1.00 33.91 ? 154 THR A O   1 
ATOM   481  C  CB  . THR A 1 63 ? -0.599  6.694   15.045  1.00 31.11 ? 154 THR A CB  1 
ATOM   482  O  OG1 . THR A 1 63 ? -1.184  7.760   15.808  1.00 33.17 ? 154 THR A OG1 1 
ATOM   483  C  CG2 . THR A 1 63 ? -0.311  7.169   13.621  1.00 28.43 ? 154 THR A CG2 1 
ATOM   484  N  N   . GLU A 1 64 ? -2.721  4.491   16.909  1.00 23.43 ? 155 GLU A N   1 
ATOM   485  C  CA  . GLU A 1 64 ? -2.836  3.720   18.145  1.00 25.51 ? 155 GLU A CA  1 
ATOM   486  C  C   . GLU A 1 64 ? -3.693  2.467   17.975  1.00 24.59 ? 155 GLU A C   1 
ATOM   487  O  O   . GLU A 1 64 ? -3.962  1.766   18.956  1.00 26.74 ? 155 GLU A O   1 
ATOM   488  C  CB  . GLU A 1 64 ? -3.420  4.606   19.248  1.00 30.06 ? 155 GLU A CB  1 
ATOM   489  C  CG  . GLU A 1 64 ? -2.469  5.696   19.705  1.00 30.82 ? 155 GLU A CG  1 
ATOM   490  C  CD  . GLU A 1 64 ? -2.981  6.436   20.926  1.00 37.20 ? 155 GLU A CD  1 
ATOM   491  O  OE1 . GLU A 1 64 ? -4.058  6.061   21.447  1.00 41.05 ? 155 GLU A OE1 1 
ATOM   492  O  OE2 . GLU A 1 64 ? -2.301  7.386   21.367  1.00 37.91 ? 155 GLU A OE2 1 
ATOM   493  N  N   . ALA A 1 65 ? -4.146  2.172   16.758  1.00 20.99 ? 156 ALA A N   1 
ATOM   494  C  CA  . ALA A 1 65 ? -5.010  1.028   16.496  1.00 19.90 ? 156 ALA A CA  1 
ATOM   495  C  C   . ALA A 1 65 ? -4.275  -0.196  15.950  1.00 16.53 ? 156 ALA A C   1 
ATOM   496  O  O   . ALA A 1 65 ? -4.872  -1.277  15.882  1.00 16.92 ? 156 ALA A O   1 
ATOM   497  C  CB  . ALA A 1 65 ? -6.106  1.422   15.492  1.00 20.46 ? 156 ALA A CB  1 
ATOM   498  N  N   . TRP A 1 66 ? -3.014  -0.064  15.553  1.00 19.17 ? 157 TRP A N   1 
ATOM   499  C  CA  . TRP A 1 66 ? -2.346  -1.098  14.767  1.00 16.72 ? 157 TRP A CA  1 
ATOM   500  C  C   . TRP A 1 66 ? -0.968  -1.371  15.342  1.00 17.83 ? 157 TRP A C   1 
ATOM   501  O  O   . TRP A 1 66 ? -0.181  -0.443  15.528  1.00 19.40 ? 157 TRP A O   1 
ATOM   502  C  CB  . TRP A 1 66 ? -2.226  -0.655  13.304  1.00 14.40 ? 157 TRP A CB  1 
ATOM   503  C  CG  . TRP A 1 66 ? -3.563  -0.373  12.691  1.00 11.70 ? 157 TRP A CG  1 
ATOM   504  C  CD1 . TRP A 1 66 ? -4.109  0.852   12.427  1.00 13.04 ? 157 TRP A CD1 1 
ATOM   505  C  CD2 . TRP A 1 66 ? -4.561  -1.345  12.324  1.00 12.83 ? 157 TRP A CD2 1 
ATOM   506  N  NE1 . TRP A 1 66 ? -5.376  0.693   11.889  1.00 12.79 ? 157 TRP A NE1 1 
ATOM   507  C  CE2 . TRP A 1 66 ? -5.656  -0.641  11.790  1.00 13.69 ? 157 TRP A CE2 1 
ATOM   508  C  CE3 . TRP A 1 66 ? -4.598  -2.744  12.335  1.00 12.79 ? 157 TRP A CE3 1 
ATOM   509  C  CZ2 . TRP A 1 66 ? -6.812  -1.283  11.337  1.00 10.87 ? 157 TRP A CZ2 1 
ATOM   510  C  CZ3 . TRP A 1 66 ? -5.747  -3.388  11.881  1.00 15.08 ? 157 TRP A CZ3 1 
ATOM   511  C  CH2 . TRP A 1 66 ? -6.836  -2.650  11.387  1.00 12.92 ? 157 TRP A CH2 1 
ATOM   512  N  N   . LYS A 1 67 ? -0.673  -2.644  15.608  1.00 16.02 ? 158 LYS A N   1 
ATOM   513  C  CA  . LYS A 1 67 ? 0.622   -2.981  16.185  1.00 19.65 ? 158 LYS A CA  1 
ATOM   514  C  C   . LYS A 1 67 ? 1.742   -2.888  15.159  1.00 18.61 ? 158 LYS A C   1 
ATOM   515  O  O   . LYS A 1 67 ? 2.908   -2.683  15.540  1.00 17.83 ? 158 LYS A O   1 
ATOM   516  C  CB  . LYS A 1 67 ? 0.556   -4.350  16.855  1.00 16.36 ? 158 LYS A CB  1 
ATOM   517  C  CG  . LYS A 1 67 ? -0.461  -4.406  17.979  1.00 21.88 ? 158 LYS A CG  1 
ATOM   518  C  CD  . LYS A 1 67 ? -0.401  -5.725  18.715  1.00 22.43 ? 158 LYS A CD  1 
ATOM   519  C  CE  . LYS A 1 67 ? -1.620  -6.570  18.433  1.00 30.14 ? 158 LYS A CE  1 
ATOM   520  N  NZ  . LYS A 1 67 ? -1.983  -7.427  19.607  1.00 30.38 ? 158 LYS A NZ  1 
ATOM   521  N  N   . THR A 1 68 ? 1.420   -3.062  13.871  1.00 14.58 ? 159 THR A N   1 
ATOM   522  C  CA  . THR A 1 68 ? 2.321   -2.762  12.763  1.00 14.70 ? 159 THR A CA  1 
ATOM   523  C  C   . THR A 1 68 ? 1.485   -2.159  11.641  1.00 15.48 ? 159 THR A C   1 
ATOM   524  O  O   . THR A 1 68 ? 0.264   -2.307  11.624  1.00 15.76 ? 159 THR A O   1 
ATOM   525  C  CB  . THR A 1 68 ? 3.039   -4.011  12.194  1.00 18.84 ? 159 THR A CB  1 
ATOM   526  O  OG1 . THR A 1 68 ? 2.234   -4.633  11.175  1.00 17.81 ? 159 THR A OG1 1 
ATOM   527  C  CG2 . THR A 1 68 ? 3.329   -5.032  13.288  1.00 20.75 ? 159 THR A CG2 1 
ATOM   528  N  N   . GLY A 1 69 ? 2.145   -1.499  10.690  1.00 18.95 ? 160 GLY A N   1 
ATOM   529  C  CA  . GLY A 1 69 ? 1.470   -0.979  9.516   1.00 15.69 ? 160 GLY A CA  1 
ATOM   530  C  C   . GLY A 1 69 ? 0.231   -0.122  9.767   1.00 15.44 ? 160 GLY A C   1 
ATOM   531  O  O   . GLY A 1 69 ? -0.845  -0.369  9.214   1.00 14.48 ? 160 GLY A O   1 
ATOM   532  N  N   . PRO A 1 70 ? 0.358   0.936   10.574  1.00 14.17 ? 161 PRO A N   1 
ATOM   533  C  CA  . PRO A 1 70 ? -0.813  1.797   10.821  1.00 17.46 ? 161 PRO A CA  1 
ATOM   534  C  C   . PRO A 1 70 ? -1.315  2.549   9.607   1.00 16.14 ? 161 PRO A C   1 
ATOM   535  O  O   . PRO A 1 70 ? -2.469  3.008   9.615   1.00 17.24 ? 161 PRO A O   1 
ATOM   536  C  CB  . PRO A 1 70 ? -0.314  2.771   11.895  1.00 19.94 ? 161 PRO A CB  1 
ATOM   537  C  CG  . PRO A 1 70 ? 1.146   2.802   11.676  1.00 20.99 ? 161 PRO A CG  1 
ATOM   538  C  CD  . PRO A 1 70 ? 1.522   1.396   11.343  1.00 16.00 ? 161 PRO A CD  1 
ATOM   539  N  N   . PHE A 1 71 ? -0.500  2.719   8.572   1.00 12.70 ? 162 PHE A N   1 
ATOM   540  C  CA  . PHE A 1 71 ? -0.914  3.438   7.376   1.00 13.48 ? 162 PHE A CA  1 
ATOM   541  C  C   . PHE A 1 71 ? -0.775  2.554   6.148   1.00 17.34 ? 162 PHE A C   1 
ATOM   542  O  O   . PHE A 1 71 ? 0.237   1.873   5.978   1.00 16.19 ? 162 PHE A O   1 
ATOM   543  C  CB  . PHE A 1 71 ? 0.003   4.638   7.128   1.00 16.58 ? 162 PHE A CB  1 
ATOM   544  C  CG  . PHE A 1 71 ? -0.054  5.688   8.195   1.00 19.05 ? 162 PHE A CG  1 
ATOM   545  C  CD1 . PHE A 1 71 ? -1.060  6.642   8.199   1.00 17.30 ? 162 PHE A CD1 1 
ATOM   546  C  CD2 . PHE A 1 71 ? 0.923   5.743   9.169   1.00 22.06 ? 162 PHE A CD2 1 
ATOM   547  C  CE1 . PHE A 1 71 ? -1.111  7.617   9.193   1.00 21.08 ? 162 PHE A CE1 1 
ATOM   548  C  CE2 . PHE A 1 71 ? 0.890   6.721   10.147  1.00 24.49 ? 162 PHE A CE2 1 
ATOM   549  C  CZ  . PHE A 1 71 ? -0.132  7.652   10.161  1.00 22.24 ? 162 PHE A CZ  1 
ATOM   550  N  N   . CYS A 1 72 ? -1.777  2.590   5.277   1.00 14.66 ? 163 CYS A N   1 
ATOM   551  C  CA  . CYS A 1 72 ? -1.604  2.060   3.933   1.00 13.10 ? 163 CYS A CA  1 
ATOM   552  C  C   . CYS A 1 72 ? -0.701  3.012   3.143   1.00 16.81 ? 163 CYS A C   1 
ATOM   553  O  O   . CYS A 1 72 ? -0.401  4.130   3.579   1.00 14.22 ? 163 CYS A O   1 
ATOM   554  C  CB  . CYS A 1 72 ? -2.965  1.870   3.245   1.00 10.71 ? 163 CYS A CB  1 
ATOM   555  S  SG  . CYS A 1 72 ? -3.696  3.373   2.719   1.00 12.72 ? 163 CYS A SG  1 
ATOM   556  N  N   . VAL A 1 73 ? -0.268  2.565   1.964   1.00 14.27 ? 164 VAL A N   1 
ATOM   557  C  CA  . VAL A 1 73 ? 0.652   3.398   1.178   1.00 16.16 ? 164 VAL A CA  1 
ATOM   558  C  C   . VAL A 1 73 ? -0.011  4.687   0.690   1.00 19.84 ? 164 VAL A C   1 
ATOM   559  O  O   . VAL A 1 73 ? 0.682   5.688   0.476   1.00 22.03 ? 164 VAL A O   1 
ATOM   560  C  CB  . VAL A 1 73 ? 1.351   2.619   0.047   1.00 23.27 ? 164 VAL A CB  1 
ATOM   561  C  CG1 . VAL A 1 73 ? 2.221   1.494   0.606   1.00 25.24 ? 164 VAL A CG1 1 
ATOM   562  C  CG2 . VAL A 1 73 ? 0.351   2.099   -0.930  1.00 21.04 ? 164 VAL A CG2 1 
ATOM   563  N  N   . ASN A 1 74 ? -1.344  4.713   0.547   1.00 15.53 ? 165 ASN A N   1 
ATOM   564  C  CA  . ASN A 1 74 ? -2.012  5.963   0.177   1.00 15.68 ? 165 ASN A CA  1 
ATOM   565  C  C   . ASN A 1 74 ? -2.035  6.993   1.299   1.00 18.88 ? 165 ASN A C   1 
ATOM   566  O  O   . ASN A 1 74 ? -2.008  8.201   1.032   1.00 25.34 ? 165 ASN A O   1 
ATOM   567  C  CB  . ASN A 1 74 ? -3.422  5.708   -0.353  1.00 22.37 ? 165 ASN A CB  1 
ATOM   568  C  CG  . ASN A 1 74 ? -3.448  5.602   -1.855  1.00 30.04 ? 165 ASN A CG  1 
ATOM   569  O  OD1 . ASN A 1 74 ? -2.732  6.339   -2.542  1.00 37.80 ? 165 ASN A OD1 1 
ATOM   570  N  ND2 . ASN A 1 74 ? -4.270  4.702   -2.380  1.00 35.87 ? 165 ASN A ND2 1 
ATOM   571  N  N   . HIS A 1 75 ? -2.098  6.565   2.550   1.00 17.20 ? 166 HIS A N   1 
ATOM   572  C  CA  . HIS A 1 75 ? -2.343  7.484   3.642   1.00 16.86 ? 166 HIS A CA  1 
ATOM   573  C  C   . HIS A 1 75 ? -1.096  7.751   4.468   1.00 19.26 ? 166 HIS A C   1 
ATOM   574  O  O   . HIS A 1 75 ? -1.126  8.598   5.365   1.00 18.91 ? 166 HIS A O   1 
ATOM   575  C  CB  . HIS A 1 75 ? -3.519  6.967   4.485   1.00 16.85 ? 166 HIS A CB  1 
ATOM   576  C  CG  . HIS A 1 75 ? -4.821  6.975   3.738   1.00 17.53 ? 166 HIS A CG  1 
ATOM   577  N  ND1 . HIS A 1 75 ? -5.701  5.906   3.711   1.00 14.08 ? 166 HIS A ND1 1 
ATOM   578  C  CD2 . HIS A 1 75 ? -5.368  7.931   2.946   1.00 20.23 ? 166 HIS A CD2 1 
ATOM   579  C  CE1 . HIS A 1 75 ? -6.737  6.222   2.954   1.00 18.06 ? 166 HIS A CE1 1 
ATOM   580  N  NE2 . HIS A 1 75 ? -6.569  7.448   2.493   1.00 19.56 ? 166 HIS A NE2 1 
ATOM   581  N  N   . GLU A 1 76 ? 0.002   7.061   4.171   1.00 17.50 ? 167 GLU A N   1 
ATOM   582  C  CA  . GLU A 1 76 ? 1.228   7.243   4.918   1.00 20.35 ? 167 GLU A CA  1 
ATOM   583  C  C   . GLU A 1 76 ? 1.813   8.625   4.652   1.00 19.96 ? 167 GLU A C   1 
ATOM   584  O  O   . GLU A 1 76 ? 1.528   9.243   3.624   1.00 20.42 ? 167 GLU A O   1 
ATOM   585  C  CB  . GLU A 1 76 ? 2.241   6.181   4.510   1.00 18.98 ? 167 GLU A CB  1 
ATOM   586  C  CG  . GLU A 1 76 ? 2.613   6.228   3.061   1.00 23.76 ? 167 GLU A CG  1 
ATOM   587  C  CD  . GLU A 1 76 ? 3.804   5.367   2.771   1.00 29.30 ? 167 GLU A CD  1 
ATOM   588  O  OE1 . GLU A 1 76 ? 3.875   4.267   3.351   1.00 27.78 ? 167 GLU A OE1 1 
ATOM   589  O  OE2 . GLU A 1 76 ? 4.656   5.785   1.955   1.00 32.26 ? 167 GLU A OE2 1 
ATOM   590  N  N   . PRO A 1 77 ? 2.621   9.140   5.583   1.00 21.40 ? 168 PRO A N   1 
ATOM   591  C  CA  . PRO A 1 77 ? 3.214   10.460  5.351   1.00 24.79 ? 168 PRO A CA  1 
ATOM   592  C  C   . PRO A 1 77 ? 4.247   10.407  4.234   1.00 27.44 ? 168 PRO A C   1 
ATOM   593  O  O   . PRO A 1 77 ? 4.598   11.444  3.673   1.00 29.50 ? 168 PRO A O   1 
ATOM   594  C  CB  . PRO A 1 77 ? 3.889   10.796  6.688   1.00 25.08 ? 168 PRO A CB  1 
ATOM   595  C  CG  . PRO A 1 77 ? 4.054   9.516   7.403   1.00 24.06 ? 168 PRO A CG  1 
ATOM   596  C  CD  . PRO A 1 77 ? 2.964   8.586   6.905   1.00 22.99 ? 168 PRO A CD  1 
ATOM   597  O  OXT . PRO A 1 77 ? 4.739   9.332   3.874   1.00 26.74 ? 168 PRO A OXT 1 
ATOM   598  N  N   . LEU B 1 7  ? 11.362  -9.389  -14.642 1.00 31.45 ? 98  LEU B N   1 
ATOM   599  C  CA  . LEU B 1 7  ? 12.758  -9.170  -15.011 1.00 34.33 ? 98  LEU B CA  1 
ATOM   600  C  C   . LEU B 1 7  ? 13.656  -8.733  -13.861 1.00 28.25 ? 98  LEU B C   1 
ATOM   601  O  O   . LEU B 1 7  ? 14.694  -9.350  -13.643 1.00 35.53 ? 98  LEU B O   1 
ATOM   602  C  CB  . LEU B 1 7  ? 12.888  -8.194  -16.181 1.00 29.54 ? 98  LEU B CB  1 
ATOM   603  C  CG  . LEU B 1 7  ? 12.330  -8.741  -17.483 1.00 33.89 ? 98  LEU B CG  1 
ATOM   604  C  CD1 . LEU B 1 7  ? 11.065  -8.021  -17.797 1.00 33.52 ? 98  LEU B CD1 1 
ATOM   605  C  CD2 . LEU B 1 7  ? 13.345  -8.585  -18.615 1.00 36.85 ? 98  LEU B CD2 1 
ATOM   606  N  N   . CYS B 1 8  ? 13.309  -7.660  -13.143 1.00 27.00 ? 99  CYS B N   1 
ATOM   607  C  CA  . CYS B 1 8  ? 14.158  -7.290  -12.011 1.00 20.53 ? 99  CYS B CA  1 
ATOM   608  C  C   . CYS B 1 8  ? 13.871  -8.197  -10.821 1.00 22.41 ? 99  CYS B C   1 
ATOM   609  O  O   . CYS B 1 8  ? 14.723  -8.989  -10.409 1.00 27.84 ? 99  CYS B O   1 
ATOM   610  C  CB  . CYS B 1 8  ? 14.001  -5.814  -11.628 1.00 18.86 ? 99  CYS B CB  1 
ATOM   611  S  SG  . CYS B 1 8  ? 15.094  -5.376  -10.235 1.00 17.44 ? 99  CYS B SG  1 
ATOM   612  N  N   . GLY B 1 9  ? 12.673  -8.066  -10.254 1.00 26.86 ? 100 GLY B N   1 
ATOM   613  C  CA  . GLY B 1 9  ? 12.231  -8.916  -9.170  1.00 24.45 ? 100 GLY B CA  1 
ATOM   614  C  C   . GLY B 1 9  ? 13.038  -8.818  -7.897  1.00 25.17 ? 100 GLY B C   1 
ATOM   615  O  O   . GLY B 1 9  ? 12.904  -9.690  -7.030  1.00 25.99 ? 100 GLY B O   1 
ATOM   616  N  N   . ARG B 1 10 ? 13.863  -7.778  -7.751  1.00 21.96 ? 101 ARG B N   1 
ATOM   617  C  CA  . ARG B 1 10 ? 14.693  -7.632  -6.555  1.00 21.41 ? 101 ARG B CA  1 
ATOM   618  C  C   . ARG B 1 10 ? 13.831  -7.583  -5.297  1.00 22.96 ? 101 ARG B C   1 
ATOM   619  O  O   . ARG B 1 10 ? 12.914  -6.768  -5.189  1.00 20.53 ? 101 ARG B O   1 
ATOM   620  C  CB  . ARG B 1 10 ? 15.537  -6.359  -6.638  1.00 21.60 ? 101 ARG B CB  1 
ATOM   621  C  CG  . ARG B 1 10 ? 16.286  -6.034  -5.329  1.00 28.75 ? 101 ARG B CG  1 
ATOM   622  C  CD  . ARG B 1 10 ? 17.013  -4.695  -5.409  1.00 33.02 ? 101 ARG B CD  1 
ATOM   623  N  NE  . ARG B 1 10 ? 17.921  -4.468  -4.290  1.00 29.27 ? 101 ARG B NE  1 
ATOM   624  C  CZ  . ARG B 1 10 ? 19.184  -4.074  -4.415  1.00 36.28 ? 101 ARG B CZ  1 
ATOM   625  N  NH1 . ARG B 1 10 ? 19.732  -3.868  -5.604  1.00 37.35 ? 101 ARG B NH1 1 
ATOM   626  N  NH2 . ARG B 1 10 ? 19.912  -3.871  -3.319  1.00 37.13 ? 101 ARG B NH2 1 
ATOM   627  N  N   . VAL B 1 11 ? 14.146  -8.447  -4.340  1.00 17.63 ? 102 VAL B N   1 
ATOM   628  C  CA  . VAL B 1 11 ? 13.435  -8.505  -3.067  1.00 19.36 ? 102 VAL B CA  1 
ATOM   629  C  C   . VAL B 1 11 ? 14.054  -7.502  -2.101  1.00 22.01 ? 102 VAL B C   1 
ATOM   630  O  O   . VAL B 1 11 ? 15.274  -7.486  -1.896  1.00 21.96 ? 102 VAL B O   1 
ATOM   631  C  CB  . VAL B 1 11 ? 13.471  -9.929  -2.490  1.00 21.72 ? 102 VAL B CB  1 
ATOM   632  C  CG1 . VAL B 1 11 ? 12.808  -9.968  -1.113  1.00 22.31 ? 102 VAL B CG1 1 
ATOM   633  C  CG2 . VAL B 1 11 ? 12.775  -10.885 -3.445  1.00 27.53 ? 102 VAL B CG2 1 
ATOM   634  N  N   . PHE B 1 12 ? 13.210  -6.673  -1.496  1.00 20.05 ? 103 PHE B N   1 
ATOM   635  C  CA  . PHE B 1 12 ? 13.692  -5.591  -0.654  1.00 17.25 ? 103 PHE B CA  1 
ATOM   636  C  C   . PHE B 1 12 ? 14.032  -6.073  0.753   1.00 17.74 ? 103 PHE B C   1 
ATOM   637  O  O   . PHE B 1 12 ? 13.363  -6.948  1.313   1.00 20.71 ? 103 PHE B O   1 
ATOM   638  C  CB  . PHE B 1 12 ? 12.647  -4.477  -0.587  1.00 18.59 ? 103 PHE B CB  1 
ATOM   639  C  CG  . PHE B 1 12 ? 12.290  -3.918  -1.930  1.00 21.46 ? 103 PHE B CG  1 
ATOM   640  C  CD1 . PHE B 1 12 ? 13.277  -3.467  -2.785  1.00 19.30 ? 103 PHE B CD1 1 
ATOM   641  C  CD2 . PHE B 1 12 ? 10.974  -3.873  -2.350  1.00 20.56 ? 103 PHE B CD2 1 
ATOM   642  C  CE1 . PHE B 1 12 ? 12.959  -2.961  -4.029  1.00 19.42 ? 103 PHE B CE1 1 
ATOM   643  C  CE2 . PHE B 1 12 ? 10.651  -3.364  -3.594  1.00 23.21 ? 103 PHE B CE2 1 
ATOM   644  C  CZ  . PHE B 1 12 ? 11.650  -2.911  -4.432  1.00 20.11 ? 103 PHE B CZ  1 
ATOM   645  N  N   . LYS B 1 13 ? 15.090  -5.505  1.308   1.00 18.91 ? 104 LYS B N   1 
ATOM   646  C  CA  . LYS B 1 13 ? 15.416  -5.660  2.715   1.00 22.06 ? 104 LYS B CA  1 
ATOM   647  C  C   . LYS B 1 13 ? 14.779  -4.516  3.490   1.00 23.16 ? 104 LYS B C   1 
ATOM   648  O  O   . LYS B 1 13 ? 14.529  -3.434  2.952   1.00 21.07 ? 104 LYS B O   1 
ATOM   649  C  CB  . LYS B 1 13 ? 16.929  -5.596  2.920   1.00 23.69 ? 104 LYS B CB  1 
ATOM   650  C  CG  . LYS B 1 13 ? 17.749  -6.506  2.007   1.00 30.88 ? 104 LYS B CG  1 
ATOM   651  C  CD  . LYS B 1 13 ? 18.621  -7.457  2.821   1.00 34.89 ? 104 LYS B CD  1 
ATOM   652  C  CE  . LYS B 1 13 ? 19.196  -8.580  1.963   1.00 38.62 ? 104 LYS B CE  1 
ATOM   653  N  NZ  . LYS B 1 13 ? 19.461  -8.125  0.567   1.00 42.19 ? 104 LYS B NZ  1 
ATOM   654  N  N   . SER B 1 14 ? 14.532  -4.755  4.774   1.00 25.55 ? 105 SER B N   1 
ATOM   655  C  CA  . SER B 1 14 ? 13.944  -3.715  5.606   1.00 22.12 ? 105 SER B CA  1 
ATOM   656  C  C   . SER B 1 14 ? 14.874  -2.513  5.671   1.00 21.06 ? 105 SER B C   1 
ATOM   657  O  O   . SER B 1 14 ? 16.080  -2.654  5.896   1.00 25.84 ? 105 SER B O   1 
ATOM   658  C  CB  . SER B 1 14 ? 13.676  -4.253  7.012   1.00 26.97 ? 105 SER B CB  1 
ATOM   659  O  OG  . SER B 1 14 ? 12.840  -3.353  7.723   1.00 30.65 ? 105 SER B OG  1 
ATOM   660  N  N   . GLY B 1 15 ? 14.308  -1.325  5.459   1.00 20.46 ? 106 GLY B N   1 
ATOM   661  C  CA  . GLY B 1 15 ? 15.065  -0.099  5.403   1.00 19.63 ? 106 GLY B CA  1 
ATOM   662  C  C   . GLY B 1 15 ? 15.478  0.344   4.012   1.00 23.36 ? 106 GLY B C   1 
ATOM   663  O  O   . GLY B 1 15 ? 15.959  1.476   3.853   1.00 20.87 ? 106 GLY B O   1 
ATOM   664  N  N   . GLU B 1 16 ? 15.305  -0.504  3.004   1.00 18.66 ? 107 GLU B N   1 
ATOM   665  C  CA  . GLU B 1 16 ? 15.784  -0.183  1.668   1.00 19.96 ? 107 GLU B CA  1 
ATOM   666  C  C   . GLU B 1 16 ? 14.900  0.874   1.023   1.00 18.80 ? 107 GLU B C   1 
ATOM   667  O  O   . GLU B 1 16 ? 13.673  0.853   1.157   1.00 20.47 ? 107 GLU B O   1 
ATOM   668  C  CB  . GLU B 1 16 ? 15.784  -1.448  0.818   1.00 21.28 ? 107 GLU B CB  1 
ATOM   669  C  CG  . GLU B 1 16 ? 16.446  -1.295  -0.537  1.00 23.91 ? 107 GLU B CG  1 
ATOM   670  C  CD  . GLU B 1 16 ? 16.592  -2.621  -1.231  1.00 25.09 ? 107 GLU B CD  1 
ATOM   671  O  OE1 . GLU B 1 16 ? 16.694  -3.644  -0.505  1.00 21.34 ? 107 GLU B OE1 1 
ATOM   672  O  OE2 . GLU B 1 16 ? 16.612  -2.635  -2.493  1.00 23.67 ? 107 GLU B OE2 1 
ATOM   673  N  N   . THR B 1 17 ? 15.539  1.789   0.303   1.00 22.94 ? 108 THR B N   1 
ATOM   674  C  CA  . THR B 1 17 ? 14.827  2.831   -0.423  1.00 20.76 ? 108 THR B CA  1 
ATOM   675  C  C   . THR B 1 17 ? 14.139  2.246   -1.655  1.00 24.81 ? 108 THR B C   1 
ATOM   676  O  O   . THR B 1 17 ? 14.767  1.546   -2.456  1.00 24.80 ? 108 THR B O   1 
ATOM   677  C  CB  . THR B 1 17 ? 15.835  3.894   -0.846  1.00 23.24 ? 108 THR B CB  1 
ATOM   678  O  OG1 . THR B 1 17 ? 16.599  4.316   0.298   1.00 28.38 ? 108 THR B OG1 1 
ATOM   679  C  CG2 . THR B 1 17 ? 15.128  5.084   -1.451  1.00 25.35 ? 108 THR B CG2 1 
ATOM   680  N  N   . THR B 1 18 ? 12.840  2.513   -1.798  1.00 19.67 ? 109 THR B N   1 
ATOM   681  C  CA  . THR B 1 18 ? 12.078  2.120   -2.974  1.00 19.29 ? 109 THR B CA  1 
ATOM   682  C  C   . THR B 1 18 ? 11.238  3.300   -3.441  1.00 22.65 ? 109 THR B C   1 
ATOM   683  O  O   . THR B 1 18 ? 11.157  4.338   -2.769  1.00 23.35 ? 109 THR B O   1 
ATOM   684  C  CB  . THR B 1 18 ? 11.168  0.922   -2.687  1.00 21.92 ? 109 THR B CB  1 
ATOM   685  O  OG1 . THR B 1 18 ? 10.134  1.332   -1.784  1.00 25.29 ? 109 THR B OG1 1 
ATOM   686  C  CG2 . THR B 1 18 ? 11.948  -0.226  -2.053  1.00 20.75 ? 109 THR B CG2 1 
ATOM   687  N  N   . TYR B 1 19 ? 10.608  3.141   -4.608  1.00 18.76 ? 110 TYR B N   1 
ATOM   688  C  CA  . TYR B 1 19 ? 9.911   4.245   -5.247  1.00 17.93 ? 110 TYR B CA  1 
ATOM   689  C  C   . TYR B 1 19 ? 8.644   3.763   -5.927  1.00 19.23 ? 110 TYR B C   1 
ATOM   690  O  O   . TYR B 1 19 ? 8.621   2.704   -6.560  1.00 20.28 ? 110 TYR B O   1 
ATOM   691  C  CB  . TYR B 1 19 ? 10.798  4.889   -6.330  1.00 15.31 ? 110 TYR B CB  1 
ATOM   692  C  CG  . TYR B 1 19 ? 12.088  5.460   -5.794  1.00 15.19 ? 110 TYR B CG  1 
ATOM   693  C  CD1 . TYR B 1 19 ? 13.189  4.640   -5.602  1.00 15.98 ? 110 TYR B CD1 1 
ATOM   694  C  CD2 . TYR B 1 19 ? 12.207  6.816   -5.466  1.00 18.66 ? 110 TYR B CD2 1 
ATOM   695  C  CE1 . TYR B 1 19 ? 14.377  5.139   -5.097  1.00 18.62 ? 110 TYR B CE1 1 
ATOM   696  C  CE2 . TYR B 1 19 ? 13.400  7.328   -4.964  1.00 20.11 ? 110 TYR B CE2 1 
ATOM   697  C  CZ  . TYR B 1 19 ? 14.482  6.484   -4.789  1.00 21.85 ? 110 TYR B CZ  1 
ATOM   698  O  OH  . TYR B 1 19 ? 15.676  6.956   -4.297  1.00 24.04 ? 110 TYR B OH  1 
ATOM   699  N  N   . SER B 1 20 ? 7.604   4.584   -5.856  1.00 20.51 ? 111 SER B N   1 
ATOM   700  C  CA  . SER B 1 20 ? 6.416   4.382   -6.659  1.00 20.85 ? 111 SER B CA  1 
ATOM   701  C  C   . SER B 1 20 ? 6.231   5.600   -7.551  1.00 17.93 ? 111 SER B C   1 
ATOM   702  O  O   . SER B 1 20 ? 6.840   6.654   -7.331  1.00 21.72 ? 111 SER B O   1 
ATOM   703  C  CB  . SER B 1 20 ? 5.179   4.204   -5.779  1.00 23.43 ? 111 SER B CB  1 
ATOM   704  O  OG  . SER B 1 20 ? 5.151   5.202   -4.774  1.00 34.11 ? 111 SER B OG  1 
ATOM   705  N  N   . CYS B 1 21 ? 5.424   5.430   -8.593  1.00 20.86 ? 112 CYS B N   1 
ATOM   706  C  CA  . CYS B 1 21 ? 5.063   6.538   -9.464  1.00 20.10 ? 112 CYS B CA  1 
ATOM   707  C  C   . CYS B 1 21 ? 3.544   6.588   -9.567  1.00 24.36 ? 112 CYS B C   1 
ATOM   708  O  O   . CYS B 1 21 ? 2.935   5.719   -10.197 1.00 25.71 ? 112 CYS B O   1 
ATOM   709  C  CB  . CYS B 1 21 ? 5.719   6.417   -10.840 1.00 21.29 ? 112 CYS B CB  1 
ATOM   710  S  SG  . CYS B 1 21 ? 5.375   7.870   -11.821 1.00 23.91 ? 112 CYS B SG  1 
ATOM   711  N  N   . ARG B 1 22 ? 2.936   7.609   -8.956  1.00 29.43 ? 113 ARG B N   1 
ATOM   712  C  CA  . ARG B 1 22 ? 1.476   7.669   -8.916  1.00 32.38 ? 113 ARG B CA  1 
ATOM   713  C  C   . ARG B 1 22 ? 0.881   7.987   -10.282 1.00 28.30 ? 113 ARG B C   1 
ATOM   714  O  O   . ARG B 1 22 ? -0.273  7.633   -10.547 1.00 38.96 ? 113 ARG B O   1 
ATOM   715  C  CB  . ARG B 1 22 ? 1.004   8.661   -7.845  1.00 35.17 ? 113 ARG B CB  1 
ATOM   716  C  CG  . ARG B 1 22 ? 1.654   10.043  -7.913  1.00 36.13 ? 113 ARG B CG  1 
ATOM   717  C  CD  . ARG B 1 22 ? 1.040   10.990  -6.876  1.00 43.02 ? 113 ARG B CD  1 
ATOM   718  N  NE  . ARG B 1 22 ? -0.020  11.826  -7.437  1.00 46.93 ? 113 ARG B NE  1 
ATOM   719  C  CZ  . ARG B 1 22 ? 0.152   13.057  -7.904  1.00 45.44 ? 113 ARG B CZ  1 
ATOM   720  N  NH1 . ARG B 1 22 ? 1.331   13.654  -7.863  1.00 40.79 ? 113 ARG B NH1 1 
ATOM   721  N  NH2 . ARG B 1 22 ? -0.891  13.710  -8.412  1.00 45.56 ? 113 ARG B NH2 1 
ATOM   722  N  N   . ASP B 1 23 ? 1.643   8.637   -11.164 1.00 28.51 ? 114 ASP B N   1 
ATOM   723  C  CA  . ASP B 1 23 ? 1.137   8.911   -12.505 1.00 28.23 ? 114 ASP B CA  1 
ATOM   724  C  C   . ASP B 1 23 ? 0.907   7.618   -13.286 1.00 28.78 ? 114 ASP B C   1 
ATOM   725  O  O   . ASP B 1 23 ? -0.076  7.499   -14.026 1.00 29.01 ? 114 ASP B O   1 
ATOM   726  C  CB  . ASP B 1 23 ? 2.098   9.840   -13.256 1.00 34.47 ? 114 ASP B CB  1 
ATOM   727  C  CG  . ASP B 1 23 ? 2.182   11.234  -12.634 1.00 34.89 ? 114 ASP B CG  1 
ATOM   728  O  OD1 . ASP B 1 23 ? 1.177   11.677  -12.026 1.00 39.43 ? 114 ASP B OD1 1 
ATOM   729  O  OD2 . ASP B 1 23 ? 3.253   11.887  -12.757 1.00 29.67 ? 114 ASP B OD2 1 
ATOM   730  N  N   . CYS B 1 24 ? 1.796   6.628   -13.127 1.00 24.00 ? 115 CYS B N   1 
ATOM   731  C  CA  . CYS B 1 24 ? 1.822   5.472   -14.017 1.00 21.59 ? 115 CYS B CA  1 
ATOM   732  C  C   . CYS B 1 24 ? 1.450   4.157   -13.358 1.00 19.63 ? 115 CYS B C   1 
ATOM   733  O  O   . CYS B 1 24 ? 1.205   3.185   -14.074 1.00 23.73 ? 115 CYS B O   1 
ATOM   734  C  CB  . CYS B 1 24 ? 3.216   5.293   -14.637 1.00 20.19 ? 115 CYS B CB  1 
ATOM   735  S  SG  . CYS B 1 24 ? 3.907   6.798   -15.345 1.00 26.26 ? 115 CYS B SG  1 
ATOM   736  N  N   . ALA B 1 25 ? 1.481   4.077   -12.032 1.00 25.03 ? 116 ALA B N   1 
ATOM   737  C  CA  . ALA B 1 25 ? 1.203   2.812   -11.367 1.00 23.33 ? 116 ALA B CA  1 
ATOM   738  C  C   . ALA B 1 25 ? -0.252  2.419   -11.564 1.00 23.89 ? 116 ALA B C   1 
ATOM   739  O  O   . ALA B 1 25 ? -1.153  3.261   -11.511 1.00 31.30 ? 116 ALA B O   1 
ATOM   740  C  CB  . ALA B 1 25 ? 1.488   2.920   -9.870  1.00 23.26 ? 116 ALA B CB  1 
ATOM   741  N  N   . ILE B 1 26 ? -0.470  1.126   -11.802 1.00 23.46 ? 117 ILE B N   1 
ATOM   742  C  CA  . ILE B 1 26 ? -1.825  0.591   -11.884 1.00 23.99 ? 117 ILE B CA  1 
ATOM   743  C  C   . ILE B 1 26 ? -2.518  0.689   -10.531 1.00 31.53 ? 117 ILE B C   1 
ATOM   744  O  O   . ILE B 1 26 ? -3.726  0.955   -10.451 1.00 30.70 ? 117 ILE B O   1 
ATOM   745  C  CB  . ILE B 1 26 ? -1.776  -0.858  -12.398 1.00 27.14 ? 117 ILE B CB  1 
ATOM   746  C  CG1 . ILE B 1 26 ? -1.649  -0.882  -13.916 1.00 30.17 ? 117 ILE B CG1 1 
ATOM   747  C  CG2 . ILE B 1 26 ? -3.005  -1.631  -11.945 1.00 36.72 ? 117 ILE B CG2 1 
ATOM   748  C  CD1 . ILE B 1 26 ? -2.671  -0.026  -14.627 1.00 32.71 ? 117 ILE B CD1 1 
ATOM   749  N  N   . ASP B 1 27 ? -1.774  0.482   -9.452  1.00 29.32 ? 118 ASP B N   1 
ATOM   750  C  CA  . ASP B 1 27 ? -2.311  0.687   -8.116  1.00 29.28 ? 118 ASP B CA  1 
ATOM   751  C  C   . ASP B 1 27 ? -1.174  1.133   -7.214  1.00 26.34 ? 118 ASP B C   1 
ATOM   752  O  O   . ASP B 1 27 ? 0.003   1.085   -7.610  1.00 22.24 ? 118 ASP B O   1 
ATOM   753  C  CB  . ASP B 1 27 ? -3.028  -0.568  -7.582  1.00 28.58 ? 118 ASP B CB  1 
ATOM   754  C  CG  . ASP B 1 27 ? -2.106  -1.749  -7.373  1.00 27.22 ? 118 ASP B CG  1 
ATOM   755  O  OD1 . ASP B 1 27 ? -1.122  -1.638  -6.604  1.00 27.76 ? 118 ASP B OD1 1 
ATOM   756  O  OD2 . ASP B 1 27 ? -2.382  -2.803  -7.966  1.00 29.45 ? 118 ASP B OD2 1 
ATOM   757  N  N   . PRO B 1 28 ? -1.483  1.620   -6.008  1.00 27.05 ? 119 PRO B N   1 
ATOM   758  C  CA  . PRO B 1 28 ? -0.422  2.195   -5.167  1.00 26.69 ? 119 PRO B CA  1 
ATOM   759  C  C   . PRO B 1 28 ? 0.630   1.195   -4.693  1.00 17.72 ? 119 PRO B C   1 
ATOM   760  O  O   . PRO B 1 28 ? 1.633   1.631   -4.127  1.00 22.89 ? 119 PRO B O   1 
ATOM   761  C  CB  . PRO B 1 28 ? -1.194  2.799   -3.983  1.00 26.05 ? 119 PRO B CB  1 
ATOM   762  C  CG  . PRO B 1 28 ? -2.577  2.988   -4.488  1.00 29.74 ? 119 PRO B CG  1 
ATOM   763  C  CD  . PRO B 1 28 ? -2.807  1.817   -5.386  1.00 27.80 ? 119 PRO B CD  1 
ATOM   764  N  N   . THR B 1 29 ? 0.449   -0.106  -4.890  1.00 16.97 ? 120 THR B N   1 
ATOM   765  C  CA  . THR B 1 29 ? 1.450   -1.061  -4.406  1.00 18.90 ? 120 THR B CA  1 
ATOM   766  C  C   . THR B 1 29 ? 2.565   -1.328  -5.411  1.00 18.69 ? 120 THR B C   1 
ATOM   767  O  O   . THR B 1 29 ? 3.497   -2.077  -5.098  1.00 19.08 ? 120 THR B O   1 
ATOM   768  C  CB  . THR B 1 29 ? 0.817   -2.396  -3.974  1.00 21.01 ? 120 THR B CB  1 
ATOM   769  O  OG1 . THR B 1 29 ? 0.370   -3.133  -5.119  1.00 23.69 ? 120 THR B OG1 1 
ATOM   770  C  CG2 . THR B 1 29 ? -0.367  -2.168  -3.016  1.00 20.35 ? 120 THR B CG2 1 
ATOM   771  N  N   . CYS B 1 30 ? 2.477   -0.770  -6.613  1.00 19.79 ? 121 CYS B N   1 
ATOM   772  C  CA  . CYS B 1 30 ? 3.527   -0.971  -7.607  1.00 17.19 ? 121 CYS B CA  1 
ATOM   773  C  C   . CYS B 1 30 ? 4.760   -0.177  -7.205  1.00 15.42 ? 121 CYS B C   1 
ATOM   774  O  O   . CYS B 1 30 ? 4.656   0.999   -6.852  1.00 18.41 ? 121 CYS B O   1 
ATOM   775  C  CB  . CYS B 1 30 ? 3.028   -0.513  -8.970  1.00 18.55 ? 121 CYS B CB  1 
ATOM   776  S  SG  . CYS B 1 30 ? 1.647   -1.464  -9.525  1.00 22.85 ? 121 CYS B SG  1 
ATOM   777  N  N   A VAL B 1 31 ? 5.926   -0.823  -7.277  0.18 17.01 ? 122 VAL B N   1 
ATOM   778  N  N   B VAL B 1 31 ? 5.938   -0.804  -7.301  0.82 17.01 ? 122 VAL B N   1 
ATOM   779  C  CA  A VAL B 1 31 ? 7.170   -0.279  -6.755  0.18 18.10 ? 122 VAL B CA  1 
ATOM   780  C  CA  B VAL B 1 31 ? 7.149   -0.238  -6.719  0.82 18.16 ? 122 VAL B CA  1 
ATOM   781  C  C   A VAL B 1 31 ? 8.255   -0.365  -7.815  0.18 15.33 ? 122 VAL B C   1 
ATOM   782  C  C   B VAL B 1 31 ? 8.363   -0.584  -7.581  0.82 15.62 ? 122 VAL B C   1 
ATOM   783  O  O   A VAL B 1 31 ? 8.092   -0.992  -8.861  0.18 16.01 ? 122 VAL B O   1 
ATOM   784  O  O   B VAL B 1 31 ? 8.388   -1.609  -8.270  0.82 12.39 ? 122 VAL B O   1 
ATOM   785  C  CB  A VAL B 1 31 ? 7.647   -1.022  -5.493  0.18 17.42 ? 122 VAL B CB  1 
ATOM   786  C  CB  B VAL B 1 31 ? 7.310   -0.686  -5.244  0.82 16.68 ? 122 VAL B CB  1 
ATOM   787  C  CG1 A VAL B 1 31 ? 7.078   -0.399  -4.285  0.18 20.38 ? 122 VAL B CG1 1 
ATOM   788  C  CG1 B VAL B 1 31 ? 7.689   -2.139  -5.148  0.82 17.87 ? 122 VAL B CG1 1 
ATOM   789  C  CG2 A VAL B 1 31 ? 7.258   -2.475  -5.568  0.18 18.23 ? 122 VAL B CG2 1 
ATOM   790  C  CG2 B VAL B 1 31 ? 8.314   0.165   -4.523  0.82 19.55 ? 122 VAL B CG2 1 
ATOM   791  N  N   . LEU B 1 32 ? 9.382   0.273   -7.509  1.00 15.94 ? 123 LEU B N   1 
ATOM   792  C  CA  . LEU B 1 32 ? 10.640  0.075   -8.215  1.00 12.77 ? 123 LEU B CA  1 
ATOM   793  C  C   . LEU B 1 32 ? 11.772  0.164   -7.203  1.00 12.78 ? 123 LEU B C   1 
ATOM   794  O  O   . LEU B 1 32 ? 11.721  0.971   -6.262  1.00 15.28 ? 123 LEU B O   1 
ATOM   795  C  CB  . LEU B 1 32 ? 10.867  1.153   -9.269  1.00 15.43 ? 123 LEU B CB  1 
ATOM   796  C  CG  . LEU B 1 32 ? 9.833   1.167   -10.400 1.00 14.64 ? 123 LEU B CG  1 
ATOM   797  C  CD1 . LEU B 1 32 ? 9.950   2.423   -11.246 1.00 17.15 ? 123 LEU B CD1 1 
ATOM   798  C  CD2 . LEU B 1 32 ? 9.999   -0.070  -11.250 1.00 18.03 ? 123 LEU B CD2 1 
ATOM   799  N  N   . CYS B 1 33 ? 12.779  -0.689  -7.371  1.00 10.69 ? 124 CYS B N   1 
ATOM   800  C  CA  . CYS B 1 33 ? 14.032  -0.557  -6.655  1.00 15.12 ? 124 CYS B CA  1 
ATOM   801  C  C   . CYS B 1 33 ? 14.752  0.728   -7.077  1.00 14.47 ? 124 CYS B C   1 
ATOM   802  O  O   . CYS B 1 33 ? 14.393  1.400   -8.054  1.00 13.31 ? 124 CYS B O   1 
ATOM   803  C  CB  . CYS B 1 33 ? 14.911  -1.789  -6.892  1.00 13.25 ? 124 CYS B CB  1 
ATOM   804  S  SG  . CYS B 1 33 ? 15.679  -1.862  -8.521  1.00 13.11 ? 124 CYS B SG  1 
ATOM   805  N  N   . MET B 1 34 ? 15.778  1.094   -6.313  1.00 14.23 ? 125 MET B N   1 
ATOM   806  C  CA  . MET B 1 34 ? 16.388  2.389   -6.582  1.00 15.98 ? 125 MET B CA  1 
ATOM   807  C  C   . MET B 1 34 ? 17.095  2.421   -7.938  1.00 16.51 ? 125 MET B C   1 
ATOM   808  O  O   . MET B 1 34 ? 16.995  3.412   -8.655  1.00 15.55 ? 125 MET B O   1 
ATOM   809  C  CB  . MET B 1 34 ? 17.262  2.850   -5.414  1.00 22.03 ? 125 MET B CB  1 
ATOM   810  C  CG  . MET B 1 34 ? 18.042  4.133   -5.660  1.00 19.97 ? 125 MET B CG  1 
ATOM   811  S  SD  . MET B 1 34 ? 18.875  4.523   -4.122  1.00 33.16 ? 125 MET B SD  1 
ATOM   812  C  CE  . MET B 1 34 ? 19.212  6.266   -4.374  1.00 32.72 ? 125 MET B CE  1 
ATOM   813  N  N   . ASP B 1 35 ? 17.743  1.328   -8.330  1.00 15.55 ? 126 ASP B N   1 
ATOM   814  C  CA  . ASP B 1 35 ? 18.455  1.318   -9.607  1.00 18.67 ? 126 ASP B CA  1 
ATOM   815  C  C   . ASP B 1 35 ? 17.484  1.433   -10.775 1.00 20.24 ? 126 ASP B C   1 
ATOM   816  O  O   . ASP B 1 35 ? 17.703  2.229   -11.703 1.00 17.25 ? 126 ASP B O   1 
ATOM   817  C  CB  . ASP B 1 35 ? 19.313  0.056   -9.696  1.00 19.33 ? 126 ASP B CB  1 
ATOM   818  C  CG  . ASP B 1 35 ? 20.625  0.196   -8.928  1.00 30.29 ? 126 ASP B CG  1 
ATOM   819  O  OD1 . ASP B 1 35 ? 20.926  1.329   -8.499  1.00 32.92 ? 126 ASP B OD1 1 
ATOM   820  O  OD2 . ASP B 1 35 ? 21.319  -0.818  -8.698  1.00 34.15 ? 126 ASP B OD2 1 
ATOM   821  N  N   . CYS B 1 36 ? 16.368  0.697   -10.718 1.00 14.63 ? 127 CYS B N   1 
ATOM   822  C  CA  . CYS B 1 36 ? 15.395  0.789   -11.796 1.00 15.02 ? 127 CYS B CA  1 
ATOM   823  C  C   . CYS B 1 36 ? 14.747  2.165   -11.832 1.00 13.43 ? 127 CYS B C   1 
ATOM   824  O  O   . CYS B 1 36 ? 14.582  2.747   -12.903 1.00 15.45 ? 127 CYS B O   1 
ATOM   825  C  CB  . CYS B 1 36 ? 14.348  -0.312  -11.648 1.00 15.64 ? 127 CYS B CB  1 
ATOM   826  S  SG  . CYS B 1 36 ? 15.026  -1.957  -11.909 1.00 12.95 ? 127 CYS B SG  1 
ATOM   827  N  N   . PHE B 1 37 ? 14.345  2.697   -10.663 1.00 12.35 ? 128 PHE B N   1 
ATOM   828  C  CA  . PHE B 1 37 ? 13.743  4.025   -10.637 1.00 13.69 ? 128 PHE B CA  1 
ATOM   829  C  C   . PHE B 1 37 ? 14.657  5.058   -11.289 1.00 15.42 ? 128 PHE B C   1 
ATOM   830  O  O   . PHE B 1 37 ? 14.209  5.845   -12.129 1.00 15.96 ? 128 PHE B O   1 
ATOM   831  C  CB  . PHE B 1 37 ? 13.442  4.450   -9.193  1.00 13.42 ? 128 PHE B CB  1 
ATOM   832  C  CG  . PHE B 1 37 ? 13.059  5.896   -9.072  1.00 13.70 ? 128 PHE B CG  1 
ATOM   833  C  CD1 . PHE B 1 37 ? 11.802  6.327   -9.493  1.00 15.44 ? 128 PHE B CD1 1 
ATOM   834  C  CD2 . PHE B 1 37 ? 13.962  6.822   -8.584  1.00 15.28 ? 128 PHE B CD2 1 
ATOM   835  C  CE1 . PHE B 1 37 ? 11.447  7.678   -9.386  1.00 17.75 ? 128 PHE B CE1 1 
ATOM   836  C  CE2 . PHE B 1 37 ? 13.626  8.164   -8.484  1.00 21.19 ? 128 PHE B CE2 1 
ATOM   837  C  CZ  . PHE B 1 37 ? 12.370  8.584   -8.885  1.00 21.56 ? 128 PHE B CZ  1 
ATOM   838  N  N   . GLN B 1 38 ? 15.931  5.079   -10.893 1.00 17.36 ? 129 GLN B N   1 
ATOM   839  C  CA  . GLN B 1 38 ? 16.850  6.103   -11.395 1.00 19.29 ? 129 GLN B CA  1 
ATOM   840  C  C   . GLN B 1 38 ? 17.072  5.962   -12.888 1.00 23.45 ? 129 GLN B C   1 
ATOM   841  O  O   . GLN B 1 38 ? 17.331  6.963   -13.571 1.00 21.43 ? 129 GLN B O   1 
ATOM   842  C  CB  . GLN B 1 38 ? 18.188  6.034   -10.662 1.00 23.20 ? 129 GLN B CB  1 
ATOM   843  C  CG  . GLN B 1 38 ? 18.113  6.259   -9.156  1.00 27.22 ? 129 GLN B CG  1 
ATOM   844  C  CD  . GLN B 1 38 ? 17.848  7.700   -8.775  1.00 33.44 ? 129 GLN B CD  1 
ATOM   845  O  OE1 . GLN B 1 38 ? 17.751  8.581   -9.632  1.00 34.51 ? 129 GLN B OE1 1 
ATOM   846  N  NE2 . GLN B 1 38 ? 17.689  7.942   -7.478  1.00 35.67 ? 129 GLN B NE2 1 
ATOM   847  N  N   . ASP B 1 39 ? 16.965  4.736   -13.408 1.00 16.03 ? 130 ASP B N   1 
ATOM   848  C  CA  . ASP B 1 39 ? 17.161  4.453   -14.821 1.00 15.50 ? 130 ASP B CA  1 
ATOM   849  C  C   . ASP B 1 39 ? 15.845  4.391   -15.600 1.00 15.92 ? 130 ASP B C   1 
ATOM   850  O  O   . ASP B 1 39 ? 15.806  3.824   -16.696 1.00 14.48 ? 130 ASP B O   1 
ATOM   851  C  CB  . ASP B 1 39 ? 17.923  3.138   -14.966 1.00 15.63 ? 130 ASP B CB  1 
ATOM   852  C  CG  . ASP B 1 39 ? 19.334  3.217   -14.421 1.00 17.90 ? 130 ASP B CG  1 
ATOM   853  O  OD1 . ASP B 1 39 ? 19.821  4.336   -14.196 1.00 22.15 ? 130 ASP B OD1 1 
ATOM   854  O  OD2 . ASP B 1 39 ? 19.958  2.156   -14.193 1.00 28.34 ? 130 ASP B OD2 1 
ATOM   855  N  N   . SER B 1 40 ? 14.772  4.990   -15.078 1.00 15.09 ? 131 SER B N   1 
ATOM   856  C  CA  . SER B 1 40 ? 13.447  4.893   -15.663 1.00 14.93 ? 131 SER B CA  1 
ATOM   857  C  C   . SER B 1 40 ? 12.883  6.278   -15.939 1.00 13.63 ? 131 SER B C   1 
ATOM   858  O  O   . SER B 1 40 ? 13.379  7.286   -15.441 1.00 14.41 ? 131 SER B O   1 
ATOM   859  C  CB  . SER B 1 40 ? 12.468  4.145   -14.739 1.00 15.54 ? 131 SER B CB  1 
ATOM   860  O  OG  . SER B 1 40 ? 11.972  5.016   -13.728 1.00 16.77 ? 131 SER B OG  1 
ATOM   861  N  N   . VAL B 1 41 ? 11.808  6.301   -16.730 1.00 13.67 ? 132 VAL B N   1 
ATOM   862  C  CA  . VAL B 1 41 ? 11.113  7.549   -17.039 1.00 15.17 ? 132 VAL B CA  1 
ATOM   863  C  C   . VAL B 1 41 ? 10.479  8.168   -15.800 1.00 17.88 ? 132 VAL B C   1 
ATOM   864  O  O   . VAL B 1 41 ? 10.244  9.380   -15.765 1.00 17.66 ? 132 VAL B O   1 
ATOM   865  C  CB  . VAL B 1 41 ? 10.054  7.278   -18.127 1.00 18.80 ? 132 VAL B CB  1 
ATOM   866  C  CG1 . VAL B 1 41 ? 8.872   6.513   -17.530 1.00 15.71 ? 132 VAL B CG1 1 
ATOM   867  C  CG2 . VAL B 1 41 ? 9.584   8.576   -18.773 1.00 19.32 ? 132 VAL B CG2 1 
ATOM   868  N  N   . HIS B 1 42 ? 10.196  7.363   -14.774 1.00 17.91 ? 133 HIS B N   1 
ATOM   869  C  CA  . HIS B 1 42 ? 9.457   7.834   -13.608 1.00 21.44 ? 133 HIS B CA  1 
ATOM   870  C  C   . HIS B 1 42 ? 10.275  8.769   -12.730 1.00 19.51 ? 133 HIS B C   1 
ATOM   871  O  O   . HIS B 1 42 ? 9.689   9.462   -11.883 1.00 20.64 ? 133 HIS B O   1 
ATOM   872  C  CB  . HIS B 1 42 ? 8.933   6.623   -12.841 1.00 21.53 ? 133 HIS B CB  1 
ATOM   873  C  CG  . HIS B 1 42 ? 8.251   5.627   -13.723 1.00 19.29 ? 133 HIS B CG  1 
ATOM   874  N  ND1 . HIS B 1 42 ? 7.077   5.904   -14.385 1.00 16.46 ? 133 HIS B ND1 1 
ATOM   875  C  CD2 . HIS B 1 42 ? 8.630   4.392   -14.137 1.00 16.31 ? 133 HIS B CD2 1 
ATOM   876  C  CE1 . HIS B 1 42 ? 6.732   4.867   -15.128 1.00 18.19 ? 133 HIS B CE1 1 
ATOM   877  N  NE2 . HIS B 1 42 ? 7.652   3.930   -14.984 1.00 17.01 ? 133 HIS B NE2 1 
ATOM   878  N  N   . LYS B 1 43 ? 11.597  8.832   -12.926 1.00 20.23 ? 134 LYS B N   1 
ATOM   879  C  CA  . LYS B 1 43 ? 12.402  9.837   -12.245 1.00 19.53 ? 134 LYS B CA  1 
ATOM   880  C  C   . LYS B 1 43 ? 11.900  11.243  -12.551 1.00 23.35 ? 134 LYS B C   1 
ATOM   881  O  O   . LYS B 1 43 ? 12.091  12.164  -11.744 1.00 25.13 ? 134 LYS B O   1 
ATOM   882  C  CB  . LYS B 1 43 ? 13.865  9.709   -12.676 1.00 28.25 ? 134 LYS B CB  1 
ATOM   883  C  CG  . LYS B 1 43 ? 14.828  10.422  -11.740 1.00 30.47 ? 134 LYS B CG  1 
ATOM   884  C  CD  . LYS B 1 43 ? 16.251  10.411  -12.256 1.00 33.83 ? 134 LYS B CD  1 
ATOM   885  C  CE  . LYS B 1 43 ? 17.094  11.469  -11.537 1.00 36.71 ? 134 LYS B CE  1 
ATOM   886  N  NZ  . LYS B 1 43 ? 18.529  11.083  -11.428 1.00 35.69 ? 134 LYS B NZ  1 
ATOM   887  N  N   . ASN B 1 44 ? 11.255  11.429  -13.700 1.00 23.37 ? 135 ASN B N   1 
ATOM   888  C  CA  . ASN B 1 44 ? 10.813  12.739  -14.156 1.00 24.96 ? 135 ASN B CA  1 
ATOM   889  C  C   . ASN B 1 44 ? 9.323   12.960  -13.935 1.00 23.45 ? 135 ASN B C   1 
ATOM   890  O  O   . ASN B 1 44 ? 8.766   13.928  -14.464 1.00 26.67 ? 135 ASN B O   1 
ATOM   891  C  CB  . ASN B 1 44 ? 11.165  12.919  -15.635 1.00 26.59 ? 135 ASN B CB  1 
ATOM   892  C  CG  . ASN B 1 44 ? 12.662  12.968  -15.881 1.00 26.66 ? 135 ASN B CG  1 
ATOM   893  O  OD1 . ASN B 1 44 ? 13.446  13.366  -15.013 1.00 36.24 ? 135 ASN B OD1 1 
ATOM   894  N  ND2 . ASN B 1 44 ? 13.073  12.530  -17.069 1.00 33.64 ? 135 ASN B ND2 1 
ATOM   895  N  N   . HIS B 1 45 ? 8.658   12.075  -13.190 1.00 21.04 ? 136 HIS B N   1 
ATOM   896  C  CA  . HIS B 1 45 ? 7.242   12.152  -12.865 1.00 23.87 ? 136 HIS B CA  1 
ATOM   897  C  C   . HIS B 1 45 ? 7.063   12.525  -11.394 1.00 19.66 ? 136 HIS B C   1 
ATOM   898  O  O   . HIS B 1 45 ? 8.032   12.802  -10.680 1.00 22.12 ? 136 HIS B O   1 
ATOM   899  C  CB  . HIS B 1 45 ? 6.567   10.814  -13.166 1.00 23.21 ? 136 HIS B CB  1 
ATOM   900  C  CG  . HIS B 1 45 ? 6.634   10.410  -14.605 1.00 22.77 ? 136 HIS B CG  1 
ATOM   901  N  ND1 . HIS B 1 45 ? 6.429   9.112   -15.022 1.00 20.20 ? 136 HIS B ND1 1 
ATOM   902  C  CD2 . HIS B 1 45 ? 6.853   11.139  -15.724 1.00 23.84 ? 136 HIS B CD2 1 
ATOM   903  C  CE1 . HIS B 1 45 ? 6.520   9.058   -16.340 1.00 20.23 ? 136 HIS B CE1 1 
ATOM   904  N  NE2 . HIS B 1 45 ? 6.776   10.275  -16.789 1.00 21.81 ? 136 HIS B NE2 1 
ATOM   905  N  N   . ARG B 1 46 ? 5.817   12.529  -10.932 1.00 28.49 ? 137 ARG B N   1 
ATOM   906  C  CA  . ARG B 1 46 ? 5.554   12.770  -9.512  1.00 27.68 ? 137 ARG B CA  1 
ATOM   907  C  C   . ARG B 1 46 ? 5.685   11.439  -8.786  1.00 26.07 ? 137 ARG B C   1 
ATOM   908  O  O   . ARG B 1 46 ? 4.718   10.703  -8.604  1.00 29.23 ? 137 ARG B O   1 
ATOM   909  C  CB  . ARG B 1 46 ? 4.197   13.422  -9.272  1.00 32.33 ? 137 ARG B CB  1 
ATOM   910  C  CG  . ARG B 1 46 ? 4.187   14.934  -9.442  1.00 34.10 ? 137 ARG B CG  1 
ATOM   911  C  CD  . ARG B 1 46 ? 4.069   15.336  -10.907 1.00 35.33 ? 137 ARG B CD  1 
ATOM   912  N  NE  . ARG B 1 46 ? 2.886   14.737  -11.523 1.00 41.95 ? 137 ARG B NE  1 
ATOM   913  C  CZ  . ARG B 1 46 ? 1.689   15.311  -11.562 1.00 40.70 ? 137 ARG B CZ  1 
ATOM   914  N  NH1 . ARG B 1 46 ? 1.491   16.530  -11.086 1.00 34.89 ? 137 ARG B NH1 1 
ATOM   915  N  NH2 . ARG B 1 46 ? 0.666   14.646  -12.095 1.00 39.67 ? 137 ARG B NH2 1 
ATOM   916  N  N   . TYR B 1 47 ? 6.904   11.118  -8.381  1.00 24.03 ? 138 TYR B N   1 
ATOM   917  C  CA  . TYR B 1 47 ? 7.168   9.874   -7.678  1.00 21.35 ? 138 TYR B CA  1 
ATOM   918  C  C   . TYR B 1 47 ? 7.126   10.116  -6.174  1.00 26.95 ? 138 TYR B C   1 
ATOM   919  O  O   . TYR B 1 47 ? 7.049   11.254  -5.706  1.00 26.80 ? 138 TYR B O   1 
ATOM   920  C  CB  . TYR B 1 47 ? 8.545   9.344   -8.064  1.00 22.90 ? 138 TYR B CB  1 
ATOM   921  C  CG  . TYR B 1 47 ? 9.675   10.259  -7.659  1.00 23.94 ? 138 TYR B CG  1 
ATOM   922  C  CD1 . TYR B 1 47 ? 10.276  10.139  -6.409  1.00 26.33 ? 138 TYR B CD1 1 
ATOM   923  C  CD2 . TYR B 1 47 ? 10.146  11.239  -8.526  1.00 24.05 ? 138 TYR B CD2 1 
ATOM   924  C  CE1 . TYR B 1 47 ? 11.318  10.971  -6.037  1.00 28.46 ? 138 TYR B CE1 1 
ATOM   925  C  CE2 . TYR B 1 47 ? 11.185  12.074  -8.163  1.00 28.62 ? 138 TYR B CE2 1 
ATOM   926  C  CZ  . TYR B 1 47 ? 11.761  11.935  -6.919  1.00 26.53 ? 138 TYR B CZ  1 
ATOM   927  O  OH  . TYR B 1 47 ? 12.799  12.761  -6.563  1.00 31.84 ? 138 TYR B OH  1 
ATOM   928  N  N   . LYS B 1 48 ? 7.236   9.022   -5.419  1.00 27.81 ? 139 LYS B N   1 
ATOM   929  C  CA  . LYS B 1 48 ? 7.269   9.052   -3.958  1.00 27.79 ? 139 LYS B CA  1 
ATOM   930  C  C   . LYS B 1 48 ? 8.354   8.086   -3.494  1.00 27.85 ? 139 LYS B C   1 
ATOM   931  O  O   . LYS B 1 48 ? 8.320   6.908   -3.865  1.00 31.03 ? 139 LYS B O   1 
ATOM   932  C  CB  . LYS B 1 48 ? 5.896   8.618   -3.428  1.00 29.70 ? 139 LYS B CB  1 
ATOM   933  C  CG  . LYS B 1 48 ? 5.680   8.651   -1.912  1.00 37.42 ? 139 LYS B CG  1 
ATOM   934  C  CD  . LYS B 1 48 ? 6.494   9.726   -1.214  1.00 34.93 ? 139 LYS B CD  1 
ATOM   935  C  CE  . LYS B 1 48 ? 6.425   9.542   0.301   1.00 35.53 ? 139 LYS B CE  1 
ATOM   936  N  NZ  . LYS B 1 48 ? 5.077   9.085   0.741   1.00 38.06 ? 139 LYS B NZ  1 
ATOM   937  N  N   . MET B 1 49 ? 9.328   8.569   -2.709  1.00 29.40 ? 140 MET B N   1 
ATOM   938  C  CA  . MET B 1 49 ? 10.391  7.695   -2.208  1.00 26.52 ? 140 MET B CA  1 
ATOM   939  C  C   . MET B 1 49 ? 9.960   7.124   -0.866  1.00 30.96 ? 140 MET B C   1 
ATOM   940  O  O   . MET B 1 49 ? 9.426   7.850   -0.022  1.00 34.52 ? 140 MET B O   1 
ATOM   941  C  CB  . MET B 1 49 ? 11.766  8.386   -2.145  1.00 26.03 ? 140 MET B CB  1 
ATOM   942  C  CG  . MET B 1 49 ? 12.854  7.659   -1.313  1.00 25.78 ? 140 MET B CG  1 
ATOM   943  S  SD  . MET B 1 49 ? 14.418  8.602   -1.093  1.00 28.05 ? 140 MET B SD  1 
ATOM   944  C  CE  . MET B 1 49 ? 13.907  9.845   0.097   1.00 27.25 ? 140 MET B CE  1 
ATOM   945  N  N   . HIS B 1 50 ? 10.133  5.817   -0.697  1.00 30.27 ? 141 HIS B N   1 
ATOM   946  C  CA  . HIS B 1 50 ? 9.672   5.117   0.492   1.00 31.24 ? 141 HIS B CA  1 
ATOM   947  C  C   . HIS B 1 50 ? 10.834  4.432   1.192   1.00 31.32 ? 141 HIS B C   1 
ATOM   948  O  O   . HIS B 1 50 ? 11.992  4.457   0.744   1.00 26.92 ? 141 HIS B O   1 
ATOM   949  C  CB  . HIS B 1 50 ? 8.599   4.067   0.174   1.00 30.28 ? 141 HIS B CB  1 
ATOM   950  C  CG  . HIS B 1 50 ? 7.431   4.593   -0.598  1.00 36.96 ? 141 HIS B CG  1 
ATOM   951  N  ND1 . HIS B 1 50 ? 6.228   4.913   -0.003  1.00 35.92 ? 141 HIS B ND1 1 
ATOM   952  C  CD2 . HIS B 1 50 ? 7.269   4.828   -1.923  1.00 33.02 ? 141 HIS B CD2 1 
ATOM   953  C  CE1 . HIS B 1 50 ? 5.379   5.328   -0.926  1.00 36.39 ? 141 HIS B CE1 1 
ATOM   954  N  NE2 . HIS B 1 50 ? 5.985   5.287   -2.101  1.00 34.17 ? 141 HIS B NE2 1 
ATOM   955  N  N   . THR B 1 51 ? 10.483  3.784   2.298   1.00 30.56 ? 142 THR B N   1 
ATOM   956  C  CA  . THR B 1 51 ? 11.403  2.957   3.061   1.00 29.47 ? 142 THR B CA  1 
ATOM   957  C  C   . THR B 1 51 ? 10.715  1.621   3.292   1.00 29.19 ? 142 THR B C   1 
ATOM   958  O  O   . THR B 1 51 ? 9.681   1.560   3.965   1.00 30.73 ? 142 THR B O   1 
ATOM   959  C  CB  . THR B 1 51 ? 11.744  3.621   4.395   1.00 25.91 ? 142 THR B CB  1 
ATOM   960  O  OG1 . THR B 1 51 ? 12.625  4.731   4.172   1.00 29.01 ? 142 THR B OG1 1 
ATOM   961  C  CG2 . THR B 1 51 ? 12.450  2.631   5.278   1.00 30.65 ? 142 THR B CG2 1 
ATOM   962  N  N   . SER B 1 52 ? 11.284  0.558   2.731   1.00 22.57 ? 143 SER B N   1 
ATOM   963  C  CA  . SER B 1 52 ? 10.663  -0.754  2.794   1.00 21.31 ? 143 SER B CA  1 
ATOM   964  C  C   . SER B 1 52 ? 10.734  -1.301  4.213   1.00 19.14 ? 143 SER B C   1 
ATOM   965  O  O   . SER B 1 52 ? 11.723  -1.097  4.917   1.00 20.75 ? 143 SER B O   1 
ATOM   966  C  CB  . SER B 1 52 ? 11.410  -1.712  1.860   1.00 21.02 ? 143 SER B CB  1 
ATOM   967  O  OG  . SER B 1 52 ? 10.898  -3.025  1.969   1.00 19.88 ? 143 SER B OG  1 
ATOM   968  N  N   . THR B 1 53 ? 9.686   -2.016  4.618   1.00 20.81 ? 144 THR B N   1 
ATOM   969  C  CA  . THR B 1 53 ? 9.742   -2.844  5.816   1.00 21.57 ? 144 THR B CA  1 
ATOM   970  C  C   . THR B 1 53 ? 10.106  -4.286  5.498   1.00 26.75 ? 144 THR B C   1 
ATOM   971  O  O   . THR B 1 53 ? 10.025  -5.144  6.384   1.00 27.96 ? 144 THR B O   1 
ATOM   972  C  CB  . THR B 1 53 ? 8.441   -2.755  6.629   1.00 21.78 ? 144 THR B CB  1 
ATOM   973  O  OG1 . THR B 1 53 ? 7.340   -3.217  5.843   1.00 22.86 ? 144 THR B OG1 1 
ATOM   974  C  CG2 . THR B 1 53 ? 8.178   -1.316  7.077   1.00 18.94 ? 144 THR B CG2 1 
ATOM   975  N  N   . GLY B 1 54 ? 10.510  -4.568  4.260   1.00 19.69 ? 145 GLY B N   1 
ATOM   976  C  CA  . GLY B 1 54 ? 11.042  -5.868  3.898   1.00 24.85 ? 145 GLY B CA  1 
ATOM   977  C  C   . GLY B 1 54 ? 10.069  -6.800  3.207   1.00 21.61 ? 145 GLY B C   1 
ATOM   978  O  O   . GLY B 1 54 ? 8.885   -6.853  3.550   1.00 27.11 ? 145 GLY B O   1 
ATOM   979  N  N   . GLY B 1 55 ? 10.561  -7.546  2.215   1.00 21.62 ? 146 GLY B N   1 
ATOM   980  C  CA  . GLY B 1 55 ? 9.807   -8.631  1.628   1.00 23.98 ? 146 GLY B CA  1 
ATOM   981  C  C   . GLY B 1 55 ? 9.068   -8.293  0.352   1.00 23.99 ? 146 GLY B C   1 
ATOM   982  O  O   . GLY B 1 55 ? 8.599   -9.212  -0.326  1.00 29.17 ? 146 GLY B O   1 
ATOM   983  N  N   . GLY B 1 56 ? 8.922   -7.014  0.023   1.00 19.44 ? 147 GLY B N   1 
ATOM   984  C  CA  . GLY B 1 56 ? 8.410   -6.638  -1.278  1.00 22.13 ? 147 GLY B CA  1 
ATOM   985  C  C   . GLY B 1 56 ? 9.415   -6.955  -2.378  1.00 22.45 ? 147 GLY B C   1 
ATOM   986  O  O   . GLY B 1 56 ? 10.544  -7.389  -2.140  1.00 22.06 ? 147 GLY B O   1 
ATOM   987  N  N   . PHE B 1 57 ? 8.987   -6.730  -3.621  1.00 19.27 ? 148 PHE B N   1 
ATOM   988  C  CA  . PHE B 1 57 ? 9.874   -6.936  -4.759  1.00 19.50 ? 148 PHE B CA  1 
ATOM   989  C  C   . PHE B 1 57 ? 9.673   -5.860  -5.828  1.00 17.48 ? 148 PHE B C   1 
ATOM   990  O  O   . PHE B 1 57 ? 8.602   -5.258  -5.949  1.00 16.10 ? 148 PHE B O   1 
ATOM   991  C  CB  . PHE B 1 57 ? 9.758   -8.368  -5.311  1.00 22.94 ? 148 PHE B CB  1 
ATOM   992  C  CG  . PHE B 1 57 ? 8.400   -8.701  -5.836  1.00 25.10 ? 148 PHE B CG  1 
ATOM   993  C  CD1 . PHE B 1 57 ? 7.400   -9.167  -4.991  1.00 25.53 ? 148 PHE B CD1 1 
ATOM   994  C  CD2 . PHE B 1 57 ? 8.113   -8.546  -7.180  1.00 27.30 ? 148 PHE B CD2 1 
ATOM   995  C  CE1 . PHE B 1 57 ? 6.135   -9.461  -5.489  1.00 30.55 ? 148 PHE B CE1 1 
ATOM   996  C  CE2 . PHE B 1 57 ? 6.857   -8.845  -7.682  1.00 26.47 ? 148 PHE B CE2 1 
ATOM   997  C  CZ  . PHE B 1 57 ? 5.870   -9.301  -6.840  1.00 25.79 ? 148 PHE B CZ  1 
ATOM   998  N  N   . CYS B 1 58 ? 10.726  -5.614  -6.606  1.00 16.44 ? 149 CYS B N   1 
ATOM   999  C  CA  . CYS B 1 58 ? 10.652  -4.588  -7.638  1.00 15.15 ? 149 CYS B CA  1 
ATOM   1000 C  C   . CYS B 1 58 ? 9.774   -5.062  -8.792  1.00 14.94 ? 149 CYS B C   1 
ATOM   1001 O  O   . CYS B 1 58 ? 9.863   -6.212  -9.220  1.00 16.15 ? 149 CYS B O   1 
ATOM   1002 C  CB  . CYS B 1 58 ? 12.064  -4.291  -8.141  1.00 15.43 ? 149 CYS B CB  1 
ATOM   1003 S  SG  . CYS B 1 58 ? 12.148  -3.128  -9.549  1.00 13.61 ? 149 CYS B SG  1 
ATOM   1004 N  N   . ASP B 1 59 ? 8.920   -4.160  -9.295  1.00 11.57 ? 150 ASP B N   1 
ATOM   1005 C  CA  . ASP B 1 59 ? 7.989   -4.480  -10.368 1.00 13.88 ? 150 ASP B CA  1 
ATOM   1006 C  C   . ASP B 1 59 ? 8.488   -4.052  -11.741 1.00 15.48 ? 150 ASP B C   1 
ATOM   1007 O  O   . ASP B 1 59 ? 7.692   -3.998  -12.686 1.00 17.00 ? 150 ASP B O   1 
ATOM   1008 C  CB  . ASP B 1 59 ? 6.650   -3.813  -10.087 1.00 16.08 ? 150 ASP B CB  1 
ATOM   1009 C  CG  . ASP B 1 59 ? 5.969   -4.384  -8.857  1.00 16.99 ? 150 ASP B CG  1 
ATOM   1010 O  OD1 . ASP B 1 59 ? 5.864   -5.621  -8.771  1.00 16.85 ? 150 ASP B OD1 1 
ATOM   1011 O  OD2 . ASP B 1 59 ? 5.588   -3.597  -7.980  1.00 16.68 ? 150 ASP B OD2 1 
ATOM   1012 N  N   . CYS B 1 60 ? 9.766   -3.733  -11.883 1.00 13.43 ? 151 CYS B N   1 
ATOM   1013 C  CA  . CYS B 1 60 ? 10.255  -3.345  -13.196 1.00 13.65 ? 151 CYS B CA  1 
ATOM   1014 C  C   . CYS B 1 60 ? 10.071  -4.501  -14.171 1.00 15.91 ? 151 CYS B C   1 
ATOM   1015 O  O   . CYS B 1 60 ? 10.426  -5.641  -13.872 1.00 19.10 ? 151 CYS B O   1 
ATOM   1016 C  CB  . CYS B 1 60 ? 11.719  -2.947  -13.106 1.00 9.89  ? 151 CYS B CB  1 
ATOM   1017 S  SG  . CYS B 1 60 ? 12.403  -2.441  -14.685 1.00 16.80 ? 151 CYS B SG  1 
ATOM   1018 N  N   . GLY B 1 61 ? 9.476   -4.209  -15.317 1.00 19.26 ? 152 GLY B N   1 
ATOM   1019 C  CA  . GLY B 1 61 ? 9.241   -5.226  -16.319 1.00 21.25 ? 152 GLY B CA  1 
ATOM   1020 C  C   . GLY B 1 61 ? 7.939   -5.989  -16.168 1.00 27.06 ? 152 GLY B C   1 
ATOM   1021 O  O   . GLY B 1 61 ? 7.594   -6.776  -17.061 1.00 27.33 ? 152 GLY B O   1 
ATOM   1022 N  N   . ASP B 1 62 ? 7.199   -5.770  -15.082 1.00 20.85 ? 153 ASP B N   1 
ATOM   1023 C  CA  . ASP B 1 62 ? 5.928   -6.461  -14.859 1.00 18.89 ? 153 ASP B CA  1 
ATOM   1024 C  C   . ASP B 1 62 ? 4.883   -6.014  -15.878 1.00 28.78 ? 153 ASP B C   1 
ATOM   1025 O  O   . ASP B 1 62 ? 4.829   -4.840  -16.252 1.00 26.08 ? 153 ASP B O   1 
ATOM   1026 C  CB  . ASP B 1 62 ? 5.443   -6.155  -13.442 1.00 20.43 ? 153 ASP B CB  1 
ATOM   1027 C  CG  . ASP B 1 62 ? 4.140   -6.862  -13.082 1.00 26.25 ? 153 ASP B CG  1 
ATOM   1028 O  OD1 . ASP B 1 62 ? 3.070   -6.453  -13.568 1.00 35.79 ? 153 ASP B OD1 1 
ATOM   1029 O  OD2 . ASP B 1 62 ? 4.179   -7.811  -12.279 1.00 25.72 ? 153 ASP B OD2 1 
ATOM   1030 N  N   . THR B 1 63 ? 4.019   -6.956  -16.298 1.00 28.97 ? 154 THR B N   1 
ATOM   1031 C  CA  . THR B 1 63 ? 3.076   -6.756  -17.399 1.00 27.66 ? 154 THR B CA  1 
ATOM   1032 C  C   . THR B 1 63 ? 1.674   -6.337  -16.956 1.00 34.54 ? 154 THR B C   1 
ATOM   1033 O  O   . THR B 1 63 ? 0.735   -6.406  -17.756 1.00 36.50 ? 154 THR B O   1 
ATOM   1034 C  CB  . THR B 1 63 ? 2.963   -8.011  -18.272 1.00 35.87 ? 154 THR B CB  1 
ATOM   1035 O  OG1 . THR B 1 63 ? 2.092   -8.957  -17.630 1.00 35.53 ? 154 THR B OG1 1 
ATOM   1036 C  CG2 . THR B 1 63 ? 4.329   -8.637  -18.542 1.00 34.30 ? 154 THR B CG2 1 
ATOM   1037 N  N   . GLU B 1 64 ? 1.495   -5.924  -15.705 1.00 32.61 ? 155 GLU B N   1 
ATOM   1038 C  CA  . GLU B 1 64 ? 0.208   -5.343  -15.342 1.00 33.77 ? 155 GLU B CA  1 
ATOM   1039 C  C   . GLU B 1 64 ? 0.372   -4.230  -14.319 1.00 33.91 ? 155 GLU B C   1 
ATOM   1040 O  O   . GLU B 1 64 ? -0.596  -3.888  -13.629 1.00 37.72 ? 155 GLU B O   1 
ATOM   1041 C  CB  . GLU B 1 64 ? -0.780  -6.409  -14.852 1.00 40.66 ? 155 GLU B CB  1 
ATOM   1042 C  CG  . GLU B 1 64 ? -0.378  -7.112  -13.570 1.00 38.69 ? 155 GLU B CG  1 
ATOM   1043 C  CD  . GLU B 1 64 ? -1.433  -8.102  -13.113 1.00 45.71 ? 155 GLU B CD  1 
ATOM   1044 O  OE1 . GLU B 1 64 ? -2.566  -8.052  -13.645 1.00 47.24 ? 155 GLU B OE1 1 
ATOM   1045 O  OE2 . GLU B 1 64 ? -1.133  -8.928  -12.223 1.00 49.52 ? 155 GLU B OE2 1 
ATOM   1046 N  N   . ALA B 1 65 ? 1.568   -3.655  -14.206 1.00 28.61 ? 156 ALA B N   1 
ATOM   1047 C  CA  . ALA B 1 65 ? 1.853   -2.718  -13.138 1.00 25.88 ? 156 ALA B CA  1 
ATOM   1048 C  C   . ALA B 1 65 ? 1.994   -1.281  -13.608 1.00 19.19 ? 156 ALA B C   1 
ATOM   1049 O  O   . ALA B 1 65 ? 1.806   -0.365  -12.799 1.00 23.98 ? 156 ALA B O   1 
ATOM   1050 C  CB  . ALA B 1 65 ? 3.129   -3.144  -12.392 1.00 20.36 ? 156 ALA B CB  1 
ATOM   1051 N  N   . TRP B 1 66 ? 2.287   -1.055  -14.888 1.00 22.05 ? 157 TRP B N   1 
ATOM   1052 C  CA  . TRP B 1 66 ? 2.658   0.276   -15.356 1.00 19.40 ? 157 TRP B CA  1 
ATOM   1053 C  C   . TRP B 1 66 ? 1.868   0.651   -16.599 1.00 18.17 ? 157 TRP B C   1 
ATOM   1054 O  O   . TRP B 1 66 ? 1.950   -0.040  -17.620 1.00 21.86 ? 157 TRP B O   1 
ATOM   1055 C  CB  . TRP B 1 66 ? 4.153   0.327   -15.644 1.00 19.11 ? 157 TRP B CB  1 
ATOM   1056 C  CG  . TRP B 1 66 ? 4.948   -0.149  -14.484 1.00 19.14 ? 157 TRP B CG  1 
ATOM   1057 C  CD1 . TRP B 1 66 ? 5.590   -1.345  -14.361 1.00 19.48 ? 157 TRP B CD1 1 
ATOM   1058 C  CD2 . TRP B 1 66 ? 5.163   0.558   -13.260 1.00 14.42 ? 157 TRP B CD2 1 
ATOM   1059 N  NE1 . TRP B 1 66 ? 6.210   -1.422  -13.129 1.00 14.91 ? 157 TRP B NE1 1 
ATOM   1060 C  CE2 . TRP B 1 66 ? 5.961   -0.267  -12.438 1.00 16.08 ? 157 TRP B CE2 1 
ATOM   1061 C  CE3 . TRP B 1 66 ? 4.761   1.806   -12.784 1.00 18.94 ? 157 TRP B CE3 1 
ATOM   1062 C  CZ2 . TRP B 1 66 ? 6.361   0.117   -11.162 1.00 14.42 ? 157 TRP B CZ2 1 
ATOM   1063 C  CZ3 . TRP B 1 66 ? 5.147   2.185   -11.508 1.00 20.63 ? 157 TRP B CZ3 1 
ATOM   1064 C  CH2 . TRP B 1 66 ? 5.952   1.340   -10.716 1.00 17.89 ? 157 TRP B CH2 1 
ATOM   1065 N  N   . LYS B 1 67 ? 1.154   1.774   -16.519 1.00 23.13 ? 158 LYS B N   1 
ATOM   1066 C  CA  . LYS B 1 67 ? 0.443   2.295   -17.682 1.00 23.69 ? 158 LYS B CA  1 
ATOM   1067 C  C   . LYS B 1 67 ? 1.416   2.822   -18.728 1.00 26.50 ? 158 LYS B C   1 
ATOM   1068 O  O   . LYS B 1 67 ? 1.106   2.806   -19.924 1.00 28.39 ? 158 LYS B O   1 
ATOM   1069 C  CB  . LYS B 1 67 ? -0.501  3.414   -17.246 1.00 23.23 ? 158 LYS B CB  1 
ATOM   1070 C  CG  . LYS B 1 67 ? -1.616  2.980   -16.302 1.00 29.57 ? 158 LYS B CG  1 
ATOM   1071 C  CD  . LYS B 1 67 ? -2.654  4.085   -16.142 1.00 32.93 ? 158 LYS B CD  1 
ATOM   1072 C  CE  . LYS B 1 67 ? -2.408  4.904   -14.891 1.00 30.02 ? 158 LYS B CE  1 
ATOM   1073 N  NZ  . LYS B 1 67 ? -3.402  4.619   -13.821 1.00 32.70 ? 158 LYS B NZ  1 
ATOM   1074 N  N   . THR B 1 68 ? 2.577   3.323   -18.298 1.00 22.32 ? 159 THR B N   1 
ATOM   1075 C  CA  . THR B 1 68 ? 3.626   3.781   -19.202 1.00 20.51 ? 159 THR B CA  1 
ATOM   1076 C  C   . THR B 1 68 ? 4.971   3.411   -18.593 1.00 22.29 ? 159 THR B C   1 
ATOM   1077 O  O   . THR B 1 68 ? 5.104   3.262   -17.374 1.00 19.87 ? 159 THR B O   1 
ATOM   1078 C  CB  . THR B 1 68 ? 3.606   5.305   -19.431 1.00 25.62 ? 159 THR B CB  1 
ATOM   1079 O  OG1 . THR B 1 68 ? 4.487   5.935   -18.491 1.00 31.30 ? 159 THR B OG1 1 
ATOM   1080 C  CG2 . THR B 1 68 ? 2.201   5.877   -19.245 1.00 29.43 ? 159 THR B CG2 1 
ATOM   1081 N  N   . GLY B 1 69 ? 5.974   3.296   -19.457 1.00 22.18 ? 160 GLY B N   1 
ATOM   1082 C  CA  . GLY B 1 69 ? 7.328   2.996   -19.051 1.00 22.66 ? 160 GLY B CA  1 
ATOM   1083 C  C   . GLY B 1 69 ? 7.491   1.798   -18.133 1.00 21.38 ? 160 GLY B C   1 
ATOM   1084 O  O   . GLY B 1 69 ? 7.999   1.909   -17.011 1.00 23.27 ? 160 GLY B O   1 
ATOM   1085 N  N   . PRO B 1 70 ? 7.058   0.619   -18.591 1.00 18.88 ? 161 PRO B N   1 
ATOM   1086 C  CA  . PRO B 1 70 ? 7.178   -0.582  -17.750 1.00 19.81 ? 161 PRO B CA  1 
ATOM   1087 C  C   . PRO B 1 70 ? 8.601   -1.026  -17.465 1.00 22.04 ? 161 PRO B C   1 
ATOM   1088 O  O   . PRO B 1 70 ? 8.817   -1.753  -16.491 1.00 23.71 ? 161 PRO B O   1 
ATOM   1089 C  CB  . PRO B 1 70 ? 6.411   -1.648  -18.543 1.00 22.85 ? 161 PRO B CB  1 
ATOM   1090 C  CG  . PRO B 1 70 ? 6.503   -1.180  -19.957 1.00 20.53 ? 161 PRO B CG  1 
ATOM   1091 C  CD  . PRO B 1 70 ? 6.411   0.318   -19.874 1.00 19.06 ? 161 PRO B CD  1 
ATOM   1092 N  N   . PHE B 1 71 ? 9.580   -0.638  -18.278 1.00 15.75 ? 162 PHE B N   1 
ATOM   1093 C  CA  . PHE B 1 71 ? 10.952  -1.098  -18.128 1.00 15.22 ? 162 PHE B CA  1 
ATOM   1094 C  C   . PHE B 1 71 ? 11.863  0.108   -17.937 1.00 17.54 ? 162 PHE B C   1 
ATOM   1095 O  O   . PHE B 1 71 ? 11.743  1.106   -18.664 1.00 17.36 ? 162 PHE B O   1 
ATOM   1096 C  CB  . PHE B 1 71 ? 11.404  -1.701  -19.453 1.00 18.88 ? 162 PHE B CB  1 
ATOM   1097 C  CG  . PHE B 1 71 ? 10.727  -2.994  -19.812 1.00 18.20 ? 162 PHE B CG  1 
ATOM   1098 C  CD1 . PHE B 1 71 ? 9.781   -3.009  -20.821 1.00 29.33 ? 162 PHE B CD1 1 
ATOM   1099 C  CD2 . PHE B 1 71 ? 11.107  -4.193  -19.244 1.00 21.60 ? 162 PHE B CD2 1 
ATOM   1100 C  CE1 . PHE B 1 71 ? 9.166   -4.192  -21.198 1.00 32.73 ? 162 PHE B CE1 1 
ATOM   1101 C  CE2 . PHE B 1 71 ? 10.500  -5.374  -19.617 1.00 26.04 ? 162 PHE B CE2 1 
ATOM   1102 C  CZ  . PHE B 1 71 ? 9.531   -5.378  -20.586 1.00 26.80 ? 162 PHE B CZ  1 
ATOM   1103 N  N   . CYS B 1 72 ? 12.787  0.011   -16.986 1.00 15.29 ? 163 CYS B N   1 
ATOM   1104 C  CA  . CYS B 1 72 ? 13.922  0.923   -16.973 1.00 16.07 ? 163 CYS B CA  1 
ATOM   1105 C  C   . CYS B 1 72 ? 14.835  0.586   -18.154 1.00 19.39 ? 163 CYS B C   1 
ATOM   1106 O  O   . CYS B 1 72 ? 14.694  -0.463  -18.792 1.00 16.86 ? 163 CYS B O   1 
ATOM   1107 C  CB  . CYS B 1 72 ? 14.661  0.842   -15.627 1.00 15.34 ? 163 CYS B CB  1 
ATOM   1108 S  SG  . CYS B 1 72 ? 15.721  -0.604  -15.451 1.00 13.58 ? 163 CYS B SG  1 
ATOM   1109 N  N   . VAL B 1 73 ? 15.770  1.498   -18.449 1.00 16.09 ? 164 VAL B N   1 
ATOM   1110 C  CA  . VAL B 1 73 ? 16.685  1.294   -19.587 1.00 14.86 ? 164 VAL B CA  1 
ATOM   1111 C  C   . VAL B 1 73 ? 17.555  0.069   -19.385 1.00 18.38 ? 164 VAL B C   1 
ATOM   1112 O  O   . VAL B 1 73 ? 17.977  -0.571  -20.361 1.00 23.71 ? 164 VAL B O   1 
ATOM   1113 C  CB  . VAL B 1 73 ? 17.541  2.541   -19.871 1.00 19.78 ? 164 VAL B CB  1 
ATOM   1114 C  CG1 . VAL B 1 73 ? 16.672  3.658   -20.257 1.00 21.59 ? 164 VAL B CG1 1 
ATOM   1115 C  CG2 . VAL B 1 73 ? 18.388  2.917   -18.667 1.00 24.00 ? 164 VAL B CG2 1 
ATOM   1116 N  N   . ASN B 1 74 ? 17.822  -0.296  -18.130 1.00 19.06 ? 165 ASN B N   1 
ATOM   1117 C  CA  . ASN B 1 74 ? 18.658  -1.452  -17.855 1.00 21.24 ? 165 ASN B CA  1 
ATOM   1118 C  C   . ASN B 1 74 ? 17.963  -2.765  -18.182 1.00 24.50 ? 165 ASN B C   1 
ATOM   1119 O  O   . ASN B 1 74 ? 18.618  -3.720  -18.612 1.00 33.67 ? 165 ASN B O   1 
ATOM   1120 C  CB  . ASN B 1 74 ? 19.099  -1.427  -16.399 1.00 28.05 ? 165 ASN B CB  1 
ATOM   1121 C  CG  . ASN B 1 74 ? 20.542  -1.795  -16.237 1.00 30.33 ? 165 ASN B CG  1 
ATOM   1122 O  OD1 . ASN B 1 74 ? 21.253  -1.980  -17.226 1.00 31.27 ? 165 ASN B OD1 1 
ATOM   1123 N  ND2 . ASN B 1 74 ? 20.990  -1.912  -14.993 1.00 33.08 ? 165 ASN B ND2 1 
ATOM   1124 N  N   . HIS B 1 75 ? 16.652  -2.838  -17.995 1.00 20.18 ? 166 HIS B N   1 
ATOM   1125 C  CA  . HIS B 1 75 ? 15.902  -4.067  -18.183 1.00 19.06 ? 166 HIS B CA  1 
ATOM   1126 C  C   . HIS B 1 75 ? 15.113  -4.065  -19.480 1.00 22.29 ? 166 HIS B C   1 
ATOM   1127 O  O   . HIS B 1 75 ? 14.499  -5.081  -19.812 1.00 22.24 ? 166 HIS B O   1 
ATOM   1128 C  CB  . HIS B 1 75 ? 14.950  -4.323  -16.998 1.00 23.60 ? 166 HIS B CB  1 
ATOM   1129 C  CG  . HIS B 1 75 ? 15.647  -4.736  -15.736 1.00 25.64 ? 166 HIS B CG  1 
ATOM   1130 N  ND1 . HIS B 1 75 ? 15.721  -3.933  -14.612 1.00 22.62 ? 166 HIS B ND1 1 
ATOM   1131 C  CD2 . HIS B 1 75 ? 16.319  -5.871  -15.429 1.00 28.79 ? 166 HIS B CD2 1 
ATOM   1132 C  CE1 . HIS B 1 75 ? 16.418  -4.554  -13.676 1.00 24.34 ? 166 HIS B CE1 1 
ATOM   1133 N  NE2 . HIS B 1 75 ? 16.779  -5.736  -14.140 1.00 30.68 ? 166 HIS B NE2 1 
ATOM   1134 N  N   . GLU B 1 76 ? 15.099  -2.954  -20.207 1.00 18.21 ? 167 GLU B N   1 
ATOM   1135 C  CA  . GLU B 1 76 ? 14.284  -2.881  -21.408 1.00 22.94 ? 167 GLU B CA  1 
ATOM   1136 C  C   . GLU B 1 76 ? 14.831  -3.900  -22.403 1.00 25.04 ? 167 GLU B C   1 
ATOM   1137 O  O   . GLU B 1 76 ? 16.048  -3.928  -22.645 1.00 26.33 ? 167 GLU B O   1 
ATOM   1138 C  CB  . GLU B 1 76 ? 14.370  -1.469  -22.000 1.00 23.26 ? 167 GLU B CB  1 
ATOM   1139 C  CG  . GLU B 1 76 ? 13.835  -1.302  -23.417 1.00 30.04 ? 167 GLU B CG  1 
ATOM   1140 C  CD  . GLU B 1 76 ? 12.336  -0.977  -23.414 1.00 33.15 ? 167 GLU B CD  1 
ATOM   1141 O  OE1 . GLU B 1 76 ? 11.905  -0.179  -22.553 1.00 31.47 ? 167 GLU B OE1 1 
ATOM   1142 O  OE2 . GLU B 1 76 ? 11.588  -1.512  -24.269 1.00 33.57 ? 167 GLU B OE2 1 
ATOM   1143 N  N   . PRO B 1 77 ? 13.985  -4.772  -22.970 1.00 22.63 ? 168 PRO B N   1 
ATOM   1144 C  CA  . PRO B 1 77 ? 14.494  -5.748  -23.943 1.00 24.87 ? 168 PRO B CA  1 
ATOM   1145 C  C   . PRO B 1 77 ? 15.106  -5.082  -25.172 1.00 28.14 ? 168 PRO B C   1 
ATOM   1146 O  O   . PRO B 1 77 ? 14.618  -4.052  -25.642 1.00 29.98 ? 168 PRO B O   1 
ATOM   1147 C  CB  . PRO B 1 77 ? 13.258  -6.572  -24.321 1.00 28.72 ? 168 PRO B CB  1 
ATOM   1148 C  CG  . PRO B 1 77 ? 12.074  -5.860  -23.774 1.00 33.32 ? 168 PRO B CG  1 
ATOM   1149 C  CD  . PRO B 1 77 ? 12.519  -4.756  -22.864 1.00 23.11 ? 168 PRO B CD  1 
ATOM   1150 O  OXT . PRO B 1 77 ? 16.123  -5.537  -25.702 1.00 30.37 ? 168 PRO B OXT 1 
ATOM   1151 N  N   . ARG C 2 1  ? -13.484 2.275   13.585  1.00 15.11 ? 1   ARG D N   1 
ATOM   1152 C  CA  . ARG C 2 1  ? -13.824 1.008   14.224  1.00 14.86 ? 1   ARG D CA  1 
ATOM   1153 C  C   . ARG C 2 1  ? -15.057 0.390   13.568  1.00 15.36 ? 1   ARG D C   1 
ATOM   1154 O  O   . ARG C 2 1  ? -15.847 1.091   12.943  1.00 17.03 ? 1   ARG D O   1 
ATOM   1155 C  CB  . ARG C 2 1  ? -14.091 1.210   15.717  1.00 15.29 ? 1   ARG D CB  1 
ATOM   1156 C  CG  . ARG C 2 1  ? -12.902 1.710   16.519  1.00 17.87 ? 1   ARG D CG  1 
ATOM   1157 C  CD  . ARG C 2 1  ? -11.743 0.741   16.479  1.00 16.85 ? 1   ARG D CD  1 
ATOM   1158 N  NE  . ARG C 2 1  ? -10.773 1.030   17.534  1.00 17.43 ? 1   ARG D NE  1 
ATOM   1159 C  CZ  . ARG C 2 1  ? -9.781  1.907   17.451  1.00 20.82 ? 1   ARG D CZ  1 
ATOM   1160 N  NH1 . ARG C 2 1  ? -9.590  2.643   16.371  1.00 17.31 ? 1   ARG D NH1 1 
ATOM   1161 N  NH2 . ARG C 2 1  ? -8.959  2.055   18.487  1.00 22.57 ? 1   ARG D NH2 1 
ATOM   1162 N  N   . PHE C 2 2  ? -15.217 -0.924  13.716  1.00 13.06 ? 2   PHE D N   1 
ATOM   1163 C  CA  . PHE C 2 2  ? -16.258 -1.626  12.965  1.00 18.99 ? 2   PHE D CA  1 
ATOM   1164 C  C   . PHE C 2 2  ? -17.662 -1.161  13.336  1.00 23.80 ? 2   PHE D C   1 
ATOM   1165 O  O   . PHE C 2 2  ? -18.569 -1.194  12.492  1.00 20.32 ? 2   PHE D O   1 
ATOM   1166 C  CB  . PHE C 2 2  ? -16.098 -3.139  13.123  1.00 18.96 ? 2   PHE D CB  1 
ATOM   1167 C  CG  . PHE C 2 2  ? -17.065 -3.943  12.298  1.00 20.95 ? 2   PHE D CG  1 
ATOM   1168 C  CD1 . PHE C 2 2  ? -16.890 -4.091  10.927  1.00 20.90 ? 2   PHE D CD1 1 
ATOM   1169 C  CD2 . PHE C 2 2  ? -18.153 -4.552  12.898  1.00 21.37 ? 2   PHE D CD2 1 
ATOM   1170 C  CE1 . PHE C 2 2  ? -17.783 -4.840  10.176  1.00 22.54 ? 2   PHE D CE1 1 
ATOM   1171 C  CE2 . PHE C 2 2  ? -19.050 -5.294  12.159  1.00 21.19 ? 2   PHE D CE2 1 
ATOM   1172 C  CZ  . PHE C 2 2  ? -18.871 -5.443  10.799  1.00 21.17 ? 2   PHE D CZ  1 
ATOM   1173 N  N   . PHE C 2 3  ? -17.861 -0.725  14.575  1.00 21.33 ? 3   PHE D N   1 
ATOM   1174 C  CA  . PHE C 2 3  ? -19.155 -0.215  15.007  1.00 20.90 ? 3   PHE D CA  1 
ATOM   1175 C  C   . PHE C 2 3  ? -19.057 1.278   15.259  1.00 26.77 ? 3   PHE D C   1 
ATOM   1176 O  O   . PHE C 2 3  ? -18.036 1.769   15.746  1.00 30.42 ? 3   PHE D O   1 
ATOM   1177 C  CB  . PHE C 2 3  ? -19.620 -0.942  16.275  1.00 20.97 ? 3   PHE D CB  1 
ATOM   1178 C  CG  . PHE C 2 3  ? -19.853 -2.398  16.059  1.00 19.28 ? 3   PHE D CG  1 
ATOM   1179 C  CD1 . PHE C 2 3  ? -20.845 -2.816  15.199  1.00 20.45 ? 3   PHE D CD1 1 
ATOM   1180 C  CD2 . PHE C 2 3  ? -19.037 -3.346  16.657  1.00 21.03 ? 3   PHE D CD2 1 
ATOM   1181 C  CE1 . PHE C 2 3  ? -21.066 -4.163  14.967  1.00 26.08 ? 3   PHE D CE1 1 
ATOM   1182 C  CE2 . PHE C 2 3  ? -19.258 -4.700  16.421  1.00 20.25 ? 3   PHE D CE2 1 
ATOM   1183 C  CZ  . PHE C 2 3  ? -20.269 -5.102  15.587  1.00 22.40 ? 3   PHE D CZ  1 
HETATM 1184 N  N   . NH2 C 2 4  ? -20.117 1.997   14.902  1.00 31.68 ? 4   NH2 D N   1 
ATOM   1185 N  N   . ARG D 2 1  ? 5.829   -5.829  -5.957  1.00 18.71 ? 1   ARG E N   1 
ATOM   1186 C  CA  . ARG D 2 1  ? 4.871   -5.008  -5.218  1.00 17.78 ? 1   ARG E CA  1 
ATOM   1187 C  C   . ARG D 2 1  ? 5.387   -4.792  -3.813  1.00 19.54 ? 1   ARG E C   1 
ATOM   1188 O  O   . ARG D 2 1  ? 6.187   -5.599  -3.349  1.00 20.54 ? 1   ARG E O   1 
ATOM   1189 C  CB  . ARG D 2 1  ? 3.510   -5.711  -5.132  1.00 17.34 ? 1   ARG E CB  1 
ATOM   1190 C  CG  . ARG D 2 1  ? 2.896   -6.120  -6.459  1.00 21.01 ? 1   ARG E CG  1 
ATOM   1191 C  CD  . ARG D 2 1  ? 2.511   -4.892  -7.281  1.00 21.39 ? 1   ARG E CD  1 
ATOM   1192 N  NE  . ARG D 2 1  ? 1.545   -5.211  -8.326  1.00 20.13 ? 1   ARG E NE  1 
ATOM   1193 C  CZ  . ARG D 2 1  ? 1.867   -5.749  -9.497  1.00 21.46 ? 1   ARG E CZ  1 
ATOM   1194 N  NH1 . ARG D 2 1  ? 3.119   -6.068  -9.793  1.00 22.35 ? 1   ARG E NH1 1 
ATOM   1195 N  NH2 . ARG D 2 1  ? 0.912   -5.966  -10.398 1.00 26.03 ? 1   ARG E NH2 1 
ATOM   1196 N  N   . PHE D 2 2  ? 4.952   -3.710  -3.161  1.00 19.30 ? 2   PHE E N   1 
ATOM   1197 C  CA  . PHE D 2 2  ? 5.165   -3.542  -1.725  1.00 21.58 ? 2   PHE E CA  1 
ATOM   1198 C  C   . PHE D 2 2  ? 4.720   -4.782  -0.955  1.00 25.58 ? 2   PHE E C   1 
ATOM   1199 O  O   . PHE D 2 2  ? 3.787   -5.491  -1.349  1.00 22.78 ? 2   PHE E O   1 
ATOM   1200 C  CB  . PHE D 2 2  ? 4.351   -2.360  -1.174  1.00 28.84 ? 2   PHE E CB  1 
ATOM   1201 C  CG  . PHE D 2 2  ? 4.860   -0.992  -1.543  1.00 30.26 ? 2   PHE E CG  1 
ATOM   1202 C  CD1 . PHE D 2 2  ? 4.094   -0.138  -2.327  1.00 31.05 ? 2   PHE E CD1 1 
ATOM   1203 C  CD2 . PHE D 2 2  ? 6.053   -0.511  -1.004  1.00 31.50 ? 2   PHE E CD2 1 
ATOM   1204 C  CE1 . PHE D 2 2  ? 4.537   1.150   -2.635  1.00 32.05 ? 2   PHE E CE1 1 
ATOM   1205 C  CE2 . PHE D 2 2  ? 6.503   0.780   -1.291  1.00 35.46 ? 2   PHE E CE2 1 
ATOM   1206 C  CZ  . PHE D 2 2  ? 5.742   1.615   -2.110  1.00 35.42 ? 2   PHE E CZ  1 
ATOM   1207 N  N   . PHE D 2 3  ? 5.407   -5.032  0.158   1.00 27.03 ? 3   PHE E N   1 
ATOM   1208 C  CA  . PHE D 2 3  ? 5.008   -6.022  1.160   1.00 34.47 ? 3   PHE E CA  1 
ATOM   1209 C  C   . PHE D 2 3  ? 5.184   -7.452  0.694   1.00 30.27 ? 3   PHE E C   1 
ATOM   1210 O  O   . PHE D 2 3  ? 5.917   -8.220  1.319   1.00 32.27 ? 3   PHE E O   1 
ATOM   1211 C  CB  . PHE D 2 3  ? 3.574   -5.784  1.657   1.00 31.93 ? 3   PHE E CB  1 
ATOM   1212 C  CG  . PHE D 2 3  ? 3.245   -4.333  1.898   1.00 24.06 ? 3   PHE E CG  1 
ATOM   1213 C  CD1 . PHE D 2 3  ? 3.884   -3.618  2.900   1.00 28.73 ? 3   PHE E CD1 1 
ATOM   1214 C  CD2 . PHE D 2 3  ? 2.283   -3.691  1.131   1.00 30.09 ? 3   PHE E CD2 1 
ATOM   1215 C  CE1 . PHE D 2 3  ? 3.576   -2.284  3.133   1.00 30.08 ? 3   PHE E CE1 1 
ATOM   1216 C  CE2 . PHE D 2 3  ? 1.977   -2.352  1.349   1.00 24.91 ? 3   PHE E CE2 1 
ATOM   1217 C  CZ  . PHE D 2 3  ? 2.620   -1.648  2.354   1.00 23.63 ? 3   PHE E CZ  1 
HETATM 1218 N  N   . NH2 D 2 4  ? 4.517   -7.805  -0.402  1.00 35.09 ? 4   NH2 E N   1 
HETATM 1219 ZN ZN  . ZN  E 3 .  ? -9.626  3.313   4.606   1.00 12.89 ? 201 ZN  A ZN  1 
HETATM 1220 ZN ZN  . ZN  F 3 .  ? -5.343  4.003   4.203   1.00 13.18 ? 202 ZN  A ZN  1 
HETATM 1221 ZN ZN  . ZN  G 3 .  ? -1.396  -6.958  9.934   1.00 16.49 ? 203 ZN  A ZN  1 
HETATM 1222 ZN ZN  . ZN  H 3 .  ? 14.657  -2.241  -14.206 1.00 14.04 ? 201 ZN  B ZN  1 
HETATM 1223 ZN ZN  . ZN  I 3 .  ? 14.429  -3.212  -9.961  1.00 14.07 ? 202 ZN  B ZN  1 
HETATM 1224 ZN ZN  . ZN  J 3 .  ? 5.702   7.425   -14.056 1.00 23.14 ? 203 ZN  B ZN  1 
HETATM 1225 O  O   . HOH K 4 .  ? -5.955  2.359   -3.780  1.00 34.89 ? 301 HOH A O   1 
HETATM 1226 O  O   . HOH K 4 .  ? -19.584 6.673   3.301   1.00 35.45 ? 302 HOH A O   1 
HETATM 1227 O  O   . HOH K 4 .  ? 6.254   12.563  2.520   1.00 32.79 ? 303 HOH A O   1 
HETATM 1228 O  O   . HOH K 4 .  ? -18.844 -0.854  10.032  1.00 27.73 ? 304 HOH A O   1 
HETATM 1229 O  O   . HOH K 4 .  ? -0.338  10.088  15.928  1.00 36.97 ? 305 HOH A O   1 
HETATM 1230 O  O   . HOH K 4 .  ? -1.301  14.913  8.939   1.00 31.35 ? 306 HOH A O   1 
HETATM 1231 O  O   . HOH K 4 .  ? 2.645   2.258   4.346   1.00 28.14 ? 307 HOH A O   1 
HETATM 1232 O  O   . HOH K 4 .  ? -3.060  -13.164 3.821   1.00 39.03 ? 308 HOH A O   1 
HETATM 1233 O  O   . HOH K 4 .  ? -19.379 -7.267  2.535   1.00 25.05 ? 309 HOH A O   1 
HETATM 1234 O  O   . HOH K 4 .  ? -3.885  -6.879  21.230  1.00 34.37 ? 310 HOH A O   1 
HETATM 1235 O  O   . HOH K 4 .  ? -3.745  -8.391  17.555  1.00 30.10 ? 311 HOH A O   1 
HETATM 1236 O  O   . HOH K 4 .  ? -9.230  6.455   9.843   1.00 19.36 ? 312 HOH A O   1 
HETATM 1237 O  O   . HOH K 4 .  ? -11.915 -0.729  -4.094  1.00 31.08 ? 313 HOH A O   1 
HETATM 1238 O  O   . HOH K 4 .  ? -9.613  -6.730  -0.927  1.00 37.53 ? 314 HOH A O   1 
HETATM 1239 O  O   . HOH K 4 .  ? -23.029 -6.993  1.577   1.00 27.73 ? 315 HOH A O   1 
HETATM 1240 O  O   . HOH K 4 .  ? -14.526 -1.120  1.958   1.00 15.20 ? 316 HOH A O   1 
HETATM 1241 O  O   . HOH K 4 .  ? 2.712   -7.948  4.081   1.00 44.47 ? 317 HOH A O   1 
HETATM 1242 O  O   . HOH K 4 .  ? -2.961  9.050   23.360  1.00 34.19 ? 318 HOH A O   1 
HETATM 1243 O  O   . HOH K 4 .  ? -12.153 3.852   -1.109  1.00 41.44 ? 319 HOH A O   1 
HETATM 1244 O  O   . HOH K 4 .  ? -3.205  -5.206  -3.372  1.00 27.14 ? 320 HOH A O   1 
HETATM 1245 O  O   . HOH K 4 .  ? -1.087  2.273   15.674  1.00 34.23 ? 321 HOH A O   1 
HETATM 1246 O  O   . HOH K 4 .  ? -0.614  10.543  2.361   1.00 29.72 ? 322 HOH A O   1 
HETATM 1247 O  O   . HOH K 4 .  ? -5.606  -1.056  -4.711  1.00 34.74 ? 323 HOH A O   1 
HETATM 1248 O  O   . HOH K 4 .  ? -0.747  -10.107 -1.945  1.00 41.64 ? 324 HOH A O   1 
HETATM 1249 O  O   . HOH K 4 .  ? 4.564   -8.483  7.392   1.00 34.85 ? 325 HOH A O   1 
HETATM 1250 O  O   . HOH K 4 .  ? -0.454  -10.269 17.467  1.00 30.15 ? 326 HOH A O   1 
HETATM 1251 O  O   . HOH K 4 .  ? -9.858  5.243   14.193  1.00 20.04 ? 327 HOH A O   1 
HETATM 1252 O  O   . HOH K 4 .  ? -19.466 -10.346 8.070   1.00 26.38 ? 328 HOH A O   1 
HETATM 1253 O  O   . HOH K 4 .  ? -14.325 -0.490  19.463  1.00 27.10 ? 329 HOH A O   1 
HETATM 1254 O  O   . HOH K 4 .  ? -5.438  7.515   17.998  1.00 34.08 ? 330 HOH A O   1 
HETATM 1255 O  O   . HOH K 4 .  ? -11.979 -8.843  13.776  1.00 30.33 ? 331 HOH A O   1 
HETATM 1256 O  O   . HOH K 4 .  ? -25.485 2.426   5.142   1.00 31.39 ? 332 HOH A O   1 
HETATM 1257 O  O   . HOH K 4 .  ? -6.948  4.120   18.510  1.00 30.85 ? 333 HOH A O   1 
HETATM 1258 O  O   . HOH K 4 .  ? 4.121   -5.528  9.288   1.00 25.00 ? 334 HOH A O   1 
HETATM 1259 O  O   . HOH K 4 .  ? -4.478  13.901  -0.507  1.00 26.99 ? 335 HOH A O   1 
HETATM 1260 O  O   . HOH K 4 .  ? -2.628  10.467  10.609  1.00 33.72 ? 336 HOH A O   1 
HETATM 1261 O  O   . HOH K 4 .  ? -10.231 11.743  8.050   1.00 36.10 ? 337 HOH A O   1 
HETATM 1262 O  O   . HOH K 4 .  ? -8.845  -8.744  14.428  1.00 24.46 ? 338 HOH A O   1 
HETATM 1263 O  O   . HOH K 4 .  ? -2.270  15.323  5.153   1.00 27.23 ? 339 HOH A O   1 
HETATM 1264 O  O   . HOH K 4 .  ? -2.837  8.862   -3.872  1.00 38.29 ? 340 HOH A O   1 
HETATM 1265 O  O   . HOH K 4 .  ? -4.811  10.156  -0.123  1.00 40.50 ? 341 HOH A O   1 
HETATM 1266 O  O   . HOH K 4 .  ? 0.730   -0.902  5.451   1.00 23.48 ? 342 HOH A O   1 
HETATM 1267 O  O   . HOH K 4 .  ? -11.988 -13.528 5.902   1.00 33.05 ? 343 HOH A O   1 
HETATM 1268 O  O   . HOH K 4 .  ? 3.246   -2.940  18.417  1.00 19.98 ? 344 HOH A O   1 
HETATM 1269 O  O   . HOH K 4 .  ? -16.857 8.407   4.299   1.00 24.39 ? 345 HOH A O   1 
HETATM 1270 O  O   . HOH K 4 .  ? 6.065   2.615   2.305   1.00 39.06 ? 346 HOH A O   1 
HETATM 1271 O  O   . HOH K 4 .  ? 2.416   13.368  9.540   1.00 31.95 ? 347 HOH A O   1 
HETATM 1272 O  O   . HOH K 4 .  ? 2.362   2.144   8.170   1.00 20.57 ? 348 HOH A O   1 
HETATM 1273 O  O   . HOH K 4 .  ? 0.477   -9.032  19.936  1.00 32.07 ? 349 HOH A O   1 
HETATM 1274 O  O   . HOH K 4 .  ? -12.439 1.037   -0.157  1.00 20.72 ? 350 HOH A O   1 
HETATM 1275 O  O   . HOH K 4 .  ? -18.661 7.603   -0.590  1.00 41.57 ? 351 HOH A O   1 
HETATM 1276 O  O   . HOH K 4 .  ? -1.002  -13.062 0.603   1.00 39.27 ? 352 HOH A O   1 
HETATM 1277 O  O   . HOH K 4 .  ? -8.345  -1.983  -3.643  1.00 26.81 ? 353 HOH A O   1 
HETATM 1278 O  O   . HOH K 4 .  ? -7.119  -7.931  18.484  1.00 30.30 ? 354 HOH A O   1 
HETATM 1279 O  O   . HOH K 4 .  ? -6.261  13.307  7.967   1.00 30.83 ? 355 HOH A O   1 
HETATM 1280 O  O   . HOH K 4 .  ? -25.667 -4.350  13.678  1.00 29.45 ? 356 HOH A O   1 
HETATM 1281 O  O   . HOH K 4 .  ? -9.352  8.600   1.973   1.00 35.70 ? 357 HOH A O   1 
HETATM 1282 O  O   . HOH K 4 .  ? -6.274  -14.726 6.424   1.00 26.24 ? 358 HOH A O   1 
HETATM 1283 O  O   . HOH K 4 .  ? -19.550 -11.879 4.972   1.00 34.95 ? 359 HOH A O   1 
HETATM 1284 O  O   . HOH K 4 .  ? 1.484   -14.295 3.156   1.00 38.37 ? 360 HOH A O   1 
HETATM 1285 O  O   . HOH K 4 .  ? -7.248  8.623   -0.401  1.00 37.85 ? 361 HOH A O   1 
HETATM 1286 O  O   . HOH K 4 .  ? 4.448   14.002  5.703   1.00 38.95 ? 362 HOH A O   1 
HETATM 1287 O  O   . HOH K 4 .  ? -0.569  -14.789 6.405   1.00 33.61 ? 363 HOH A O   1 
HETATM 1288 O  O   . HOH K 4 .  ? -4.513  8.649   15.618  1.00 36.15 ? 364 HOH A O   1 
HETATM 1289 O  O   . HOH K 4 .  ? 0.479   -12.167 15.807  1.00 29.85 ? 365 HOH A O   1 
HETATM 1290 O  O   . HOH K 4 .  ? -8.087  -15.227 17.465  1.00 40.12 ? 366 HOH A O   1 
HETATM 1291 O  O   . HOH K 4 .  ? -11.047 6.011   16.561  1.00 37.55 ? 367 HOH A O   1 
HETATM 1292 O  O   . HOH K 4 .  ? -0.559  10.494  13.179  1.00 33.59 ? 368 HOH A O   1 
HETATM 1293 O  O   . HOH K 4 .  ? -5.129  8.827   -4.044  1.00 38.52 ? 369 HOH A O   1 
HETATM 1294 O  O   . HOH K 4 .  ? -8.408  5.045   0.218   1.00 32.19 ? 370 HOH A O   1 
HETATM 1295 O  O   . HOH K 4 .  ? -1.742  11.875  -1.028  1.00 39.09 ? 371 HOH A O   1 
HETATM 1296 O  O   . HOH K 4 .  ? -7.862  -9.286  16.824  1.00 35.77 ? 372 HOH A O   1 
HETATM 1297 O  O   . HOH K 4 .  ? 3.519   0.063   4.639   1.00 37.04 ? 373 HOH A O   1 
HETATM 1298 O  O   . HOH K 4 .  ? 3.496   -0.712  6.983   1.00 30.58 ? 374 HOH A O   1 
HETATM 1299 O  O   . HOH K 4 .  ? 1.782   -7.748  21.193  1.00 36.20 ? 375 HOH A O   1 
HETATM 1300 O  O   . HOH K 4 .  ? -3.535  16.357  9.078   1.00 38.79 ? 376 HOH A O   1 
HETATM 1301 O  O   . HOH K 4 .  ? -8.337  -15.940 4.569   1.00 40.40 ? 377 HOH A O   1 
HETATM 1302 O  O   . HOH K 4 .  ? -13.974 -0.174  -2.391  1.00 28.93 ? 378 HOH A O   1 
HETATM 1303 O  O   . HOH K 4 .  ? -11.251 4.407   1.014   1.00 28.14 ? 379 HOH A O   1 
HETATM 1304 O  O   . HOH K 4 .  ? -9.396  7.426   12.481  1.00 30.60 ? 380 HOH A O   1 
HETATM 1305 O  O   . HOH K 4 .  ? -7.453  -20.291 10.596  1.00 39.53 ? 381 HOH A O   1 
HETATM 1306 O  O   . HOH K 4 .  ? 6.101   14.876  1.181   1.00 41.38 ? 382 HOH A O   1 
HETATM 1307 O  O   . HOH K 4 .  ? -11.752 11.056  10.362  1.00 39.50 ? 383 HOH A O   1 
HETATM 1308 O  O   . HOH K 4 .  ? 0.109   13.003  -2.657  1.00 39.49 ? 384 HOH A O   1 
HETATM 1309 O  O   . HOH L 4 .  ? 14.225  3.953   2.883   1.00 27.80 ? 301 HOH B O   1 
HETATM 1310 O  O   . HOH L 4 .  ? 9.076   -8.886  -14.612 1.00 34.64 ? 302 HOH B O   1 
HETATM 1311 O  O   . HOH L 4 .  ? 7.972   15.085  -16.344 1.00 37.31 ? 303 HOH B O   1 
HETATM 1312 O  O   . HOH L 4 .  ? 5.849   -7.700  -10.512 1.00 27.22 ? 304 HOH B O   1 
HETATM 1313 O  O   . HOH L 4 .  ? 12.276  -3.192  -25.969 1.00 34.63 ? 305 HOH B O   1 
HETATM 1314 O  O   . HOH L 4 .  ? 9.053   8.492   2.387   1.00 35.39 ? 306 HOH B O   1 
HETATM 1315 O  O   . HOH L 4 .  ? 6.938   -5.993  4.903   1.00 33.37 ? 307 HOH B O   1 
HETATM 1316 O  O   . HOH L 4 .  ? 21.618  1.774   -6.108  1.00 40.21 ? 308 HOH B O   1 
HETATM 1317 O  O   . HOH L 4 .  ? 16.988  -9.004  -9.250  1.00 37.47 ? 309 HOH B O   1 
HETATM 1318 O  O   . HOH L 4 .  ? 16.190  -0.126  -3.747  1.00 21.29 ? 310 HOH B O   1 
HETATM 1319 O  O   . HOH L 4 .  ? 21.914  4.083   -12.726 1.00 36.23 ? 311 HOH B O   1 
HETATM 1320 O  O   . HOH L 4 .  ? 16.613  -8.069  -25.491 1.00 39.00 ? 312 HOH B O   1 
HETATM 1321 O  O   . HOH L 4 .  ? 22.287  -3.439  -5.757  1.00 42.35 ? 313 HOH B O   1 
HETATM 1322 O  O   . HOH L 4 .  ? 10.438  -7.294  -11.513 1.00 24.98 ? 314 HOH B O   1 
HETATM 1323 O  O   . HOH L 4 .  ? 17.660  -5.885  -1.524  1.00 28.40 ? 315 HOH B O   1 
HETATM 1324 O  O   . HOH L 4 .  ? 21.290  3.809   -9.353  1.00 37.90 ? 316 HOH B O   1 
HETATM 1325 O  O   . HOH L 4 .  ? 14.011  12.867  -10.059 1.00 40.81 ? 317 HOH B O   1 
HETATM 1326 O  O   . HOH L 4 .  ? -0.268  -5.635  -4.427  1.00 28.88 ? 318 HOH B O   1 
HETATM 1327 O  O   . HOH L 4 .  ? 18.981  9.146   -13.446 1.00 29.07 ? 319 HOH B O   1 
HETATM 1328 O  O   . HOH L 4 .  ? 10.446  14.243  -11.026 1.00 26.16 ? 320 HOH B O   1 
HETATM 1329 O  O   . HOH L 4 .  ? 16.041  8.241   -15.637 1.00 24.81 ? 321 HOH B O   1 
HETATM 1330 O  O   . HOH L 4 .  ? 8.949   -2.319  -24.262 1.00 33.34 ? 322 HOH B O   1 
HETATM 1331 O  O   . HOH L 4 .  ? 10.435  1.830   -15.663 1.00 25.70 ? 323 HOH B O   1 
HETATM 1332 O  O   . HOH L 4 .  ? 18.517  -1.603  5.011   1.00 34.68 ? 324 HOH B O   1 
HETATM 1333 O  O   . HOH L 4 .  ? 1.785   4.453   -4.045  1.00 31.36 ? 325 HOH B O   1 
HETATM 1334 O  O   . HOH L 4 .  ? 11.116  3.815   -18.001 1.00 22.88 ? 326 HOH B O   1 
HETATM 1335 O  O   . HOH L 4 .  ? 14.549  -7.459  5.707   1.00 34.19 ? 327 HOH B O   1 
HETATM 1336 O  O   . HOH L 4 .  ? 2.502   -3.105  -16.877 1.00 26.81 ? 328 HOH B O   1 
HETATM 1337 O  O   . HOH L 4 .  ? 19.068  -2.965  0.957   1.00 37.80 ? 329 HOH B O   1 
HETATM 1338 O  O   . HOH L 4 .  ? 13.680  -9.078  3.226   1.00 32.60 ? 330 HOH B O   1 
HETATM 1339 O  O   . HOH L 4 .  ? 17.468  -9.338  -1.162  1.00 38.24 ? 331 HOH B O   1 
HETATM 1340 O  O   . HOH L 4 .  ? 13.096  2.246   -20.973 1.00 26.85 ? 332 HOH B O   1 
HETATM 1341 O  O   . HOH L 4 .  ? 8.885   -0.376  0.231   1.00 34.37 ? 333 HOH B O   1 
HETATM 1342 O  O   . HOH L 4 .  ? 5.159   -3.325  7.813   1.00 25.60 ? 334 HOH B O   1 
HETATM 1343 O  O   . HOH L 4 .  ? 6.511   10.557  -19.711 1.00 35.03 ? 335 HOH B O   1 
HETATM 1344 O  O   . HOH L 4 .  ? -3.786  -6.417  -11.510 1.00 42.45 ? 336 HOH B O   1 
HETATM 1345 O  O   . HOH L 4 .  ? 7.224   -2.020  2.922   1.00 30.17 ? 337 HOH B O   1 
HETATM 1346 O  O   . HOH L 4 .  ? 18.452  -0.807  -6.337  1.00 22.56 ? 338 HOH B O   1 
HETATM 1347 O  O   . HOH L 4 .  ? 8.016   4.884   3.639   1.00 28.25 ? 339 HOH B O   1 
HETATM 1348 O  O   . HOH L 4 .  ? 9.461   0.879   -20.888 1.00 25.43 ? 340 HOH B O   1 
HETATM 1349 O  O   . HOH L 4 .  ? 7.711   13.899  -7.046  1.00 32.86 ? 341 HOH B O   1 
HETATM 1350 O  O   . HOH L 4 .  ? 9.535   11.468  -1.623  1.00 35.60 ? 342 HOH B O   1 
HETATM 1351 O  O   . HOH L 4 .  ? 8.339   -3.916  0.426   1.00 18.50 ? 343 HOH B O   1 
HETATM 1352 O  O   . HOH L 4 .  ? 14.024  -1.796  -27.709 1.00 47.12 ? 344 HOH B O   1 
HETATM 1353 O  O   . HOH L 4 .  ? 4.638   14.185  -14.356 1.00 37.42 ? 345 HOH B O   1 
HETATM 1354 O  O   . HOH L 4 .  ? -4.654  -5.653  -13.642 1.00 43.67 ? 346 HOH B O   1 
HETATM 1355 O  O   . HOH L 4 .  ? -2.056  2.881   -20.408 1.00 28.16 ? 347 HOH B O   1 
HETATM 1356 O  O   . HOH L 4 .  ? -1.772  4.320   -8.378  1.00 33.09 ? 348 HOH B O   1 
HETATM 1357 O  O   . HOH L 4 .  ? 18.437  -1.158  -12.918 1.00 25.88 ? 349 HOH B O   1 
HETATM 1358 O  O   . HOH L 4 .  ? 9.061   10.945  1.288   1.00 35.19 ? 350 HOH B O   1 
HETATM 1359 O  O   . HOH L 4 .  ? 7.057   0.538   2.016   1.00 39.66 ? 351 HOH B O   1 
HETATM 1360 O  O   . HOH L 4 .  ? 10.243  12.337  -19.084 1.00 40.48 ? 352 HOH B O   1 
HETATM 1361 O  O   . HOH L 4 .  ? 1.458   5.194   -6.778  1.00 32.28 ? 353 HOH B O   1 
HETATM 1362 O  O   . HOH L 4 .  ? 18.280  -0.098  7.639   1.00 43.89 ? 354 HOH B O   1 
HETATM 1363 O  O   . HOH L 4 .  ? 9.829   3.859   -20.687 1.00 34.45 ? 355 HOH B O   1 
HETATM 1364 O  O   . HOH L 4 .  ? 20.524  0.405   -4.711  1.00 34.64 ? 356 HOH B O   1 
HETATM 1365 O  O   . HOH L 4 .  ? -0.814  5.887   -7.047  1.00 35.90 ? 357 HOH B O   1 
HETATM 1366 O  O   . HOH L 4 .  ? 7.774   -9.119  -11.196 1.00 36.13 ? 358 HOH B O   1 
HETATM 1367 O  O   . HOH L 4 .  ? 19.293  -3.130  -11.538 1.00 32.20 ? 359 HOH B O   1 
HETATM 1368 O  O   . HOH L 4 .  ? 9.703   -10.996 -9.884  1.00 44.73 ? 360 HOH B O   1 
HETATM 1369 O  O   . HOH L 4 .  ? 16.517  -11.354 0.074   1.00 40.04 ? 361 HOH B O   1 
HETATM 1370 O  O   . HOH L 4 .  ? 9.677   16.040  -6.637  1.00 44.87 ? 362 HOH B O   1 
HETATM 1371 O  O   . HOH L 4 .  ? 22.164  6.521   -8.924  1.00 44.09 ? 363 HOH B O   1 
HETATM 1372 O  O   . HOH L 4 .  ? 9.721   -8.595  -21.250 1.00 43.85 ? 364 HOH B O   1 
HETATM 1373 O  O   . HOH M 4 .  ? -20.817 -2.624  11.246  1.00 28.01 ? 101 HOH D O   1 
HETATM 1374 O  O   . HOH M 4 .  ? -16.575 -0.998  17.327  1.00 23.57 ? 102 HOH D O   1 
HETATM 1375 O  O   . HOH M 4 .  ? -9.078  0.952   21.506  1.00 38.37 ? 103 HOH D O   1 
HETATM 1376 O  O   . HOH M 4 .  ? -10.012 5.413   19.982  1.00 39.05 ? 104 HOH D O   1 
HETATM 1377 O  O   . HOH M 4 .  ? -9.834  4.164   21.940  1.00 46.25 ? 105 HOH D O   1 
HETATM 1378 O  O   . HOH N 4 .  ? 4.542   -10.741 1.159   1.00 37.66 ? 101 HOH E O   1 
HETATM 1379 O  O   . HOH N 4 .  ? 2.754   -9.251  -3.112  1.00 36.44 ? 102 HOH E O   1 
HETATM 1380 O  O   . HOH N 4 .  ? 0.516   -6.994  -3.452  1.00 38.58 ? 103 HOH E O   1 
# 
